data_3DN0
# 
_entry.id   3DN0 
# 
_audit_conform.dict_name       mmcif_pdbx.dic 
_audit_conform.dict_version    5.377 
_audit_conform.dict_location   http://mmcif.pdb.org/dictionaries/ascii/mmcif_pdbx.dic 
# 
loop_
_database_2.database_id 
_database_2.database_code 
_database_2.pdbx_database_accession 
_database_2.pdbx_DOI 
PDB   3DN0         pdb_00003dn0 10.2210/pdb3dn0/pdb 
RCSB  RCSB048240   ?            ?                   
WWPDB D_1000048240 ?            ?                   
# 
loop_
_pdbx_database_related.db_name 
_pdbx_database_related.db_id 
_pdbx_database_related.details 
_pdbx_database_related.content_type 
PDB 181L 'T4 lysozyme L99A bound with benzene at room temperature' unspecified 
PDB 3DKE .                                                         unspecified 
PDB 3DMV .                                                         unspecified 
PDB 3DMX .                                                         unspecified 
PDB 3DMZ .                                                         unspecified 
PDB 3DN1 .                                                         unspecified 
PDB 3DN2 .                                                         unspecified 
PDB 3DN3 .                                                         unspecified 
PDB 3DN4 .                                                         unspecified 
PDB 3DN6 .                                                         unspecified 
PDB 3DN8 .                                                         unspecified 
PDB 3DNA .                                                         unspecified 
# 
_pdbx_database_status.status_code                     REL 
_pdbx_database_status.entry_id                        3DN0 
_pdbx_database_status.recvd_initial_deposition_date   2008-07-01 
_pdbx_database_status.deposit_site                    RCSB 
_pdbx_database_status.process_site                    RCSB 
_pdbx_database_status.status_code_sf                  REL 
_pdbx_database_status.status_code_mr                  ? 
_pdbx_database_status.SG_entry                        ? 
_pdbx_database_status.pdb_format_compatible           Y 
_pdbx_database_status.status_code_cs                  ? 
_pdbx_database_status.status_code_nmr_data            ? 
_pdbx_database_status.methods_development_category    ? 
# 
loop_
_audit_author.name 
_audit_author.pdbx_ordinal 
'Liu, L.'        1 
'Matthews, B.W.' 2 
# 
_citation.id                        primary 
_citation.title                     
'Halogenated benzenes bound within a non-polar cavity in T4 lysozyme provide examples of I...S and I...Se halogen-bonding.' 
_citation.journal_abbrev            J.Mol.Biol. 
_citation.journal_volume            385 
_citation.page_first                595 
_citation.page_last                 605 
_citation.year                      2009 
_citation.journal_id_ASTM           JMOBAK 
_citation.country                   UK 
_citation.journal_id_ISSN           0022-2836 
_citation.journal_id_CSD            0070 
_citation.book_publisher            ? 
_citation.pdbx_database_id_PubMed   19014950 
_citation.pdbx_database_id_DOI      10.1016/j.jmb.2008.10.086 
# 
loop_
_citation_author.citation_id 
_citation_author.name 
_citation_author.ordinal 
_citation_author.identifier_ORCID 
primary 'Liu, L.'        1 ? 
primary 'Baase, W.A.'    2 ? 
primary 'Matthews, B.W.' 3 ? 
# 
_cell.entry_id           3DN0 
_cell.length_a           59.756 
_cell.length_b           59.756 
_cell.length_c           94.856 
_cell.angle_alpha        90.00 
_cell.angle_beta         90.00 
_cell.angle_gamma        120.00 
_cell.Z_PDB              6 
_cell.pdbx_unique_axis   ? 
_cell.length_a_esd       ? 
_cell.length_b_esd       ? 
_cell.length_c_esd       ? 
_cell.angle_alpha_esd    ? 
_cell.angle_beta_esd     ? 
_cell.angle_gamma_esd    ? 
# 
_symmetry.entry_id                         3DN0 
_symmetry.space_group_name_H-M             'P 32 2 1' 
_symmetry.pdbx_full_space_group_name_H-M   ? 
_symmetry.cell_setting                     ? 
_symmetry.Int_Tables_number                154 
_symmetry.space_group_name_Hall            ? 
# 
loop_
_entity.id 
_entity.type 
_entity.src_method 
_entity.pdbx_description 
_entity.formula_weight 
_entity.pdbx_number_of_molecules 
_entity.pdbx_ec 
_entity.pdbx_mutation 
_entity.pdbx_fragment 
_entity.details 
1 polymer     man Lysozyme                     18586.283 1   3.2.1.17 'C54T, C97A, L99A' ? ? 
2 non-polymer syn 'PHOSPHATE ION'              94.971    2   ?        ?                  ? ? 
3 non-polymer syn 'CHLORIDE ION'               35.453    1   ?        ?                  ? ? 
4 non-polymer syn 1,2,3,4,5-pentafluorobenzene 168.064   1   ?        ?                  ? ? 
5 non-polymer syn '2-HYDROXYETHYL DISULFIDE'   154.251   2   ?        ?                  ? ? 
6 water       nat water                        18.015    214 ?        ?                  ? ? 
# 
_entity_name_com.entity_id   1 
_entity_name_com.name        'Lysis protein, Muramidase, Endolysin' 
# 
_entity_poly.entity_id                      1 
_entity_poly.type                           'polypeptide(L)' 
_entity_poly.nstd_linkage                   no 
_entity_poly.nstd_monomer                   no 
_entity_poly.pdbx_seq_one_letter_code       
;MNIFEMLRIDEGLRLKIYKDTEGYYTIGIGHLLTKSPSLNAAKSELDKAIGRNTNGVITKDEAEKLFNQDVDAAVRGILR
NAKLKPVYDSLDAVRRAAAINMVFQMGETGVAGFTNSLRMLQQKRWDEAAVNLAKSRWYNQTPNRAKRVITTFRTGTWDA
YKNL
;
_entity_poly.pdbx_seq_one_letter_code_can   
;MNIFEMLRIDEGLRLKIYKDTEGYYTIGIGHLLTKSPSLNAAKSELDKAIGRNTNGVITKDEAEKLFNQDVDAAVRGILR
NAKLKPVYDSLDAVRRAAAINMVFQMGETGVAGFTNSLRMLQQKRWDEAAVNLAKSRWYNQTPNRAKRVITTFRTGTWDA
YKNL
;
_entity_poly.pdbx_strand_id                 A 
_entity_poly.pdbx_target_identifier         ? 
# 
loop_
_entity_poly_seq.entity_id 
_entity_poly_seq.num 
_entity_poly_seq.mon_id 
_entity_poly_seq.hetero 
1 1   MET n 
1 2   ASN n 
1 3   ILE n 
1 4   PHE n 
1 5   GLU n 
1 6   MET n 
1 7   LEU n 
1 8   ARG n 
1 9   ILE n 
1 10  ASP n 
1 11  GLU n 
1 12  GLY n 
1 13  LEU n 
1 14  ARG n 
1 15  LEU n 
1 16  LYS n 
1 17  ILE n 
1 18  TYR n 
1 19  LYS n 
1 20  ASP n 
1 21  THR n 
1 22  GLU n 
1 23  GLY n 
1 24  TYR n 
1 25  TYR n 
1 26  THR n 
1 27  ILE n 
1 28  GLY n 
1 29  ILE n 
1 30  GLY n 
1 31  HIS n 
1 32  LEU n 
1 33  LEU n 
1 34  THR n 
1 35  LYS n 
1 36  SER n 
1 37  PRO n 
1 38  SER n 
1 39  LEU n 
1 40  ASN n 
1 41  ALA n 
1 42  ALA n 
1 43  LYS n 
1 44  SER n 
1 45  GLU n 
1 46  LEU n 
1 47  ASP n 
1 48  LYS n 
1 49  ALA n 
1 50  ILE n 
1 51  GLY n 
1 52  ARG n 
1 53  ASN n 
1 54  THR n 
1 55  ASN n 
1 56  GLY n 
1 57  VAL n 
1 58  ILE n 
1 59  THR n 
1 60  LYS n 
1 61  ASP n 
1 62  GLU n 
1 63  ALA n 
1 64  GLU n 
1 65  LYS n 
1 66  LEU n 
1 67  PHE n 
1 68  ASN n 
1 69  GLN n 
1 70  ASP n 
1 71  VAL n 
1 72  ASP n 
1 73  ALA n 
1 74  ALA n 
1 75  VAL n 
1 76  ARG n 
1 77  GLY n 
1 78  ILE n 
1 79  LEU n 
1 80  ARG n 
1 81  ASN n 
1 82  ALA n 
1 83  LYS n 
1 84  LEU n 
1 85  LYS n 
1 86  PRO n 
1 87  VAL n 
1 88  TYR n 
1 89  ASP n 
1 90  SER n 
1 91  LEU n 
1 92  ASP n 
1 93  ALA n 
1 94  VAL n 
1 95  ARG n 
1 96  ARG n 
1 97  ALA n 
1 98  ALA n 
1 99  ALA n 
1 100 ILE n 
1 101 ASN n 
1 102 MET n 
1 103 VAL n 
1 104 PHE n 
1 105 GLN n 
1 106 MET n 
1 107 GLY n 
1 108 GLU n 
1 109 THR n 
1 110 GLY n 
1 111 VAL n 
1 112 ALA n 
1 113 GLY n 
1 114 PHE n 
1 115 THR n 
1 116 ASN n 
1 117 SER n 
1 118 LEU n 
1 119 ARG n 
1 120 MET n 
1 121 LEU n 
1 122 GLN n 
1 123 GLN n 
1 124 LYS n 
1 125 ARG n 
1 126 TRP n 
1 127 ASP n 
1 128 GLU n 
1 129 ALA n 
1 130 ALA n 
1 131 VAL n 
1 132 ASN n 
1 133 LEU n 
1 134 ALA n 
1 135 LYS n 
1 136 SER n 
1 137 ARG n 
1 138 TRP n 
1 139 TYR n 
1 140 ASN n 
1 141 GLN n 
1 142 THR n 
1 143 PRO n 
1 144 ASN n 
1 145 ARG n 
1 146 ALA n 
1 147 LYS n 
1 148 ARG n 
1 149 VAL n 
1 150 ILE n 
1 151 THR n 
1 152 THR n 
1 153 PHE n 
1 154 ARG n 
1 155 THR n 
1 156 GLY n 
1 157 THR n 
1 158 TRP n 
1 159 ASP n 
1 160 ALA n 
1 161 TYR n 
1 162 LYS n 
1 163 ASN n 
1 164 LEU n 
# 
_entity_src_gen.entity_id                          1 
_entity_src_gen.pdbx_src_id                        1 
_entity_src_gen.pdbx_alt_source_flag               sample 
_entity_src_gen.pdbx_seq_type                      ? 
_entity_src_gen.pdbx_beg_seq_num                   ? 
_entity_src_gen.pdbx_end_seq_num                   ? 
_entity_src_gen.gene_src_common_name               ? 
_entity_src_gen.gene_src_genus                     ? 
_entity_src_gen.pdbx_gene_src_gene                 E 
_entity_src_gen.gene_src_species                   ? 
_entity_src_gen.gene_src_strain                    ? 
_entity_src_gen.gene_src_tissue                    ? 
_entity_src_gen.gene_src_tissue_fraction           ? 
_entity_src_gen.gene_src_details                   ? 
_entity_src_gen.pdbx_gene_src_fragment             ? 
_entity_src_gen.pdbx_gene_src_scientific_name      'Bacteriophage T4' 
_entity_src_gen.pdbx_gene_src_ncbi_taxonomy_id     10665 
_entity_src_gen.pdbx_gene_src_variant              ? 
_entity_src_gen.pdbx_gene_src_cell_line            ? 
_entity_src_gen.pdbx_gene_src_atcc                 ? 
_entity_src_gen.pdbx_gene_src_organ                ? 
_entity_src_gen.pdbx_gene_src_organelle            ? 
_entity_src_gen.pdbx_gene_src_cell                 ? 
_entity_src_gen.pdbx_gene_src_cellular_location    ? 
_entity_src_gen.host_org_common_name               ? 
_entity_src_gen.pdbx_host_org_scientific_name      'Escherichia coli' 
_entity_src_gen.pdbx_host_org_ncbi_taxonomy_id     562 
_entity_src_gen.host_org_genus                     ? 
_entity_src_gen.pdbx_host_org_gene                 ? 
_entity_src_gen.pdbx_host_org_organ                ? 
_entity_src_gen.host_org_species                   ? 
_entity_src_gen.pdbx_host_org_tissue               ? 
_entity_src_gen.pdbx_host_org_tissue_fraction      ? 
_entity_src_gen.pdbx_host_org_strain               ? 
_entity_src_gen.pdbx_host_org_variant              ? 
_entity_src_gen.pdbx_host_org_cell_line            ? 
_entity_src_gen.pdbx_host_org_atcc                 ? 
_entity_src_gen.pdbx_host_org_culture_collection   ? 
_entity_src_gen.pdbx_host_org_cell                 ? 
_entity_src_gen.pdbx_host_org_organelle            ? 
_entity_src_gen.pdbx_host_org_cellular_location    ? 
_entity_src_gen.pdbx_host_org_vector_type          ? 
_entity_src_gen.pdbx_host_org_vector               ? 
_entity_src_gen.host_org_details                   ? 
_entity_src_gen.expression_system_id               ? 
_entity_src_gen.plasmid_name                       ? 
_entity_src_gen.plasmid_details                    ? 
_entity_src_gen.pdbx_description                   ? 
# 
_struct_ref.id                         1 
_struct_ref.db_name                    UNP 
_struct_ref.db_code                    LYS_BPT4 
_struct_ref.pdbx_db_accession          P00720 
_struct_ref.entity_id                  1 
_struct_ref.pdbx_seq_one_letter_code   
;MNIFEMLRIDEGLRLKIYKDTEGYYTIGIGHLLTKSPSLNAAKSELDKAIGRNCNGVITKDEAEKLFNQDVDAAVRGILR
NAKLKPVYDSLDAVRRCALINMVFQMGETGVAGFTNSLRMLQQKRWDEAAVNLAKSRWYNQTPNRAKRVITTFRTGTWDA
YKNL
;
_struct_ref.pdbx_align_begin           1 
_struct_ref.pdbx_db_isoform            ? 
# 
_struct_ref_seq.align_id                      1 
_struct_ref_seq.ref_id                        1 
_struct_ref_seq.pdbx_PDB_id_code              3DN0 
_struct_ref_seq.pdbx_strand_id                A 
_struct_ref_seq.seq_align_beg                 1 
_struct_ref_seq.pdbx_seq_align_beg_ins_code   ? 
_struct_ref_seq.seq_align_end                 164 
_struct_ref_seq.pdbx_seq_align_end_ins_code   ? 
_struct_ref_seq.pdbx_db_accession             P00720 
_struct_ref_seq.db_align_beg                  1 
_struct_ref_seq.pdbx_db_align_beg_ins_code    ? 
_struct_ref_seq.db_align_end                  164 
_struct_ref_seq.pdbx_db_align_end_ins_code    ? 
_struct_ref_seq.pdbx_auth_seq_align_beg       1 
_struct_ref_seq.pdbx_auth_seq_align_end       164 
# 
loop_
_struct_ref_seq_dif.align_id 
_struct_ref_seq_dif.pdbx_pdb_id_code 
_struct_ref_seq_dif.mon_id 
_struct_ref_seq_dif.pdbx_pdb_strand_id 
_struct_ref_seq_dif.seq_num 
_struct_ref_seq_dif.pdbx_pdb_ins_code 
_struct_ref_seq_dif.pdbx_seq_db_name 
_struct_ref_seq_dif.pdbx_seq_db_accession_code 
_struct_ref_seq_dif.db_mon_id 
_struct_ref_seq_dif.pdbx_seq_db_seq_num 
_struct_ref_seq_dif.details 
_struct_ref_seq_dif.pdbx_auth_seq_num 
_struct_ref_seq_dif.pdbx_ordinal 
1 3DN0 THR A 54 ? UNP P00720 CYS 54 'engineered mutation' 54 1 
1 3DN0 ALA A 97 ? UNP P00720 CYS 97 'engineered mutation' 97 2 
1 3DN0 ALA A 99 ? UNP P00720 LEU 99 'engineered mutation' 99 3 
# 
loop_
_chem_comp.id 
_chem_comp.type 
_chem_comp.mon_nstd_flag 
_chem_comp.name 
_chem_comp.pdbx_synonyms 
_chem_comp.formula 
_chem_comp.formula_weight 
ALA 'L-peptide linking' y ALANINE                      ? 'C3 H7 N O2'     89.093  
ARG 'L-peptide linking' y ARGININE                     ? 'C6 H15 N4 O2 1' 175.209 
ASN 'L-peptide linking' y ASPARAGINE                   ? 'C4 H8 N2 O3'    132.118 
ASP 'L-peptide linking' y 'ASPARTIC ACID'              ? 'C4 H7 N O4'     133.103 
CL  non-polymer         . 'CHLORIDE ION'               ? 'Cl -1'          35.453  
CYS 'L-peptide linking' y CYSTEINE                     ? 'C3 H7 N O2 S'   121.158 
F5B non-polymer         . 1,2,3,4,5-pentafluorobenzene ? 'C6 H F5'        168.064 
GLN 'L-peptide linking' y GLUTAMINE                    ? 'C5 H10 N2 O3'   146.144 
GLU 'L-peptide linking' y 'GLUTAMIC ACID'              ? 'C5 H9 N O4'     147.129 
GLY 'peptide linking'   y GLYCINE                      ? 'C2 H5 N O2'     75.067  
HED non-polymer         . '2-HYDROXYETHYL DISULFIDE'   ? 'C4 H10 O2 S2'   154.251 
HIS 'L-peptide linking' y HISTIDINE                    ? 'C6 H10 N3 O2 1' 156.162 
HOH non-polymer         . WATER                        ? 'H2 O'           18.015  
ILE 'L-peptide linking' y ISOLEUCINE                   ? 'C6 H13 N O2'    131.173 
LEU 'L-peptide linking' y LEUCINE                      ? 'C6 H13 N O2'    131.173 
LYS 'L-peptide linking' y LYSINE                       ? 'C6 H15 N2 O2 1' 147.195 
MET 'L-peptide linking' y METHIONINE                   ? 'C5 H11 N O2 S'  149.211 
PHE 'L-peptide linking' y PHENYLALANINE                ? 'C9 H11 N O2'    165.189 
PO4 non-polymer         . 'PHOSPHATE ION'              ? 'O4 P -3'        94.971  
PRO 'L-peptide linking' y PROLINE                      ? 'C5 H9 N O2'     115.130 
SER 'L-peptide linking' y SERINE                       ? 'C3 H7 N O3'     105.093 
THR 'L-peptide linking' y THREONINE                    ? 'C4 H9 N O3'     119.119 
TRP 'L-peptide linking' y TRYPTOPHAN                   ? 'C11 H12 N2 O2'  204.225 
TYR 'L-peptide linking' y TYROSINE                     ? 'C9 H11 N O3'    181.189 
VAL 'L-peptide linking' y VALINE                       ? 'C5 H11 N O2'    117.146 
# 
_exptl.entry_id          3DN0 
_exptl.method            'X-RAY DIFFRACTION' 
_exptl.crystals_number   1 
# 
_exptl_crystal.id                    1 
_exptl_crystal.density_meas          ? 
_exptl_crystal.density_Matthews      2.63 
_exptl_crystal.density_percent_sol   53.24 
_exptl_crystal.description           ? 
_exptl_crystal.F_000                 ? 
_exptl_crystal.preparation           ? 
# 
_exptl_crystal_grow.crystal_id      1 
_exptl_crystal_grow.method          'VAPOR DIFFUSION, HANGING DROP' 
_exptl_crystal_grow.temp            277 
_exptl_crystal_grow.temp_details    ? 
_exptl_crystal_grow.pH              6.9 
_exptl_crystal_grow.pdbx_details    
;2.0-2.2 M K/Na phosphate, pH 6.9, 5mM BME and 5mM oxidized BME 
 
Complexes were prepared by soaking or vapor diffusion methods, VAPOR DIFFUSION, HANGING DROP, temperature 277K
;
_exptl_crystal_grow.pdbx_pH_range   . 
# 
_diffrn.id                     1 
_diffrn.ambient_temp           100 
_diffrn.ambient_temp_details   ? 
_diffrn.crystal_id             1 
# 
_diffrn_detector.diffrn_id              1 
_diffrn_detector.detector               'IMAGE PLATE' 
_diffrn_detector.type                   'RIGAKU RAXIS IV' 
_diffrn_detector.pdbx_collection_date   2005-03-25 
_diffrn_detector.details                ? 
# 
_diffrn_radiation.diffrn_id                        1 
_diffrn_radiation.wavelength_id                    1 
_diffrn_radiation.pdbx_monochromatic_or_laue_m_l   M 
_diffrn_radiation.monochromator                    Graphite 
_diffrn_radiation.pdbx_diffrn_protocol             'SINGLE WAVELENGTH' 
_diffrn_radiation.pdbx_scattering_type             x-ray 
# 
_diffrn_radiation_wavelength.id           1 
_diffrn_radiation_wavelength.wavelength   1.542 
_diffrn_radiation_wavelength.wt           1.0 
# 
_diffrn_source.diffrn_id                   1 
_diffrn_source.source                      'ROTATING ANODE' 
_diffrn_source.type                        'RIGAKU RUH3R' 
_diffrn_source.pdbx_synchrotron_site       ? 
_diffrn_source.pdbx_synchrotron_beamline   ? 
_diffrn_source.pdbx_wavelength             ? 
_diffrn_source.pdbx_wavelength_list        1.542 
# 
_reflns.entry_id                     3DN0 
_reflns.observed_criterion_sigma_F   2.0 
_reflns.observed_criterion_sigma_I   2.0 
_reflns.d_resolution_high            1.80 
_reflns.d_resolution_low             53 
_reflns.number_all                   ? 
_reflns.number_obs                   18531 
_reflns.percent_possible_obs         98.6 
_reflns.pdbx_Rmerge_I_obs            ? 
_reflns.pdbx_Rsym_value              ? 
_reflns.pdbx_netI_over_sigmaI        ? 
_reflns.B_iso_Wilson_estimate        ? 
_reflns.pdbx_redundancy              ? 
_reflns.R_free_details               ? 
_reflns.limit_h_max                  ? 
_reflns.limit_h_min                  ? 
_reflns.limit_k_max                  ? 
_reflns.limit_k_min                  ? 
_reflns.limit_l_max                  ? 
_reflns.limit_l_min                  ? 
_reflns.observed_criterion_F_max     ? 
_reflns.observed_criterion_F_min     ? 
_reflns.pdbx_chi_squared             ? 
_reflns.pdbx_scaling_rejects         ? 
_reflns.pdbx_diffrn_id               1 
_reflns.pdbx_ordinal                 1 
# 
_reflns_shell.d_res_high             1.80 
_reflns_shell.d_res_low              1.86 
_reflns_shell.percent_possible_all   91.6 
_reflns_shell.Rmerge_I_obs           ? 
_reflns_shell.pdbx_Rsym_value        ? 
_reflns_shell.meanI_over_sigI_obs    ? 
_reflns_shell.pdbx_redundancy        ? 
_reflns_shell.percent_possible_obs   ? 
_reflns_shell.number_unique_all      ? 
_reflns_shell.number_measured_all    ? 
_reflns_shell.number_measured_obs    ? 
_reflns_shell.number_unique_obs      ? 
_reflns_shell.pdbx_chi_squared       ? 
_reflns_shell.pdbx_diffrn_id         ? 
_reflns_shell.pdbx_ordinal           1 
# 
_refine.entry_id                                 3DN0 
_refine.ls_number_reflns_obs                     17480 
_refine.ls_number_reflns_all                     ? 
_refine.pdbx_ls_sigma_I                          ? 
_refine.pdbx_ls_sigma_F                          ? 
_refine.pdbx_data_cutoff_high_absF               ? 
_refine.pdbx_data_cutoff_low_absF                ? 
_refine.pdbx_data_cutoff_high_rms_absF           ? 
_refine.ls_d_res_low                             45.41 
_refine.ls_d_res_high                            1.80 
_refine.ls_percent_reflns_obs                    98.81 
_refine.ls_R_factor_obs                          0.19403 
_refine.ls_R_factor_all                          ? 
_refine.ls_R_factor_R_work                       0.19250 
_refine.ls_R_factor_R_free                       0.22203 
_refine.ls_R_factor_R_free_error                 ? 
_refine.ls_R_factor_R_free_error_details         ? 
_refine.ls_percent_reflns_R_free                 5.1 
_refine.ls_number_reflns_R_free                  940 
_refine.ls_number_parameters                     ? 
_refine.ls_number_restraints                     ? 
_refine.occupancy_min                            ? 
_refine.occupancy_max                            ? 
_refine.correlation_coeff_Fo_to_Fc               0.951 
_refine.correlation_coeff_Fo_to_Fc_free          0.937 
_refine.B_iso_mean                               20.494 
_refine.aniso_B[1][1]                            0.25 
_refine.aniso_B[2][2]                            0.25 
_refine.aniso_B[3][3]                            -0.37 
_refine.aniso_B[1][2]                            0.12 
_refine.aniso_B[1][3]                            0.00 
_refine.aniso_B[2][3]                            0.00 
_refine.solvent_model_details                    MASK 
_refine.solvent_model_param_ksol                 ? 
_refine.solvent_model_param_bsol                 ? 
_refine.pdbx_solvent_vdw_probe_radii             1.20 
_refine.pdbx_solvent_ion_probe_radii             0.80 
_refine.pdbx_solvent_shrinkage_radii             0.80 
_refine.pdbx_ls_cross_valid_method               THROUGHOUT 
_refine.details                                  'HYDROGENS HAVE BEEN ADDED IN THE RIDING POSITIONS' 
_refine.pdbx_starting_model                      'PDB entry 3DMV' 
_refine.pdbx_method_to_determine_struct          'MOLECULAR REPLACEMENT' 
_refine.pdbx_isotropic_thermal_model             ? 
_refine.pdbx_stereochemistry_target_values       'MAXIMUM LIKELIHOOD' 
_refine.pdbx_stereochem_target_val_spec_case     ? 
_refine.pdbx_R_Free_selection_details            RANDOM 
_refine.pdbx_overall_ESU_R                       0.135 
_refine.pdbx_overall_ESU_R_Free                  0.124 
_refine.overall_SU_ML                            0.088 
_refine.overall_SU_B                             2.864 
_refine.ls_redundancy_reflns_obs                 ? 
_refine.B_iso_min                                ? 
_refine.B_iso_max                                ? 
_refine.overall_SU_R_Cruickshank_DPI             ? 
_refine.overall_SU_R_free                        ? 
_refine.ls_wR_factor_R_free                      ? 
_refine.ls_wR_factor_R_work                      ? 
_refine.overall_FOM_free_R_set                   ? 
_refine.overall_FOM_work_R_set                   ? 
_refine.pdbx_overall_phase_error                 ? 
_refine.pdbx_refine_id                           'X-RAY DIFFRACTION' 
_refine.pdbx_diffrn_id                           1 
_refine.pdbx_TLS_residual_ADP_flag               ? 
_refine.pdbx_overall_SU_R_free_Cruickshank_DPI   ? 
_refine.pdbx_overall_SU_R_Blow_DPI               ? 
_refine.pdbx_overall_SU_R_free_Blow_DPI          ? 
# 
_refine_hist.pdbx_refine_id                   'X-RAY DIFFRACTION' 
_refine_hist.cycle_id                         LAST 
_refine_hist.pdbx_number_atoms_protein        1346 
_refine_hist.pdbx_number_atoms_nucleic_acid   0 
_refine_hist.pdbx_number_atoms_ligand         49 
_refine_hist.number_atoms_solvent             214 
_refine_hist.number_atoms_total               1609 
_refine_hist.d_res_high                       1.80 
_refine_hist.d_res_low                        45.41 
# 
loop_
_refine_ls_restr.type 
_refine_ls_restr.dev_ideal 
_refine_ls_restr.dev_ideal_target 
_refine_ls_restr.weight 
_refine_ls_restr.number 
_refine_ls_restr.pdbx_refine_id 
_refine_ls_restr.pdbx_restraint_function 
r_bond_refined_d             0.009  0.022  ? 1416 'X-RAY DIFFRACTION' ? 
r_bond_other_d               ?      ?      ? ?    'X-RAY DIFFRACTION' ? 
r_angle_refined_deg          1.020  1.986  ? 1911 'X-RAY DIFFRACTION' ? 
r_angle_other_deg            ?      ?      ? ?    'X-RAY DIFFRACTION' ? 
r_dihedral_angle_1_deg       4.950  5.000  ? 175  'X-RAY DIFFRACTION' ? 
r_dihedral_angle_2_deg       32.420 22.985 ? 67   'X-RAY DIFFRACTION' ? 
r_dihedral_angle_3_deg       12.051 15.000 ? 263  'X-RAY DIFFRACTION' ? 
r_dihedral_angle_4_deg       12.415 15.000 ? 16   'X-RAY DIFFRACTION' ? 
r_chiral_restr               0.070  0.200  ? 205  'X-RAY DIFFRACTION' ? 
r_gen_planes_refined         0.004  0.020  ? 1057 'X-RAY DIFFRACTION' ? 
r_gen_planes_other           ?      ?      ? ?    'X-RAY DIFFRACTION' ? 
r_nbd_refined                0.188  0.200  ? 763  'X-RAY DIFFRACTION' ? 
r_nbd_other                  ?      ?      ? ?    'X-RAY DIFFRACTION' ? 
r_nbtor_refined              0.294  0.200  ? 959  'X-RAY DIFFRACTION' ? 
r_nbtor_other                ?      ?      ? ?    'X-RAY DIFFRACTION' ? 
r_xyhbond_nbd_refined        0.132  0.200  ? 176  'X-RAY DIFFRACTION' ? 
r_xyhbond_nbd_other          ?      ?      ? ?    'X-RAY DIFFRACTION' ? 
r_metal_ion_refined          ?      ?      ? ?    'X-RAY DIFFRACTION' ? 
r_metal_ion_other            ?      ?      ? ?    'X-RAY DIFFRACTION' ? 
r_symmetry_vdw_refined       0.192  0.200  ? 60   'X-RAY DIFFRACTION' ? 
r_symmetry_vdw_other         ?      ?      ? ?    'X-RAY DIFFRACTION' ? 
r_symmetry_hbond_refined     0.125  0.200  ? 30   'X-RAY DIFFRACTION' ? 
r_symmetry_hbond_other       ?      ?      ? ?    'X-RAY DIFFRACTION' ? 
r_symmetry_metal_ion_refined ?      ?      ? ?    'X-RAY DIFFRACTION' ? 
r_symmetry_metal_ion_other   ?      ?      ? ?    'X-RAY DIFFRACTION' ? 
r_mcbond_it                  0.563  1.500  ? 864  'X-RAY DIFFRACTION' ? 
r_mcbond_other               ?      ?      ? ?    'X-RAY DIFFRACTION' ? 
r_mcangle_it                 0.904  2.000  ? 1337 'X-RAY DIFFRACTION' ? 
r_scbond_it                  1.361  3.000  ? 654  'X-RAY DIFFRACTION' ? 
r_scangle_it                 2.123  4.500  ? 568  'X-RAY DIFFRACTION' ? 
r_rigid_bond_restr           ?      ?      ? ?    'X-RAY DIFFRACTION' ? 
r_sphericity_free            ?      ?      ? ?    'X-RAY DIFFRACTION' ? 
r_sphericity_bonded          ?      ?      ? ?    'X-RAY DIFFRACTION' ? 
# 
_refine_ls_shell.pdbx_total_number_of_bins_used   20 
_refine_ls_shell.d_res_high                       1.80 
_refine_ls_shell.d_res_low                        1.850 
_refine_ls_shell.number_reflns_R_work             1166 
_refine_ls_shell.R_factor_R_work                  0.446 
_refine_ls_shell.percent_reflns_obs               91.02 
_refine_ls_shell.R_factor_R_free                  0.539 
_refine_ls_shell.R_factor_R_free_error            ? 
_refine_ls_shell.percent_reflns_R_free            ? 
_refine_ls_shell.number_reflns_R_free             61 
_refine_ls_shell.number_reflns_all                ? 
_refine_ls_shell.R_factor_all                     ? 
_refine_ls_shell.number_reflns_obs                ? 
_refine_ls_shell.redundancy_reflns_obs            ? 
_refine_ls_shell.pdbx_refine_id                   'X-RAY DIFFRACTION' 
# 
_struct.entry_id                  3DN0 
_struct.title                     'Pentafluorobenzene binding in the hydrophobic cavity of T4 lysozyme L99A mutant' 
_struct.pdbx_model_details        ? 
_struct.pdbx_CASP_flag            ? 
_struct.pdbx_model_type_details   ? 
# 
_struct_keywords.entry_id        3DN0 
_struct_keywords.pdbx_keywords   HYDROLASE 
_struct_keywords.text            
'T4 lysozyme, halogen bond, hydrophobic cavity, halogenated benzene, Antimicrobial, Bacteriolytic enzyme, Glycosidase, Hydrolase' 
# 
loop_
_struct_asym.id 
_struct_asym.pdbx_blank_PDB_chainid_flag 
_struct_asym.pdbx_modified 
_struct_asym.entity_id 
_struct_asym.details 
A N N 1 ? 
B N N 2 ? 
C N N 2 ? 
D N N 3 ? 
E N N 4 ? 
F N N 5 ? 
G N N 5 ? 
H N N 6 ? 
# 
_struct_biol.id        1 
_struct_biol.details   ? 
# 
loop_
_struct_conf.conf_type_id 
_struct_conf.id 
_struct_conf.pdbx_PDB_helix_id 
_struct_conf.beg_label_comp_id 
_struct_conf.beg_label_asym_id 
_struct_conf.beg_label_seq_id 
_struct_conf.pdbx_beg_PDB_ins_code 
_struct_conf.end_label_comp_id 
_struct_conf.end_label_asym_id 
_struct_conf.end_label_seq_id 
_struct_conf.pdbx_end_PDB_ins_code 
_struct_conf.beg_auth_comp_id 
_struct_conf.beg_auth_asym_id 
_struct_conf.beg_auth_seq_id 
_struct_conf.end_auth_comp_id 
_struct_conf.end_auth_asym_id 
_struct_conf.end_auth_seq_id 
_struct_conf.pdbx_PDB_helix_class 
_struct_conf.details 
_struct_conf.pdbx_PDB_helix_length 
HELX_P HELX_P1  1  ASN A 2   ? GLY A 12  ? ASN A 2   GLY A 12  1 ? 11 
HELX_P HELX_P2  2  SER A 38  ? GLY A 51  ? SER A 38  GLY A 51  1 ? 14 
HELX_P HELX_P3  3  THR A 59  ? ASN A 81  ? THR A 59  ASN A 81  1 ? 23 
HELX_P HELX_P4  4  LEU A 84  ? LEU A 91  ? LEU A 84  LEU A 91  1 ? 8  
HELX_P HELX_P5  5  ASP A 92  ? ALA A 112 ? ASP A 92  ALA A 112 1 ? 21 
HELX_P HELX_P6  6  PHE A 114 ? GLN A 123 ? PHE A 114 GLN A 123 1 ? 10 
HELX_P HELX_P7  7  ARG A 125 ? LYS A 135 ? ARG A 125 LYS A 135 1 ? 11 
HELX_P HELX_P8  8  SER A 136 ? THR A 142 ? SER A 136 THR A 142 1 ? 7  
HELX_P HELX_P9  9  THR A 142 ? GLY A 156 ? THR A 142 GLY A 156 1 ? 15 
HELX_P HELX_P10 10 TRP A 158 ? LYS A 162 ? TRP A 158 LYS A 162 5 ? 5  
# 
_struct_conf_type.id          HELX_P 
_struct_conf_type.criteria    ? 
_struct_conf_type.reference   ? 
# 
_struct_sheet.id               A 
_struct_sheet.type             ? 
_struct_sheet.number_strands   3 
_struct_sheet.details          ? 
# 
loop_
_struct_sheet_order.sheet_id 
_struct_sheet_order.range_id_1 
_struct_sheet_order.range_id_2 
_struct_sheet_order.offset 
_struct_sheet_order.sense 
A 1 2 ? anti-parallel 
A 2 3 ? anti-parallel 
# 
loop_
_struct_sheet_range.sheet_id 
_struct_sheet_range.id 
_struct_sheet_range.beg_label_comp_id 
_struct_sheet_range.beg_label_asym_id 
_struct_sheet_range.beg_label_seq_id 
_struct_sheet_range.pdbx_beg_PDB_ins_code 
_struct_sheet_range.end_label_comp_id 
_struct_sheet_range.end_label_asym_id 
_struct_sheet_range.end_label_seq_id 
_struct_sheet_range.pdbx_end_PDB_ins_code 
_struct_sheet_range.beg_auth_comp_id 
_struct_sheet_range.beg_auth_asym_id 
_struct_sheet_range.beg_auth_seq_id 
_struct_sheet_range.end_auth_comp_id 
_struct_sheet_range.end_auth_asym_id 
_struct_sheet_range.end_auth_seq_id 
A 1 ARG A 14 ? LYS A 19 ? ARG A 14 LYS A 19 
A 2 TYR A 25 ? GLY A 28 ? TYR A 25 GLY A 28 
A 3 HIS A 31 ? LEU A 32 ? HIS A 31 LEU A 32 
# 
loop_
_pdbx_struct_sheet_hbond.sheet_id 
_pdbx_struct_sheet_hbond.range_id_1 
_pdbx_struct_sheet_hbond.range_id_2 
_pdbx_struct_sheet_hbond.range_1_label_atom_id 
_pdbx_struct_sheet_hbond.range_1_label_comp_id 
_pdbx_struct_sheet_hbond.range_1_label_asym_id 
_pdbx_struct_sheet_hbond.range_1_label_seq_id 
_pdbx_struct_sheet_hbond.range_1_PDB_ins_code 
_pdbx_struct_sheet_hbond.range_1_auth_atom_id 
_pdbx_struct_sheet_hbond.range_1_auth_comp_id 
_pdbx_struct_sheet_hbond.range_1_auth_asym_id 
_pdbx_struct_sheet_hbond.range_1_auth_seq_id 
_pdbx_struct_sheet_hbond.range_2_label_atom_id 
_pdbx_struct_sheet_hbond.range_2_label_comp_id 
_pdbx_struct_sheet_hbond.range_2_label_asym_id 
_pdbx_struct_sheet_hbond.range_2_label_seq_id 
_pdbx_struct_sheet_hbond.range_2_PDB_ins_code 
_pdbx_struct_sheet_hbond.range_2_auth_atom_id 
_pdbx_struct_sheet_hbond.range_2_auth_comp_id 
_pdbx_struct_sheet_hbond.range_2_auth_asym_id 
_pdbx_struct_sheet_hbond.range_2_auth_seq_id 
A 1 2 N TYR A 18 ? N TYR A 18 O THR A 26 ? O THR A 26 
A 2 3 N ILE A 27 ? N ILE A 27 O HIS A 31 ? O HIS A 31 
# 
loop_
_struct_site.id 
_struct_site.pdbx_evidence_code 
_struct_site.pdbx_auth_asym_id 
_struct_site.pdbx_auth_comp_id 
_struct_site.pdbx_auth_seq_id 
_struct_site.pdbx_auth_ins_code 
_struct_site.pdbx_num_residues 
_struct_site.details 
AC1 Software A PO4 901 ? 9  'BINDING SITE FOR RESIDUE PO4 A 901' 
AC2 Software A PO4 902 ? 6  'BINDING SITE FOR RESIDUE PO4 A 902' 
AC3 Software A F5B 900 ? 8  'BINDING SITE FOR RESIDUE F5B A 900' 
AC4 Software A HED 904 ? 7  'BINDING SITE FOR RESIDUE HED A 904' 
AC5 Software A HED 905 ? 11 'BINDING SITE FOR RESIDUE HED A 905' 
# 
loop_
_struct_site_gen.id 
_struct_site_gen.site_id 
_struct_site_gen.pdbx_num_res 
_struct_site_gen.label_comp_id 
_struct_site_gen.label_asym_id 
_struct_site_gen.label_seq_id 
_struct_site_gen.pdbx_auth_ins_code 
_struct_site_gen.auth_comp_id 
_struct_site_gen.auth_asym_id 
_struct_site_gen.auth_seq_id 
_struct_site_gen.label_atom_id 
_struct_site_gen.label_alt_id 
_struct_site_gen.symmetry 
_struct_site_gen.details 
1  AC1 9  ARG A 14  ? ARG A 14   . ? 4_545 ? 
2  AC1 9  LYS A 19  ? LYS A 19   . ? 4_545 ? 
3  AC1 9  ARG A 125 ? ARG A 125  . ? 1_555 ? 
4  AC1 9  TRP A 126 ? TRP A 126  . ? 1_555 ? 
5  AC1 9  ASP A 127 ? ASP A 127  . ? 1_555 ? 
6  AC1 9  GLU A 128 ? GLU A 128  . ? 1_555 ? 
7  AC1 9  HOH H .   ? HOH A 908  . ? 4_545 ? 
8  AC1 9  HOH H .   ? HOH A 1073 . ? 4_545 ? 
9  AC1 9  HOH H .   ? HOH A 1101 . ? 1_555 ? 
10 AC2 6  GLN A 122 ? GLN A 122  . ? 4_655 ? 
11 AC2 6  ASN A 144 ? ASN A 144  . ? 1_555 ? 
12 AC2 6  ARG A 148 ? ARG A 148  . ? 1_555 ? 
13 AC2 6  HOH H .   ? HOH A 922  . ? 1_555 ? 
14 AC2 6  HOH H .   ? HOH A 1031 . ? 1_555 ? 
15 AC2 6  HOH H .   ? HOH A 1033 . ? 1_555 ? 
16 AC3 8  ILE A 78  ? ILE A 78   . ? 1_555 ? 
17 AC3 8  LEU A 84  ? LEU A 84   . ? 1_555 ? 
18 AC3 8  TYR A 88  ? TYR A 88   . ? 1_555 ? 
19 AC3 8  ALA A 99  ? ALA A 99   . ? 1_555 ? 
20 AC3 8  MET A 102 ? MET A 102  . ? 1_555 ? 
21 AC3 8  LEU A 118 ? LEU A 118  . ? 1_555 ? 
22 AC3 8  LEU A 121 ? LEU A 121  . ? 1_555 ? 
23 AC3 8  PHE A 153 ? PHE A 153  . ? 1_555 ? 
24 AC4 7  ASN A 68  ? ASN A 68   . ? 5_555 ? 
25 AC4 7  ASP A 72  ? ASP A 72   . ? 5_555 ? 
26 AC4 7  ARG A 76  ? ARG A 76   . ? 5_555 ? 
27 AC4 7  ALA A 93  ? ALA A 93   . ? 1_555 ? 
28 AC4 7  ARG A 96  ? ARG A 96   . ? 1_555 ? 
29 AC4 7  ILE A 100 ? ILE A 100  . ? 1_555 ? 
30 AC4 7  HOH H .   ? HOH A 910  . ? 1_555 ? 
31 AC5 11 GLY A 30  ? GLY A 30   . ? 1_555 ? 
32 AC5 11 HIS A 31  ? HIS A 31   . ? 1_555 ? 
33 AC5 11 LEU A 32  ? LEU A 32   . ? 1_555 ? 
34 AC5 11 ASP A 70  ? ASP A 70   . ? 1_555 ? 
35 AC5 11 ALA A 74  ? ALA A 74   . ? 1_555 ? 
36 AC5 11 PHE A 104 ? PHE A 104  . ? 1_555 ? 
37 AC5 11 HOH H .   ? HOH A 1029 . ? 1_555 ? 
38 AC5 11 HOH H .   ? HOH A 1042 . ? 1_555 ? 
39 AC5 11 HOH H .   ? HOH A 1044 . ? 1_555 ? 
40 AC5 11 HOH H .   ? HOH A 1089 . ? 1_555 ? 
41 AC5 11 HOH H .   ? HOH A 1119 . ? 1_555 ? 
# 
_atom_sites.entry_id                    3DN0 
_atom_sites.fract_transf_matrix[1][1]   -0.01762895 
_atom_sites.fract_transf_matrix[1][2]   0.00681707 
_atom_sites.fract_transf_matrix[1][3]   0.00402020 
_atom_sites.fract_transf_matrix[2][1]   -0.01492339 
_atom_sites.fract_transf_matrix[2][2]   -0.00445807 
_atom_sites.fract_transf_matrix[2][3]   -0.01143832 
_atom_sites.fract_transf_matrix[3][1]   -0.00195767 
_atom_sites.fract_transf_matrix[3][2]   -0.00852914 
_atom_sites.fract_transf_matrix[3][3]   0.00587836 
_atom_sites.fract_transf_vector[1]      0.685873 
_atom_sites.fract_transf_vector[2]      0.222059 
_atom_sites.fract_transf_vector[3]      0.102629 
# 
loop_
_atom_type.symbol 
C  
CL 
F  
N  
O  
P  
S  
# 
loop_
_atom_site.group_PDB 
_atom_site.id 
_atom_site.type_symbol 
_atom_site.label_atom_id 
_atom_site.label_alt_id 
_atom_site.label_comp_id 
_atom_site.label_asym_id 
_atom_site.label_entity_id 
_atom_site.label_seq_id 
_atom_site.pdbx_PDB_ins_code 
_atom_site.Cartn_x 
_atom_site.Cartn_y 
_atom_site.Cartn_z 
_atom_site.occupancy 
_atom_site.B_iso_or_equiv 
_atom_site.pdbx_formal_charge 
_atom_site.auth_seq_id 
_atom_site.auth_comp_id 
_atom_site.auth_asym_id 
_atom_site.auth_atom_id 
_atom_site.pdbx_PDB_model_num 
ATOM   1    N  N   . MET A 1 1   ? 5.501   9.249   13.450  1.00 18.18 ? 1    MET A N   1 
ATOM   2    C  CA  . MET A 1 1   ? 4.970   8.609   12.214  1.00 18.26 ? 1    MET A CA  1 
ATOM   3    C  C   . MET A 1 1   ? 5.846   7.416   11.792  1.00 17.46 ? 1    MET A C   1 
ATOM   4    O  O   . MET A 1 1   ? 7.056   7.399   12.038  1.00 17.20 ? 1    MET A O   1 
ATOM   5    C  CB  . MET A 1 1   ? 4.850   9.655   11.092  1.00 18.65 ? 1    MET A CB  1 
ATOM   6    C  CG  . MET A 1 1   ? 4.024   9.245   9.863   1.00 20.62 ? 1    MET A CG  1 
ATOM   7    S  SD  . MET A 1 1   ? 2.329   8.659   10.101  1.00 23.93 ? 1    MET A SD  1 
ATOM   8    C  CE  . MET A 1 1   ? 1.617   10.025  11.004  1.00 22.37 ? 1    MET A CE  1 
ATOM   9    N  N   . ASN A 1 2   ? 5.205   6.418   11.186  1.00 16.41 ? 2    ASN A N   1 
ATOM   10   C  CA  . ASN A 1 2   ? 5.857   5.222   10.653  1.00 15.12 ? 2    ASN A CA  1 
ATOM   11   C  C   . ASN A 1 2   ? 4.918   4.552   9.639   1.00 14.67 ? 2    ASN A C   1 
ATOM   12   O  O   . ASN A 1 2   ? 3.778   5.008   9.469   1.00 13.96 ? 2    ASN A O   1 
ATOM   13   C  CB  . ASN A 1 2   ? 6.263   4.259   11.787  1.00 15.21 ? 2    ASN A CB  1 
ATOM   14   C  CG  . ASN A 1 2   ? 5.081   3.756   12.584  1.00 15.07 ? 2    ASN A CG  1 
ATOM   15   O  OD1 . ASN A 1 2   ? 4.100   3.265   12.022  1.00 14.67 ? 2    ASN A OD1 1 
ATOM   16   N  ND2 . ASN A 1 2   ? 5.170   3.861   13.906  1.00 13.77 ? 2    ASN A ND2 1 
ATOM   17   N  N   . ILE A 1 3   ? 5.380   3.480   8.984   1.00 13.86 ? 3    ILE A N   1 
ATOM   18   C  CA  . ILE A 1 3   ? 4.613   2.822   7.910   1.00 13.51 ? 3    ILE A CA  1 
ATOM   19   C  C   . ILE A 1 3   ? 3.218   2.369   8.377   1.00 13.46 ? 3    ILE A C   1 
ATOM   20   O  O   . ILE A 1 3   ? 2.229   2.496   7.645   1.00 13.50 ? 3    ILE A O   1 
ATOM   21   C  CB  . ILE A 1 3   ? 5.406   1.641   7.224   1.00 13.20 ? 3    ILE A CB  1 
ATOM   22   C  CG1 . ILE A 1 3   ? 4.620   1.046   6.043   1.00 13.26 ? 3    ILE A CG1 1 
ATOM   23   C  CG2 . ILE A 1 3   ? 5.832   0.548   8.248   1.00 12.76 ? 3    ILE A CG2 1 
ATOM   24   C  CD1 . ILE A 1 3   ? 4.226   2.075   4.966   1.00 12.73 ? 3    ILE A CD1 1 
ATOM   25   N  N   . PHE A 1 4   ? 3.157   1.855   9.604   1.00 13.33 ? 4    PHE A N   1 
ATOM   26   C  CA  . PHE A 1 4   ? 1.898   1.412   10.193  1.00 13.63 ? 4    PHE A CA  1 
ATOM   27   C  C   . PHE A 1 4   ? 0.914   2.564   10.374  1.00 13.64 ? 4    PHE A C   1 
ATOM   28   O  O   . PHE A 1 4   ? -0.225  2.468   9.923   1.00 13.64 ? 4    PHE A O   1 
ATOM   29   C  CB  . PHE A 1 4   ? 2.150   0.659   11.505  1.00 13.50 ? 4    PHE A CB  1 
ATOM   30   C  CG  . PHE A 1 4   ? 2.816   -0.672  11.307  1.00 13.45 ? 4    PHE A CG  1 
ATOM   31   C  CD1 . PHE A 1 4   ? 2.052   -1.823  11.101  1.00 14.65 ? 4    PHE A CD1 1 
ATOM   32   C  CD2 . PHE A 1 4   ? 4.207   -0.777  11.298  1.00 14.15 ? 4    PHE A CD2 1 
ATOM   33   C  CE1 . PHE A 1 4   ? 2.661   -3.064  10.894  1.00 14.98 ? 4    PHE A CE1 1 
ATOM   34   C  CE2 . PHE A 1 4   ? 4.834   -2.018  11.093  1.00 13.92 ? 4    PHE A CE2 1 
ATOM   35   C  CZ  . PHE A 1 4   ? 4.057   -3.163  10.898  1.00 14.78 ? 4    PHE A CZ  1 
ATOM   36   N  N   . GLU A 1 5   ? 1.358   3.653   11.001  1.00 13.78 ? 5    GLU A N   1 
ATOM   37   C  CA  . GLU A 1 5   ? 0.505   4.839   11.182  1.00 14.33 ? 5    GLU A CA  1 
ATOM   38   C  C   . GLU A 1 5   ? 0.134   5.473   9.834   1.00 14.06 ? 5    GLU A C   1 
ATOM   39   O  O   . GLU A 1 5   ? -0.993  5.929   9.639   1.00 13.46 ? 5    GLU A O   1 
ATOM   40   C  CB  . GLU A 1 5   ? 1.190   5.884   12.060  1.00 14.48 ? 5    GLU A CB  1 
ATOM   41   C  CG  . GLU A 1 5   ? 1.597   5.406   13.446  1.00 15.14 ? 5    GLU A CG  1 
ATOM   42   C  CD  . GLU A 1 5   ? 2.148   6.528   14.322  1.00 15.82 ? 5    GLU A CD  1 
ATOM   43   O  OE1 . GLU A 1 5   ? 2.026   7.716   13.948  1.00 19.13 ? 5    GLU A OE1 1 
ATOM   44   O  OE2 . GLU A 1 5   ? 2.695   6.223   15.395  1.00 19.01 ? 5    GLU A OE2 1 
ATOM   45   N  N   . MET A 1 6   ? 1.098   5.486   8.918   1.00 14.16 ? 6    MET A N   1 
ATOM   46   C  CA  . MET A 1 6   ? 0.913   6.059   7.584   1.00 14.15 ? 6    MET A CA  1 
ATOM   47   C  C   . MET A 1 6   ? -0.204  5.330   6.836   1.00 14.01 ? 6    MET A C   1 
ATOM   48   O  O   . MET A 1 6   ? -1.156  5.953   6.366   1.00 14.10 ? 6    MET A O   1 
ATOM   49   C  CB  . MET A 1 6   ? 2.225   5.975   6.804   1.00 13.98 ? 6    MET A CB  1 
ATOM   50   C  CG  . MET A 1 6   ? 2.178   6.559   5.394   1.00 14.07 ? 6    MET A CG  1 
ATOM   51   S  SD  . MET A 1 6   ? 3.599   5.960   4.466   1.00 14.32 ? 6    MET A SD  1 
ATOM   52   C  CE  . MET A 1 6   ? 3.832   7.274   3.257   1.00 14.67 ? 6    MET A CE  1 
ATOM   53   N  N   . LEU A 1 7   ? -0.081  4.007   6.732   1.00 14.13 ? 7    LEU A N   1 
ATOM   54   C  CA  . LEU A 1 7   ? -1.081  3.195   6.044   1.00 14.08 ? 7    LEU A CA  1 
ATOM   55   C  C   . LEU A 1 7   ? -2.448  3.200   6.749   1.00 14.59 ? 7    LEU A C   1 
ATOM   56   O  O   . LEU A 1 7   ? -3.486  3.169   6.084   1.00 14.88 ? 7    LEU A O   1 
ATOM   57   C  CB  . LEU A 1 7   ? -0.569  1.769   5.814   1.00 13.89 ? 7    LEU A CB  1 
ATOM   58   C  CG  . LEU A 1 7   ? 0.349   1.648   4.596   1.00 13.75 ? 7    LEU A CG  1 
ATOM   59   C  CD1 . LEU A 1 7   ? 1.121   0.329   4.609   1.00 14.97 ? 7    LEU A CD1 1 
ATOM   60   C  CD2 . LEU A 1 7   ? -0.445  1.806   3.288   1.00 13.66 ? 7    LEU A CD2 1 
ATOM   61   N  N   . ARG A 1 8   ? -2.445  3.263   8.080   1.00 14.35 ? 8    ARG A N   1 
ATOM   62   C  CA  . ARG A 1 8   ? -3.689  3.428   8.849   1.00 14.56 ? 8    ARG A CA  1 
ATOM   63   C  C   . ARG A 1 8   ? -4.446  4.704   8.440   1.00 14.16 ? 8    ARG A C   1 
ATOM   64   O  O   . ARG A 1 8   ? -5.667  4.671   8.269   1.00 13.63 ? 8    ARG A O   1 
ATOM   65   C  CB  . ARG A 1 8   ? -3.412  3.397   10.361  1.00 14.38 ? 8    ARG A CB  1 
ATOM   66   C  CG  . ARG A 1 8   ? -4.612  3.682   11.259  1.00 15.78 ? 8    ARG A CG  1 
ATOM   67   C  CD  . ARG A 1 8   ? -5.742  2.659   11.119  1.00 17.19 ? 8    ARG A CD  1 
ATOM   68   N  NE  . ARG A 1 8   ? -6.895  3.021   11.951  1.00 20.03 ? 8    ARG A NE  1 
ATOM   69   C  CZ  . ARG A 1 8   ? -7.793  3.955   11.646  1.00 20.19 ? 8    ARG A CZ  1 
ATOM   70   N  NH1 . ARG A 1 8   ? -7.691  4.652   10.519  1.00 19.63 ? 8    ARG A NH1 1 
ATOM   71   N  NH2 . ARG A 1 8   ? -8.796  4.201   12.479  1.00 20.69 ? 8    ARG A NH2 1 
ATOM   72   N  N   . ILE A 1 9   ? -3.721  5.811   8.264   1.00 14.01 ? 9    ILE A N   1 
ATOM   73   C  CA  . ILE A 1 9   ? -4.314  7.048   7.727   1.00 14.24 ? 9    ILE A CA  1 
ATOM   74   C  C   . ILE A 1 9   ? -4.867  6.848   6.307   1.00 14.04 ? 9    ILE A C   1 
ATOM   75   O  O   . ILE A 1 9   ? -6.020  7.184   6.038   1.00 14.53 ? 9    ILE A O   1 
ATOM   76   C  CB  . ILE A 1 9   ? -3.319  8.255   7.776   1.00 14.11 ? 9    ILE A CB  1 
ATOM   77   C  CG1 . ILE A 1 9   ? -3.141  8.743   9.218   1.00 13.63 ? 9    ILE A CG1 1 
ATOM   78   C  CG2 . ILE A 1 9   ? -3.797  9.410   6.882   1.00 14.44 ? 9    ILE A CG2 1 
ATOM   79   C  CD1 . ILE A 1 9   ? -1.838  9.479   9.468   1.00 13.77 ? 9    ILE A CD1 1 
ATOM   80   N  N   . ASP A 1 10  ? -4.048  6.294   5.412   1.00 14.36 ? 10   ASP A N   1 
ATOM   81   C  CA  . ASP A 1 10  ? -4.420  6.135   4.001   1.00 14.59 ? 10   ASP A CA  1 
ATOM   82   C  C   . ASP A 1 10  ? -5.546  5.129   3.750   1.00 14.66 ? 10   ASP A C   1 
ATOM   83   O  O   . ASP A 1 10  ? -6.368  5.335   2.848   1.00 14.58 ? 10   ASP A O   1 
ATOM   84   C  CB  . ASP A 1 10  ? -3.185  5.787   3.151   1.00 14.60 ? 10   ASP A CB  1 
ATOM   85   C  CG  . ASP A 1 10  ? -2.230  6.972   2.994   1.00 14.68 ? 10   ASP A CG  1 
ATOM   86   O  OD1 . ASP A 1 10  ? -2.675  8.137   3.112   1.00 14.55 ? 10   ASP A OD1 1 
ATOM   87   O  OD2 . ASP A 1 10  ? -1.036  6.736   2.753   1.00 14.82 ? 10   ASP A OD2 1 
ATOM   88   N  N   . GLU A 1 11  ? -5.595  4.064   4.552   1.00 14.50 ? 11   GLU A N   1 
ATOM   89   C  CA  . GLU A 1 11  ? -6.549  2.965   4.319   1.00 14.91 ? 11   GLU A CA  1 
ATOM   90   C  C   . GLU A 1 11  ? -7.782  2.988   5.227   1.00 15.23 ? 11   GLU A C   1 
ATOM   91   O  O   . GLU A 1 11  ? -8.820  2.412   4.881   1.00 15.46 ? 11   GLU A O   1 
ATOM   92   C  CB  . GLU A 1 11  ? -5.852  1.601   4.429   1.00 14.92 ? 11   GLU A CB  1 
ATOM   93   C  CG  . GLU A 1 11  ? -4.677  1.398   3.463   1.00 15.80 ? 11   GLU A CG  1 
ATOM   94   C  CD  . GLU A 1 11  ? -5.111  1.198   2.005   1.00 16.09 ? 11   GLU A CD  1 
ATOM   95   O  OE1 . GLU A 1 11  ? -6.327  1.083   1.729   1.00 14.63 ? 11   GLU A OE1 1 
ATOM   96   O  OE2 . GLU A 1 11  ? -4.226  1.133   1.136   1.00 17.41 ? 11   GLU A OE2 1 
ATOM   97   N  N   . GLY A 1 12  ? -7.673  3.655   6.373   1.00 15.05 ? 12   GLY A N   1 
ATOM   98   C  CA  . GLY A 1 12  ? -8.725  3.615   7.396   1.00 16.02 ? 12   GLY A CA  1 
ATOM   99   C  C   . GLY A 1 12  ? -8.803  2.265   8.106   1.00 16.17 ? 12   GLY A C   1 
ATOM   100  O  O   . GLY A 1 12  ? -7.946  1.391   7.905   1.00 16.00 ? 12   GLY A O   1 
ATOM   101  N  N   . LEU A 1 13  ? -9.817  2.101   8.952   1.00 16.34 ? 13   LEU A N   1 
ATOM   102  C  CA  . LEU A 1 13  ? -10.088 0.815   9.601   1.00 16.77 ? 13   LEU A CA  1 
ATOM   103  C  C   . LEU A 1 13  ? -11.588 0.533   9.605   1.00 16.98 ? 13   LEU A C   1 
ATOM   104  O  O   . LEU A 1 13  ? -12.366 1.309   10.158  1.00 16.33 ? 13   LEU A O   1 
ATOM   105  C  CB  . LEU A 1 13  ? -9.528  0.791   11.032  1.00 16.91 ? 13   LEU A CB  1 
ATOM   106  C  CG  . LEU A 1 13  ? -9.962  -0.336  11.982  1.00 17.69 ? 13   LEU A CG  1 
ATOM   107  C  CD1 . LEU A 1 13  ? -9.405  -1.671  11.523  1.00 18.55 ? 13   LEU A CD1 1 
ATOM   108  C  CD2 . LEU A 1 13  ? -9.509  -0.035  13.409  1.00 17.82 ? 13   LEU A CD2 1 
ATOM   109  N  N   . ARG A 1 14  ? -11.975 -0.573  8.973   1.00 16.82 ? 14   ARG A N   1 
ATOM   110  C  CA  . ARG A 1 14  ? -13.370 -0.995  8.900   1.00 17.67 ? 14   ARG A CA  1 
ATOM   111  C  C   . ARG A 1 14  ? -13.451 -2.488  9.209   1.00 17.33 ? 14   ARG A C   1 
ATOM   112  O  O   . ARG A 1 14  ? -12.752 -3.297  8.586   1.00 17.01 ? 14   ARG A O   1 
ATOM   113  C  CB  . ARG A 1 14  ? -13.955 -0.678  7.517   1.00 17.63 ? 14   ARG A CB  1 
ATOM   114  C  CG  . ARG A 1 14  ? -13.999 0.823   7.209   1.00 18.97 ? 14   ARG A CG  1 
ATOM   115  C  CD  . ARG A 1 14  ? -14.604 1.121   5.850   1.00 19.82 ? 14   ARG A CD  1 
ATOM   116  N  NE  . ARG A 1 14  ? -16.052 0.948   5.866   1.00 24.07 ? 14   ARG A NE  1 
ATOM   117  C  CZ  . ARG A 1 14  ? -16.875 1.249   4.863   1.00 24.53 ? 14   ARG A CZ  1 
ATOM   118  N  NH1 . ARG A 1 14  ? -16.413 1.753   3.727   1.00 24.42 ? 14   ARG A NH1 1 
ATOM   119  N  NH2 . ARG A 1 14  ? -18.176 1.036   5.004   1.00 26.37 ? 14   ARG A NH2 1 
ATOM   120  N  N   . LEU A 1 15  ? -14.306 -2.843  10.164  1.00 16.78 ? 15   LEU A N   1 
ATOM   121  C  CA  . LEU A 1 15  ? -14.351 -4.199  10.702  1.00 16.90 ? 15   LEU A CA  1 
ATOM   122  C  C   . LEU A 1 15  ? -15.301 -5.147  9.965   1.00 16.86 ? 15   LEU A C   1 
ATOM   123  O  O   . LEU A 1 15  ? -15.320 -6.351  10.244  1.00 16.93 ? 15   LEU A O   1 
ATOM   124  C  CB  . LEU A 1 15  ? -14.662 -4.155  12.203  1.00 17.05 ? 15   LEU A CB  1 
ATOM   125  C  CG  . LEU A 1 15  ? -13.685 -3.382  13.099  1.00 17.26 ? 15   LEU A CG  1 
ATOM   126  C  CD1 . LEU A 1 15  ? -14.118 -3.502  14.559  1.00 18.43 ? 15   LEU A CD1 1 
ATOM   127  C  CD2 . LEU A 1 15  ? -12.236 -3.877  12.908  1.00 17.54 ? 15   LEU A CD2 1 
ATOM   128  N  N   . LYS A 1 16  ? -16.075 -4.584  9.037   1.00 16.59 ? 16   LYS A N   1 
ATOM   129  C  CA  A LYS A 1 16  ? -17.004 -5.337  8.199   0.50 16.59 ? 16   LYS A CA  1 
ATOM   130  C  CA  B LYS A 1 16  ? -17.000 -5.345  8.202   0.50 16.57 ? 16   LYS A CA  1 
ATOM   131  C  C   . LYS A 1 16  ? -16.584 -5.214  6.738   1.00 16.32 ? 16   LYS A C   1 
ATOM   132  O  O   . LYS A 1 16  ? -16.063 -4.162  6.324   1.00 15.86 ? 16   LYS A O   1 
ATOM   133  C  CB  A LYS A 1 16  ? -18.429 -4.801  8.370   0.50 16.92 ? 16   LYS A CB  1 
ATOM   134  C  CB  B LYS A 1 16  ? -18.437 -4.845  8.409   0.50 16.67 ? 16   LYS A CB  1 
ATOM   135  C  CG  A LYS A 1 16  ? -18.895 -4.681  9.811   0.50 17.75 ? 16   LYS A CG  1 
ATOM   136  C  CG  B LYS A 1 16  ? -19.511 -5.618  7.649   0.50 16.74 ? 16   LYS A CG  1 
ATOM   137  C  CD  A LYS A 1 16  ? -20.020 -3.660  9.943   0.50 20.04 ? 16   LYS A CD  1 
ATOM   138  C  CD  B LYS A 1 16  ? -20.892 -5.013  7.871   0.50 17.30 ? 16   LYS A CD  1 
ATOM   139  C  CE  A LYS A 1 16  ? -20.682 -3.741  11.305  0.50 20.82 ? 16   LYS A CE  1 
ATOM   140  C  CE  B LYS A 1 16  ? -21.963 -5.822  7.159   0.50 19.07 ? 16   LYS A CE  1 
ATOM   141  N  NZ  A LYS A 1 16  ? -21.859 -2.831  11.377  0.50 21.82 ? 16   LYS A NZ  1 
ATOM   142  N  NZ  B LYS A 1 16  ? -23.337 -5.311  7.439   0.50 20.40 ? 16   LYS A NZ  1 
ATOM   143  N  N   . ILE A 1 17  ? -16.805 -6.278  5.959   1.00 16.09 ? 17   ILE A N   1 
ATOM   144  C  CA  . ILE A 1 17  ? -16.470 -6.284  4.530   1.00 15.91 ? 17   ILE A CA  1 
ATOM   145  C  C   . ILE A 1 17  ? -17.000 -5.020  3.849   1.00 16.16 ? 17   ILE A C   1 
ATOM   146  O  O   . ILE A 1 17  ? -18.168 -4.645  4.027   1.00 15.71 ? 17   ILE A O   1 
ATOM   147  C  CB  . ILE A 1 17  ? -16.993 -7.559  3.801   1.00 16.09 ? 17   ILE A CB  1 
ATOM   148  C  CG1 . ILE A 1 17  ? -16.220 -8.800  4.277   1.00 15.61 ? 17   ILE A CG1 1 
ATOM   149  C  CG2 . ILE A 1 17  ? -16.896 -7.408  2.270   1.00 15.82 ? 17   ILE A CG2 1 
ATOM   150  C  CD1 . ILE A 1 17  ? -16.797 -10.133 3.784   1.00 15.97 ? 17   ILE A CD1 1 
ATOM   151  N  N   . TYR A 1 18  ? -16.115 -4.353  3.114   1.00 15.73 ? 18   TYR A N   1 
ATOM   152  C  CA  . TYR A 1 18  ? -16.456 -3.154  2.349   1.00 16.28 ? 18   TYR A CA  1 
ATOM   153  C  C   . TYR A 1 18  ? -15.780 -3.230  0.983   1.00 16.28 ? 18   TYR A C   1 
ATOM   154  O  O   . TYR A 1 18  ? -14.937 -4.098  0.749   1.00 16.69 ? 18   TYR A O   1 
ATOM   155  C  CB  . TYR A 1 18  ? -16.032 -1.879  3.107   1.00 16.21 ? 18   TYR A CB  1 
ATOM   156  C  CG  . TYR A 1 18  ? -14.525 -1.679  3.246   1.00 16.66 ? 18   TYR A CG  1 
ATOM   157  C  CD1 . TYR A 1 18  ? -13.812 -2.302  4.279   1.00 15.63 ? 18   TYR A CD1 1 
ATOM   158  C  CD2 . TYR A 1 18  ? -13.813 -0.854  2.360   1.00 16.01 ? 18   TYR A CD2 1 
ATOM   159  C  CE1 . TYR A 1 18  ? -12.435 -2.123  4.421   1.00 17.27 ? 18   TYR A CE1 1 
ATOM   160  C  CE2 . TYR A 1 18  ? -12.423 -0.666  2.500   1.00 16.45 ? 18   TYR A CE2 1 
ATOM   161  C  CZ  . TYR A 1 18  ? -11.745 -1.309  3.529   1.00 16.98 ? 18   TYR A CZ  1 
ATOM   162  O  OH  . TYR A 1 18  ? -10.385 -1.143  3.691   1.00 17.02 ? 18   TYR A OH  1 
ATOM   163  N  N   . LYS A 1 19  ? -16.145 -2.329  0.078   1.00 16.44 ? 19   LYS A N   1 
ATOM   164  C  CA  . LYS A 1 19  ? -15.480 -2.270  -1.220  1.00 16.47 ? 19   LYS A CA  1 
ATOM   165  C  C   . LYS A 1 19  ? -14.428 -1.168  -1.220  1.00 15.99 ? 19   LYS A C   1 
ATOM   166  O  O   . LYS A 1 19  ? -14.706 -0.035  -0.801  1.00 15.46 ? 19   LYS A O   1 
ATOM   167  C  CB  . LYS A 1 19  ? -16.483 -2.051  -2.358  1.00 16.46 ? 19   LYS A CB  1 
ATOM   168  C  CG  . LYS A 1 19  ? -17.434 -3.222  -2.610  1.00 17.10 ? 19   LYS A CG  1 
ATOM   169  C  CD  . LYS A 1 19  ? -18.344 -2.937  -3.797  1.00 17.52 ? 19   LYS A CD  1 
ATOM   170  C  CE  . LYS A 1 19  ? -19.261 -4.114  -4.095  1.00 19.69 ? 19   LYS A CE  1 
ATOM   171  N  NZ  . LYS A 1 19  ? -20.292 -3.752  -5.117  1.00 21.11 ? 19   LYS A NZ  1 
ATOM   172  N  N   . ASP A 1 20  ? -13.226 -1.497  -1.699  1.00 16.13 ? 20   ASP A N   1 
ATOM   173  C  CA  . ASP A 1 20  ? -12.137 -0.516  -1.785  1.00 15.58 ? 20   ASP A CA  1 
ATOM   174  C  C   . ASP A 1 20  ? -12.384 0.516   -2.897  1.00 15.96 ? 20   ASP A C   1 
ATOM   175  O  O   . ASP A 1 20  ? -13.462 0.538   -3.503  1.00 15.10 ? 20   ASP A O   1 
ATOM   176  C  CB  . ASP A 1 20  ? -10.761 -1.203  -1.918  1.00 16.08 ? 20   ASP A CB  1 
ATOM   177  C  CG  . ASP A 1 20  ? -10.541 -1.879  -3.279  1.00 16.04 ? 20   ASP A CG  1 
ATOM   178  O  OD1 . ASP A 1 20  ? -11.319 -1.658  -4.237  1.00 13.91 ? 20   ASP A OD1 1 
ATOM   179  O  OD2 . ASP A 1 20  ? -9.560  -2.651  -3.390  1.00 17.49 ? 20   ASP A OD2 1 
ATOM   180  N  N   . THR A 1 21  ? -11.390 1.363   -3.164  1.00 15.72 ? 21   THR A N   1 
ATOM   181  C  CA  . THR A 1 21  ? -11.544 2.430   -4.163  1.00 16.10 ? 21   THR A CA  1 
ATOM   182  C  C   . THR A 1 21  ? -11.794 1.899   -5.587  1.00 16.18 ? 21   THR A C   1 
ATOM   183  O  O   . THR A 1 21  ? -12.392 2.596   -6.407  1.00 16.31 ? 21   THR A O   1 
ATOM   184  C  CB  . THR A 1 21  ? -10.346 3.422   -4.150  1.00 16.11 ? 21   THR A CB  1 
ATOM   185  O  OG1 . THR A 1 21  ? -9.165  2.770   -4.633  1.00 16.59 ? 21   THR A OG1 1 
ATOM   186  C  CG2 . THR A 1 21  ? -10.096 3.955   -2.744  1.00 16.93 ? 21   THR A CG2 1 
ATOM   187  N  N   . GLU A 1 22  ? -11.348 0.670   -5.865  1.00 16.46 ? 22   GLU A N   1 
ATOM   188  C  CA  . GLU A 1 22  ? -11.562 0.011   -7.167  1.00 16.67 ? 22   GLU A CA  1 
ATOM   189  C  C   . GLU A 1 22  ? -12.844 -0.845  -7.242  1.00 16.85 ? 22   GLU A C   1 
ATOM   190  O  O   . GLU A 1 22  ? -13.135 -1.477  -8.275  1.00 16.38 ? 22   GLU A O   1 
ATOM   191  C  CB  . GLU A 1 22  ? -10.333 -0.835  -7.556  1.00 16.66 ? 22   GLU A CB  1 
ATOM   192  C  CG  . GLU A 1 22  ? -9.035  -0.034  -7.756  1.00 18.61 ? 22   GLU A CG  1 
ATOM   193  C  CD  . GLU A 1 22  ? -9.090  0.913   -8.955  1.00 22.16 ? 22   GLU A CD  1 
ATOM   194  O  OE1 . GLU A 1 22  ? -9.833  0.631   -9.921  1.00 22.31 ? 22   GLU A OE1 1 
ATOM   195  O  OE2 . GLU A 1 22  ? -8.371  1.937   -8.943  1.00 24.33 ? 22   GLU A OE2 1 
ATOM   196  N  N   . GLY A 1 23  ? -13.603 -0.868  -6.150  1.00 16.87 ? 23   GLY A N   1 
ATOM   197  C  CA  . GLY A 1 23  ? -14.829 -1.663  -6.077  1.00 16.95 ? 23   GLY A CA  1 
ATOM   198  C  C   . GLY A 1 23  ? -14.645 -3.100  -5.617  1.00 16.97 ? 23   GLY A C   1 
ATOM   199  O  O   . GLY A 1 23  ? -15.580 -3.893  -5.691  1.00 16.79 ? 23   GLY A O   1 
ATOM   200  N  N   . TYR A 1 24  ? -13.454 -3.435  -5.121  1.00 17.23 ? 24   TYR A N   1 
ATOM   201  C  CA  . TYR A 1 24  ? -13.149 -4.809  -4.694  1.00 17.45 ? 24   TYR A CA  1 
ATOM   202  C  C   . TYR A 1 24  ? -13.372 -5.038  -3.207  1.00 17.12 ? 24   TYR A C   1 
ATOM   203  O  O   . TYR A 1 24  ? -13.019 -4.186  -2.378  1.00 16.89 ? 24   TYR A O   1 
ATOM   204  C  CB  . TYR A 1 24  ? -11.713 -5.188  -5.052  1.00 18.31 ? 24   TYR A CB  1 
ATOM   205  C  CG  . TYR A 1 24  ? -11.426 -5.133  -6.531  1.00 19.60 ? 24   TYR A CG  1 
ATOM   206  C  CD1 . TYR A 1 24  ? -12.290 -5.742  -7.445  1.00 20.32 ? 24   TYR A CD1 1 
ATOM   207  C  CD2 . TYR A 1 24  ? -10.301 -4.472  -7.019  1.00 20.65 ? 24   TYR A CD2 1 
ATOM   208  C  CE1 . TYR A 1 24  ? -12.041 -5.699  -8.812  1.00 21.90 ? 24   TYR A CE1 1 
ATOM   209  C  CE2 . TYR A 1 24  ? -10.041 -4.420  -8.397  1.00 22.03 ? 24   TYR A CE2 1 
ATOM   210  C  CZ  . TYR A 1 24  ? -10.923 -5.039  -9.284  1.00 21.74 ? 24   TYR A CZ  1 
ATOM   211  O  OH  . TYR A 1 24  ? -10.697 -5.018  -10.648 1.00 21.97 ? 24   TYR A OH  1 
ATOM   212  N  N   . TYR A 1 25  ? -13.932 -6.204  -2.879  1.00 16.89 ? 25   TYR A N   1 
ATOM   213  C  CA  . TYR A 1 25  ? -14.181 -6.573  -1.489  1.00 16.44 ? 25   TYR A CA  1 
ATOM   214  C  C   . TYR A 1 25  ? -12.903 -6.580  -0.655  1.00 15.94 ? 25   TYR A C   1 
ATOM   215  O  O   . TYR A 1 25  ? -11.876 -7.160  -1.051  1.00 15.38 ? 25   TYR A O   1 
ATOM   216  C  CB  . TYR A 1 25  ? -14.901 -7.917  -1.389  1.00 16.90 ? 25   TYR A CB  1 
ATOM   217  C  CG  . TYR A 1 25  ? -16.320 -7.873  -1.907  1.00 17.49 ? 25   TYR A CG  1 
ATOM   218  C  CD1 . TYR A 1 25  ? -17.282 -7.056  -1.305  1.00 17.67 ? 25   TYR A CD1 1 
ATOM   219  C  CD2 . TYR A 1 25  ? -16.697 -8.638  -3.007  1.00 17.00 ? 25   TYR A CD2 1 
ATOM   220  C  CE1 . TYR A 1 25  ? -18.591 -7.015  -1.789  1.00 19.01 ? 25   TYR A CE1 1 
ATOM   221  C  CE2 . TYR A 1 25  ? -18.003 -8.606  -3.496  1.00 18.04 ? 25   TYR A CE2 1 
ATOM   222  C  CZ  . TYR A 1 25  ? -18.939 -7.797  -2.881  1.00 18.34 ? 25   TYR A CZ  1 
ATOM   223  O  OH  . TYR A 1 25  ? -20.228 -7.762  -3.365  1.00 19.83 ? 25   TYR A OH  1 
ATOM   224  N  N   . THR A 1 26  ? -12.997 -5.921  0.496   1.00 15.46 ? 26   THR A N   1 
ATOM   225  C  CA  . THR A 1 26  ? -11.860 -5.594  1.351   1.00 15.03 ? 26   THR A CA  1 
ATOM   226  C  C   . THR A 1 26  ? -12.329 -5.599  2.813   1.00 14.89 ? 26   THR A C   1 
ATOM   227  O  O   . THR A 1 26  ? -13.527 -5.495  3.090   1.00 14.90 ? 26   THR A O   1 
ATOM   228  C  CB  . THR A 1 26  ? -11.275 -4.194  0.957   1.00 15.02 ? 26   THR A CB  1 
ATOM   229  O  OG1 . THR A 1 26  ? -10.946 -4.187  -0.437  1.00 14.78 ? 26   THR A OG1 1 
ATOM   230  C  CG2 . THR A 1 26  ? -10.019 -3.833  1.763   1.00 14.74 ? 26   THR A CG2 1 
ATOM   231  N  N   . ILE A 1 27  ? -11.393 -5.729  3.748   1.00 14.56 ? 27   ILE A N   1 
ATOM   232  C  CA  . ILE A 1 27  ? -11.725 -5.643  5.170   1.00 14.92 ? 27   ILE A CA  1 
ATOM   233  C  C   . ILE A 1 27  ? -10.558 -5.049  5.968   1.00 14.58 ? 27   ILE A C   1 
ATOM   234  O  O   . ILE A 1 27  ? -9.421  -5.018  5.481   1.00 14.65 ? 27   ILE A O   1 
ATOM   235  C  CB  . ILE A 1 27  ? -12.175 -7.022  5.740   1.00 14.90 ? 27   ILE A CB  1 
ATOM   236  C  CG1 . ILE A 1 27  ? -13.022 -6.835  7.018   1.00 15.42 ? 27   ILE A CG1 1 
ATOM   237  C  CG2 . ILE A 1 27  ? -10.975 -7.960  5.923   1.00 15.19 ? 27   ILE A CG2 1 
ATOM   238  C  CD1 . ILE A 1 27  ? -13.870 -8.023  7.395   1.00 15.79 ? 27   ILE A CD1 1 
ATOM   239  N  N   . GLY A 1 28  ? -10.849 -4.572  7.179   1.00 14.36 ? 28   GLY A N   1 
ATOM   240  C  CA  . GLY A 1 28  ? -9.809  -4.115  8.106   1.00 14.47 ? 28   GLY A CA  1 
ATOM   241  C  C   . GLY A 1 28  ? -9.091  -2.870  7.616   1.00 14.00 ? 28   GLY A C   1 
ATOM   242  O  O   . GLY A 1 28  ? -9.724  -1.863  7.273   1.00 13.80 ? 28   GLY A O   1 
ATOM   243  N  N   . ILE A 1 29  ? -7.765  -2.941  7.575   1.00 14.22 ? 29   ILE A N   1 
ATOM   244  C  CA  . ILE A 1 29  ? -6.947  -1.815  7.131   1.00 14.23 ? 29   ILE A CA  1 
ATOM   245  C  C   . ILE A 1 29  ? -6.468  -2.067  5.694   1.00 14.10 ? 29   ILE A C   1 
ATOM   246  O  O   . ILE A 1 29  ? -5.308  -2.403  5.452   1.00 13.77 ? 29   ILE A O   1 
ATOM   247  C  CB  . ILE A 1 29  ? -5.773  -1.519  8.123   1.00 14.41 ? 29   ILE A CB  1 
ATOM   248  C  CG1 . ILE A 1 29  ? -6.314  -1.412  9.562   1.00 14.78 ? 29   ILE A CG1 1 
ATOM   249  C  CG2 . ILE A 1 29  ? -5.015  -0.243  7.709   1.00 14.49 ? 29   ILE A CG2 1 
ATOM   250  C  CD1 . ILE A 1 29  ? -5.272  -1.486  10.661  1.00 14.93 ? 29   ILE A CD1 1 
ATOM   251  N  N   . GLY A 1 30  ? -7.398  -1.935  4.746   1.00 13.92 ? 30   GLY A N   1 
ATOM   252  C  CA  . GLY A 1 30  ? -7.103  -2.153  3.333   1.00 13.94 ? 30   GLY A CA  1 
ATOM   253  C  C   . GLY A 1 30  ? -6.643  -3.567  2.981   1.00 13.97 ? 30   GLY A C   1 
ATOM   254  O  O   . GLY A 1 30  ? -5.782  -3.745  2.115   1.00 14.14 ? 30   GLY A O   1 
ATOM   255  N  N   . HIS A 1 31  ? -7.192  -4.574  3.657   1.00 13.70 ? 31   HIS A N   1 
ATOM   256  C  CA  . HIS A 1 31  ? -6.876  -5.954  3.287   1.00 13.99 ? 31   HIS A CA  1 
ATOM   257  C  C   . HIS A 1 31  ? -7.806  -6.444  2.170   1.00 14.08 ? 31   HIS A C   1 
ATOM   258  O  O   . HIS A 1 31  ? -8.948  -6.836  2.425   1.00 13.54 ? 31   HIS A O   1 
ATOM   259  C  CB  . HIS A 1 31  ? -6.926  -6.923  4.479   1.00 13.67 ? 31   HIS A CB  1 
ATOM   260  C  CG  . HIS A 1 31  ? -6.631  -8.338  4.089   1.00 14.48 ? 31   HIS A CG  1 
ATOM   261  N  ND1 . HIS A 1 31  ? -5.353  -8.847  4.062   1.00 15.71 ? 31   HIS A ND1 1 
ATOM   262  C  CD2 . HIS A 1 31  ? -7.443  -9.334  3.655   1.00 15.22 ? 31   HIS A CD2 1 
ATOM   263  C  CE1 . HIS A 1 31  ? -5.388  -10.101 3.644   1.00 16.09 ? 31   HIS A CE1 1 
ATOM   264  N  NE2 . HIS A 1 31  ? -6.645  -10.422 3.395   1.00 15.34 ? 31   HIS A NE2 1 
ATOM   265  N  N   . LEU A 1 32  ? -7.294  -6.423  0.943   1.00 14.83 ? 32   LEU A N   1 
ATOM   266  C  CA  . LEU A 1 32  ? -8.000  -6.960  -0.225  1.00 15.51 ? 32   LEU A CA  1 
ATOM   267  C  C   . LEU A 1 32  ? -8.342  -8.440  -0.018  1.00 15.96 ? 32   LEU A C   1 
ATOM   268  O  O   . LEU A 1 32  ? -7.469  -9.250  0.326   1.00 16.12 ? 32   LEU A O   1 
ATOM   269  C  CB  . LEU A 1 32  ? -7.155  -6.770  -1.494  1.00 15.56 ? 32   LEU A CB  1 
ATOM   270  C  CG  . LEU A 1 32  ? -7.749  -7.266  -2.823  1.00 15.81 ? 32   LEU A CG  1 
ATOM   271  C  CD1 . LEU A 1 32  ? -9.042  -6.533  -3.140  1.00 16.31 ? 32   LEU A CD1 1 
ATOM   272  C  CD2 . LEU A 1 32  ? -6.755  -7.128  -3.977  1.00 16.01 ? 32   LEU A CD2 1 
ATOM   273  N  N   . LEU A 1 33  ? -9.615  -8.778  -0.196  1.00 16.29 ? 33   LEU A N   1 
ATOM   274  C  CA  . LEU A 1 33  ? -10.066 -10.160 -0.059  1.00 17.57 ? 33   LEU A CA  1 
ATOM   275  C  C   . LEU A 1 33  ? -10.092 -10.901 -1.394  1.00 18.23 ? 33   LEU A C   1 
ATOM   276  O  O   . LEU A 1 33  ? -9.665  -12.055 -1.478  1.00 18.39 ? 33   LEU A O   1 
ATOM   277  C  CB  . LEU A 1 33  ? -11.437 -10.220 0.623   1.00 17.51 ? 33   LEU A CB  1 
ATOM   278  C  CG  . LEU A 1 33  ? -11.457 -9.858  2.112   1.00 18.23 ? 33   LEU A CG  1 
ATOM   279  C  CD1 . LEU A 1 33  ? -12.882 -9.633  2.608   1.00 18.11 ? 33   LEU A CD1 1 
ATOM   280  C  CD2 . LEU A 1 33  ? -10.739 -10.935 2.939   1.00 17.08 ? 33   LEU A CD2 1 
ATOM   281  N  N   . THR A 1 34  ? -10.596 -10.229 -2.429  1.00 18.92 ? 34   THR A N   1 
ATOM   282  C  CA  . THR A 1 34  ? -10.762 -10.819 -3.752  1.00 19.54 ? 34   THR A CA  1 
ATOM   283  C  C   . THR A 1 34  ? -11.124 -9.749  -4.776  1.00 20.11 ? 34   THR A C   1 
ATOM   284  O  O   . THR A 1 34  ? -11.644 -8.693  -4.418  1.00 19.87 ? 34   THR A O   1 
ATOM   285  C  CB  . THR A 1 34  ? -11.866 -11.925 -3.759  1.00 19.49 ? 34   THR A CB  1 
ATOM   286  O  OG1 . THR A 1 34  ? -11.964 -12.504 -5.066  1.00 20.45 ? 34   THR A OG1 1 
ATOM   287  C  CG2 . THR A 1 34  ? -13.233 -11.360 -3.333  1.00 19.30 ? 34   THR A CG2 1 
ATOM   288  N  N   . LYS A 1 35  ? -10.846 -10.033 -6.046  1.00 20.97 ? 35   LYS A N   1 
ATOM   289  C  CA  . LYS A 1 35  ? -11.311 -9.181  -7.141  1.00 21.87 ? 35   LYS A CA  1 
ATOM   290  C  C   . LYS A 1 35  ? -12.647 -9.670  -7.705  1.00 22.03 ? 35   LYS A C   1 
ATOM   291  O  O   . LYS A 1 35  ? -13.234 -9.024  -8.576  1.00 21.92 ? 35   LYS A O   1 
ATOM   292  C  CB  . LYS A 1 35  ? -10.240 -9.038  -8.232  1.00 22.24 ? 35   LYS A CB  1 
ATOM   293  C  CG  . LYS A 1 35  ? -8.993  -8.280  -7.763  1.00 23.46 ? 35   LYS A CG  1 
ATOM   294  C  CD  . LYS A 1 35  ? -8.163  -7.752  -8.923  1.00 26.90 ? 35   LYS A CD  1 
ATOM   295  C  CE  . LYS A 1 35  ? -6.755  -7.396  -8.471  1.00 27.85 ? 35   LYS A CE  1 
ATOM   296  N  NZ  . LYS A 1 35  ? -5.844  -7.184  -9.637  1.00 30.44 ? 35   LYS A NZ  1 
ATOM   297  N  N   . SER A 1 36  ? -13.128 -10.802 -7.189  1.00 22.37 ? 36   SER A N   1 
ATOM   298  C  CA  . SER A 1 36  ? -14.427 -11.363 -7.575  1.00 22.59 ? 36   SER A CA  1 
ATOM   299  C  C   . SER A 1 36  ? -15.598 -10.474 -7.137  1.00 22.58 ? 36   SER A C   1 
ATOM   300  O  O   . SER A 1 36  ? -15.593 -9.946  -6.022  1.00 22.42 ? 36   SER A O   1 
ATOM   301  C  CB  . SER A 1 36  ? -14.590 -12.767 -6.985  1.00 22.65 ? 36   SER A CB  1 
ATOM   302  O  OG  . SER A 1 36  ? -15.936 -13.194 -7.043  1.00 22.75 ? 36   SER A OG  1 
ATOM   303  N  N   . PRO A 1 37  ? -16.618 -10.318 -8.009  1.00 22.85 ? 37   PRO A N   1 
ATOM   304  C  CA  . PRO A 1 37  ? -17.799 -9.537  -7.624  1.00 22.73 ? 37   PRO A CA  1 
ATOM   305  C  C   . PRO A 1 37  ? -18.746 -10.311 -6.695  1.00 22.61 ? 37   PRO A C   1 
ATOM   306  O  O   . PRO A 1 37  ? -19.770 -9.775  -6.264  1.00 22.85 ? 37   PRO A O   1 
ATOM   307  C  CB  . PRO A 1 37  ? -18.466 -9.228  -8.969  1.00 23.06 ? 37   PRO A CB  1 
ATOM   308  C  CG  . PRO A 1 37  ? -18.081 -10.376 -9.849  1.00 23.16 ? 37   PRO A CG  1 
ATOM   309  C  CD  . PRO A 1 37  ? -16.728 -10.856 -9.381  1.00 22.74 ? 37   PRO A CD  1 
ATOM   310  N  N   . SER A 1 38  ? -18.398 -11.559 -6.382  1.00 22.12 ? 38   SER A N   1 
ATOM   311  C  CA  . SER A 1 38  ? -19.200 -12.392 -5.488  1.00 21.65 ? 38   SER A CA  1 
ATOM   312  C  C   . SER A 1 38  ? -18.873 -12.138 -4.018  1.00 21.42 ? 38   SER A C   1 
ATOM   313  O  O   . SER A 1 38  ? -17.726 -12.332 -3.587  1.00 21.22 ? 38   SER A O   1 
ATOM   314  C  CB  . SER A 1 38  ? -18.990 -13.875 -5.813  1.00 21.59 ? 38   SER A CB  1 
ATOM   315  O  OG  . SER A 1 38  ? -19.524 -14.690 -4.783  1.00 20.91 ? 38   SER A OG  1 
ATOM   316  N  N   . LEU A 1 39  ? -19.882 -11.725 -3.253  1.00 21.24 ? 39   LEU A N   1 
ATOM   317  C  CA  . LEU A 1 39  ? -19.725 -11.500 -1.812  1.00 21.40 ? 39   LEU A CA  1 
ATOM   318  C  C   . LEU A 1 39  ? -19.403 -12.786 -1.053  1.00 21.19 ? 39   LEU A C   1 
ATOM   319  O  O   . LEU A 1 39  ? -18.645 -12.764 -0.073  1.00 21.02 ? 39   LEU A O   1 
ATOM   320  C  CB  . LEU A 1 39  ? -20.967 -10.824 -1.216  1.00 21.49 ? 39   LEU A CB  1 
ATOM   321  C  CG  . LEU A 1 39  ? -21.023 -10.594 0.305   1.00 21.08 ? 39   LEU A CG  1 
ATOM   322  C  CD1 . LEU A 1 39  ? -19.873 -9.717  0.814   1.00 21.64 ? 39   LEU A CD1 1 
ATOM   323  C  CD2 . LEU A 1 39  ? -22.362 -9.988  0.696   1.00 21.83 ? 39   LEU A CD2 1 
ATOM   324  N  N   . ASN A 1 40  ? -19.987 -13.896 -1.502  1.00 21.03 ? 40   ASN A N   1 
ATOM   325  C  CA  . ASN A 1 40  ? -19.699 -15.211 -0.932  1.00 20.93 ? 40   ASN A CA  1 
ATOM   326  C  C   . ASN A 1 40  ? -18.240 -15.612 -1.111  1.00 20.12 ? 40   ASN A C   1 
ATOM   327  O  O   . ASN A 1 40  ? -17.637 -16.180 -0.198  1.00 19.68 ? 40   ASN A O   1 
ATOM   328  C  CB  . ASN A 1 40  ? -20.624 -16.283 -1.522  1.00 21.57 ? 40   ASN A CB  1 
ATOM   329  C  CG  . ASN A 1 40  ? -22.036 -16.202 -0.973  1.00 23.00 ? 40   ASN A CG  1 
ATOM   330  O  OD1 . ASN A 1 40  ? -22.244 -16.018 0.231   1.00 26.54 ? 40   ASN A OD1 1 
ATOM   331  N  ND2 . ASN A 1 40  ? -23.020 -16.353 -1.855  1.00 24.89 ? 40   ASN A ND2 1 
ATOM   332  N  N   . ALA A 1 41  ? -17.686 -15.303 -2.287  1.00 19.30 ? 41   ALA A N   1 
ATOM   333  C  CA  . ALA A 1 41  ? -16.267 -15.511 -2.561  1.00 18.46 ? 41   ALA A CA  1 
ATOM   334  C  C   . ALA A 1 41  ? -15.425 -14.681 -1.595  1.00 17.91 ? 41   ALA A C   1 
ATOM   335  O  O   . ALA A 1 41  ? -14.414 -15.160 -1.089  1.00 17.14 ? 41   ALA A O   1 
ATOM   336  C  CB  . ALA A 1 41  ? -15.933 -15.163 -4.020  1.00 18.43 ? 41   ALA A CB  1 
ATOM   337  N  N   . ALA A 1 42  ? -15.864 -13.449 -1.332  1.00 17.13 ? 42   ALA A N   1 
ATOM   338  C  CA  . ALA A 1 42  ? -15.166 -12.555 -0.394  1.00 17.20 ? 42   ALA A CA  1 
ATOM   339  C  C   . ALA A 1 42  ? -15.173 -13.078 1.041   1.00 16.97 ? 42   ALA A C   1 
ATOM   340  O  O   . ALA A 1 42  ? -14.132 -13.086 1.701   1.00 16.75 ? 42   ALA A O   1 
ATOM   341  C  CB  . ALA A 1 42  ? -15.758 -11.154 -0.450  1.00 17.01 ? 42   ALA A CB  1 
ATOM   342  N  N   . LYS A 1 43  ? -16.347 -13.500 1.514   1.00 17.24 ? 43   LYS A N   1 
ATOM   343  C  CA  . LYS A 1 43  ? -16.502 -14.064 2.858   1.00 17.81 ? 43   LYS A CA  1 
ATOM   344  C  C   . LYS A 1 43  ? -15.648 -15.324 3.015   1.00 17.45 ? 43   LYS A C   1 
ATOM   345  O  O   . LYS A 1 43  ? -15.054 -15.551 4.068   1.00 17.40 ? 43   LYS A O   1 
ATOM   346  C  CB  . LYS A 1 43  ? -17.971 -14.387 3.154   1.00 18.03 ? 43   LYS A CB  1 
ATOM   347  C  CG  . LYS A 1 43  ? -18.851 -13.155 3.326   1.00 20.01 ? 43   LYS A CG  1 
ATOM   348  C  CD  . LYS A 1 43  ? -20.333 -13.518 3.312   1.00 22.89 ? 43   LYS A CD  1 
ATOM   349  C  CE  . LYS A 1 43  ? -21.180 -12.329 3.765   1.00 24.32 ? 43   LYS A CE  1 
ATOM   350  N  NZ  . LYS A 1 43  ? -22.609 -12.726 3.925   1.00 26.22 ? 43   LYS A NZ  1 
ATOM   351  N  N   . SER A 1 44  ? -15.590 -16.125 1.955   1.00 17.81 ? 44   SER A N   1 
ATOM   352  C  CA  . SER A 1 44  ? -14.765 -17.335 1.949   1.00 18.38 ? 44   SER A CA  1 
ATOM   353  C  C   . SER A 1 44  ? -13.287 -16.992 2.153   1.00 17.65 ? 44   SER A C   1 
ATOM   354  O  O   . SER A 1 44  ? -12.614 -17.595 2.996   1.00 17.52 ? 44   SER A O   1 
ATOM   355  C  CB  . SER A 1 44  ? -14.969 -18.112 0.648   1.00 18.78 ? 44   SER A CB  1 
ATOM   356  O  OG  . SER A 1 44  ? -14.243 -19.321 0.673   1.00 22.33 ? 44   SER A OG  1 
ATOM   357  N  N   . GLU A 1 45  ? -12.797 -16.022 1.380   1.00 17.22 ? 45   GLU A N   1 
ATOM   358  C  CA  . GLU A 1 45  ? -11.424 -15.517 1.519   1.00 16.64 ? 45   GLU A CA  1 
ATOM   359  C  C   . GLU A 1 45  ? -11.152 -14.984 2.932   1.00 16.57 ? 45   GLU A C   1 
ATOM   360  O  O   . GLU A 1 45  ? -10.085 -15.251 3.509   1.00 16.12 ? 45   GLU A O   1 
ATOM   361  C  CB  . GLU A 1 45  ? -11.114 -14.452 0.457   1.00 16.99 ? 45   GLU A CB  1 
ATOM   362  C  CG  . GLU A 1 45  ? -11.066 -14.977 -0.995  1.00 17.32 ? 45   GLU A CG  1 
ATOM   363  C  CD  . GLU A 1 45  ? -9.916  -15.950 -1.267  1.00 19.50 ? 45   GLU A CD  1 
ATOM   364  O  OE1 . GLU A 1 45  ? -8.818  -15.781 -0.702  1.00 20.78 ? 45   GLU A OE1 1 
ATOM   365  O  OE2 . GLU A 1 45  ? -10.102 -16.886 -2.070  1.00 19.80 ? 45   GLU A OE2 1 
ATOM   366  N  N   . LEU A 1 46  ? -12.122 -14.255 3.488   1.00 15.94 ? 46   LEU A N   1 
ATOM   367  C  CA  . LEU A 1 46  ? -12.023 -13.733 4.850   1.00 15.55 ? 46   LEU A CA  1 
ATOM   368  C  C   . LEU A 1 46  ? -11.833 -14.851 5.876   1.00 15.44 ? 46   LEU A C   1 
ATOM   369  O  O   . LEU A 1 46  ? -10.896 -14.806 6.679   1.00 15.02 ? 46   LEU A O   1 
ATOM   370  C  CB  . LEU A 1 46  ? -13.246 -12.868 5.202   1.00 15.50 ? 46   LEU A CB  1 
ATOM   371  C  CG  . LEU A 1 46  ? -13.247 -12.265 6.614   1.00 15.72 ? 46   LEU A CG  1 
ATOM   372  C  CD1 . LEU A 1 46  ? -11.977 -11.435 6.872   1.00 15.78 ? 46   LEU A CD1 1 
ATOM   373  C  CD2 . LEU A 1 46  ? -14.503 -11.435 6.845   1.00 15.16 ? 46   LEU A CD2 1 
ATOM   374  N  N   . ASP A 1 47  ? -12.715 -15.852 5.833   1.00 15.68 ? 47   ASP A N   1 
ATOM   375  C  CA  . ASP A 1 47  ? -12.615 -17.016 6.714   1.00 15.50 ? 47   ASP A CA  1 
ATOM   376  C  C   . ASP A 1 47  ? -11.240 -17.683 6.628   1.00 15.42 ? 47   ASP A C   1 
ATOM   377  O  O   . ASP A 1 47  ? -10.628 -18.003 7.655   1.00 15.36 ? 47   ASP A O   1 
ATOM   378  C  CB  . ASP A 1 47  ? -13.715 -18.027 6.391   1.00 15.86 ? 47   ASP A CB  1 
ATOM   379  C  CG  . ASP A 1 47  ? -15.109 -17.495 6.676   1.00 16.45 ? 47   ASP A CG  1 
ATOM   380  O  OD1 . ASP A 1 47  ? -15.253 -16.446 7.346   1.00 16.24 ? 47   ASP A OD1 1 
ATOM   381  O  OD2 . ASP A 1 47  ? -16.070 -18.135 6.219   1.00 19.23 ? 47   ASP A OD2 1 
ATOM   382  N  N   . LYS A 1 48  ? -10.764 -17.866 5.399   1.00 15.41 ? 48   LYS A N   1 
ATOM   383  C  CA  . LYS A 1 48  ? -9.450  -18.456 5.123   1.00 15.67 ? 48   LYS A CA  1 
ATOM   384  C  C   . LYS A 1 48  ? -8.311  -17.598 5.699   1.00 15.51 ? 48   LYS A C   1 
ATOM   385  O  O   . LYS A 1 48  ? -7.346  -18.129 6.263   1.00 15.10 ? 48   LYS A O   1 
ATOM   386  C  CB  . LYS A 1 48  ? -9.297  -18.694 3.607   1.00 15.48 ? 48   LYS A CB  1 
ATOM   387  C  CG  . LYS A 1 48  ? -7.879  -18.941 3.100   1.00 16.15 ? 48   LYS A CG  1 
ATOM   388  C  CD  . LYS A 1 48  ? -7.841  -19.529 1.665   1.00 16.13 ? 48   LYS A CD  1 
ATOM   389  C  CE  . LYS A 1 48  ? -8.140  -18.516 0.578   1.00 16.05 ? 48   LYS A CE  1 
ATOM   390  N  NZ  . LYS A 1 48  ? -7.008  -17.648 0.185   1.00 13.57 ? 48   LYS A NZ  1 
ATOM   391  N  N   . ALA A 1 49  ? -8.448  -16.278 5.583   1.00 15.38 ? 49   ALA A N   1 
ATOM   392  C  CA  . ALA A 1 49  ? -7.447  -15.332 6.098   1.00 15.80 ? 49   ALA A CA  1 
ATOM   393  C  C   . ALA A 1 49  ? -7.377  -15.314 7.631   1.00 16.27 ? 49   ALA A C   1 
ATOM   394  O  O   . ALA A 1 49  ? -6.285  -15.267 8.213   1.00 16.12 ? 49   ALA A O   1 
ATOM   395  C  CB  . ALA A 1 49  ? -7.704  -13.930 5.545   1.00 15.84 ? 49   ALA A CB  1 
ATOM   396  N  N   . ILE A 1 50  ? -8.545  -15.381 8.266   1.00 16.53 ? 50   ILE A N   1 
ATOM   397  C  CA  . ILE A 1 50  ? -8.688  -15.272 9.717   1.00 17.62 ? 50   ILE A CA  1 
ATOM   398  C  C   . ILE A 1 50  ? -8.558  -16.622 10.436  1.00 17.73 ? 50   ILE A C   1 
ATOM   399  O  O   . ILE A 1 50  ? -8.077  -16.680 11.568  1.00 17.79 ? 50   ILE A O   1 
ATOM   400  C  CB  . ILE A 1 50  ? -10.043 -14.582 10.081  1.00 17.58 ? 50   ILE A CB  1 
ATOM   401  C  CG1 . ILE A 1 50  ? -10.083 -13.166 9.494   1.00 18.67 ? 50   ILE A CG1 1 
ATOM   402  C  CG2 . ILE A 1 50  ? -10.287 -14.558 11.600  1.00 18.41 ? 50   ILE A CG2 1 
ATOM   403  C  CD1 . ILE A 1 50  ? -9.010  -12.220 10.031  1.00 21.23 ? 50   ILE A CD1 1 
ATOM   404  N  N   . GLY A 1 51  ? -8.992  -17.692 9.777   1.00 17.92 ? 51   GLY A N   1 
ATOM   405  C  CA  . GLY A 1 51  ? -8.941  -19.031 10.360  1.00 18.90 ? 51   GLY A CA  1 
ATOM   406  C  C   . GLY A 1 51  ? -10.164 -19.393 11.187  1.00 19.37 ? 51   GLY A C   1 
ATOM   407  O  O   . GLY A 1 51  ? -10.085 -20.238 12.086  1.00 19.69 ? 51   GLY A O   1 
ATOM   408  N  N   . ARG A 1 52  ? -11.293 -18.753 10.890  1.00 19.72 ? 52   ARG A N   1 
ATOM   409  C  CA  . ARG A 1 52  ? -12.575 -19.071 11.532  1.00 20.00 ? 52   ARG A CA  1 
ATOM   410  C  C   . ARG A 1 52  ? -13.740 -18.639 10.644  1.00 20.36 ? 52   ARG A C   1 
ATOM   411  O  O   . ARG A 1 52  ? -13.568 -17.812 9.749   1.00 19.84 ? 52   ARG A O   1 
ATOM   412  C  CB  . ARG A 1 52  ? -12.681 -18.428 12.922  1.00 19.99 ? 52   ARG A CB  1 
ATOM   413  C  CG  . ARG A 1 52  ? -12.856 -16.921 12.909  1.00 20.04 ? 52   ARG A CG  1 
ATOM   414  C  CD  . ARG A 1 52  ? -12.979 -16.314 14.302  1.00 19.91 ? 52   ARG A CD  1 
ATOM   415  N  NE  . ARG A 1 52  ? -13.066 -14.860 14.199  1.00 18.71 ? 52   ARG A NE  1 
ATOM   416  C  CZ  . ARG A 1 52  ? -14.187 -14.187 13.949  1.00 18.97 ? 52   ARG A CZ  1 
ATOM   417  N  NH1 . ARG A 1 52  ? -15.347 -14.830 13.800  1.00 18.39 ? 52   ARG A NH1 1 
ATOM   418  N  NH2 . ARG A 1 52  ? -14.148 -12.864 13.855  1.00 18.52 ? 52   ARG A NH2 1 
ATOM   419  N  N   . ASN A 1 53  ? -14.919 -19.203 10.902  1.00 20.90 ? 53   ASN A N   1 
ATOM   420  C  CA  . ASN A 1 53  ? -16.139 -18.864 10.165  1.00 21.81 ? 53   ASN A CA  1 
ATOM   421  C  C   . ASN A 1 53  ? -16.670 -17.520 10.670  1.00 21.50 ? 53   ASN A C   1 
ATOM   422  O  O   . ASN A 1 53  ? -17.280 -17.452 11.739  1.00 21.38 ? 53   ASN A O   1 
ATOM   423  C  CB  . ASN A 1 53  ? -17.190 -19.973 10.366  1.00 22.17 ? 53   ASN A CB  1 
ATOM   424  C  CG  . ASN A 1 53  ? -18.256 -19.998 9.275   1.00 24.76 ? 53   ASN A CG  1 
ATOM   425  O  OD1 . ASN A 1 53  ? -18.445 -19.034 8.527   1.00 27.26 ? 53   ASN A OD1 1 
ATOM   426  N  ND2 . ASN A 1 53  ? -18.963 -21.119 9.183   1.00 27.06 ? 53   ASN A ND2 1 
ATOM   427  N  N   . THR A 1 54  ? -16.424 -16.457 9.906   1.00 21.48 ? 54   THR A N   1 
ATOM   428  C  CA  . THR A 1 54  ? -16.695 -15.085 10.358  1.00 21.46 ? 54   THR A CA  1 
ATOM   429  C  C   . THR A 1 54  ? -18.024 -14.496 9.876   1.00 21.92 ? 54   THR A C   1 
ATOM   430  O  O   . THR A 1 54  ? -18.618 -13.654 10.553  1.00 21.77 ? 54   THR A O   1 
ATOM   431  C  CB  . THR A 1 54  ? -15.613 -14.085 9.862   1.00 21.50 ? 54   THR A CB  1 
ATOM   432  O  OG1 . THR A 1 54  ? -15.727 -13.936 8.438   1.00 21.03 ? 54   THR A OG1 1 
ATOM   433  C  CG2 . THR A 1 54  ? -14.210 -14.524 10.229  1.00 21.17 ? 54   THR A CG2 1 
ATOM   434  N  N   . ASN A 1 55  ? -18.459 -14.899 8.683   1.00 22.19 ? 55   ASN A N   1 
ATOM   435  C  CA  . ASN A 1 55  ? -19.514 -14.175 7.956   1.00 22.48 ? 55   ASN A CA  1 
ATOM   436  C  C   . ASN A 1 55  ? -19.374 -12.633 8.011   1.00 22.03 ? 55   ASN A C   1 
ATOM   437  O  O   . ASN A 1 55  ? -20.261 -11.908 8.502   1.00 22.30 ? 55   ASN A O   1 
ATOM   438  C  CB  . ASN A 1 55  ? -20.900 -14.631 8.420   1.00 22.94 ? 55   ASN A CB  1 
ATOM   439  C  CG  . ASN A 1 55  ? -22.006 -14.299 7.425   1.00 23.71 ? 55   ASN A CG  1 
ATOM   440  O  OD1 . ASN A 1 55  ? -21.818 -14.375 6.210   1.00 24.94 ? 55   ASN A OD1 1 
ATOM   441  N  ND2 . ASN A 1 55  ? -23.176 -13.956 7.946   1.00 24.21 ? 55   ASN A ND2 1 
ATOM   442  N  N   . GLY A 1 56  ? -18.233 -12.148 7.528   1.00 21.43 ? 56   GLY A N   1 
ATOM   443  C  CA  . GLY A 1 56  ? -18.103 -10.745 7.138   1.00 20.31 ? 56   GLY A CA  1 
ATOM   444  C  C   . GLY A 1 56  ? -17.635 -9.716  8.150   1.00 19.72 ? 56   GLY A C   1 
ATOM   445  O  O   . GLY A 1 56  ? -17.425 -8.567  7.776   1.00 19.32 ? 56   GLY A O   1 
ATOM   446  N  N   . VAL A 1 57  ? -17.481 -10.104 9.417   1.00 19.03 ? 57   VAL A N   1 
ATOM   447  C  CA  . VAL A 1 57  ? -17.083 -9.157  10.466  1.00 18.69 ? 57   VAL A CA  1 
ATOM   448  C  C   . VAL A 1 57  ? -15.907 -9.699  11.281  1.00 18.29 ? 57   VAL A C   1 
ATOM   449  O  O   . VAL A 1 57  ? -15.913 -10.863 11.697  1.00 17.81 ? 57   VAL A O   1 
ATOM   450  C  CB  . VAL A 1 57  ? -18.250 -8.820  11.444  1.00 18.90 ? 57   VAL A CB  1 
ATOM   451  C  CG1 . VAL A 1 57  ? -17.853 -7.695  12.410  1.00 19.22 ? 57   VAL A CG1 1 
ATOM   452  C  CG2 . VAL A 1 57  ? -19.536 -8.465  10.683  1.00 19.85 ? 57   VAL A CG2 1 
ATOM   453  N  N   . ILE A 1 58  ? -14.907 -8.846  11.502  1.00 17.30 ? 58   ILE A N   1 
ATOM   454  C  CA  . ILE A 1 58  ? -13.735 -9.208  12.312  1.00 16.68 ? 58   ILE A CA  1 
ATOM   455  C  C   . ILE A 1 58  ? -13.557 -8.223  13.478  1.00 16.83 ? 58   ILE A C   1 
ATOM   456  O  O   . ILE A 1 58  ? -14.196 -7.162  13.504  1.00 16.67 ? 58   ILE A O   1 
ATOM   457  C  CB  . ILE A 1 58  ? -12.427 -9.318  11.451  1.00 16.58 ? 58   ILE A CB  1 
ATOM   458  C  CG1 . ILE A 1 58  ? -12.087 -7.983  10.767  1.00 16.40 ? 58   ILE A CG1 1 
ATOM   459  C  CG2 . ILE A 1 58  ? -12.547 -10.450 10.412  1.00 16.31 ? 58   ILE A CG2 1 
ATOM   460  C  CD1 . ILE A 1 58  ? -10.746 -7.989  10.002  1.00 15.78 ? 58   ILE A CD1 1 
ATOM   461  N  N   . THR A 1 59  ? -12.698 -8.576  14.440  1.00 16.75 ? 59   THR A N   1 
ATOM   462  C  CA  . THR A 1 59  ? -12.345 -7.684  15.552  1.00 16.84 ? 59   THR A CA  1 
ATOM   463  C  C   . THR A 1 59  ? -11.183 -6.763  15.149  1.00 16.73 ? 59   THR A C   1 
ATOM   464  O  O   . THR A 1 59  ? -10.520 -7.006  14.131  1.00 16.04 ? 59   THR A O   1 
ATOM   465  C  CB  . THR A 1 59  ? -11.910 -8.466  16.812  1.00 16.86 ? 59   THR A CB  1 
ATOM   466  O  OG1 . THR A 1 59  ? -10.677 -9.147  16.544  1.00 17.18 ? 59   THR A OG1 1 
ATOM   467  C  CG2 . THR A 1 59  ? -12.982 -9.482  17.241  1.00 18.02 ? 59   THR A CG2 1 
ATOM   468  N  N   . LYS A 1 60  ? -10.934 -5.726  15.950  1.00 16.58 ? 60   LYS A N   1 
ATOM   469  C  CA  . LYS A 1 60  ? -9.799  -4.821  15.715  1.00 17.32 ? 60   LYS A CA  1 
ATOM   470  C  C   . LYS A 1 60  ? -8.473  -5.570  15.774  1.00 16.60 ? 60   LYS A C   1 
ATOM   471  O  O   . LYS A 1 60  ? -7.595  -5.346  14.935  1.00 16.03 ? 60   LYS A O   1 
ATOM   472  C  CB  . LYS A 1 60  ? -9.799  -3.636  16.691  1.00 17.26 ? 60   LYS A CB  1 
ATOM   473  C  CG  . LYS A 1 60  ? -8.780  -2.546  16.332  1.00 18.46 ? 60   LYS A CG  1 
ATOM   474  C  CD  . LYS A 1 60  ? -8.929  -1.312  17.225  1.00 19.39 ? 60   LYS A CD  1 
ATOM   475  C  CE  . LYS A 1 60  ? -7.810  -0.316  16.966  1.00 22.93 ? 60   LYS A CE  1 
ATOM   476  N  NZ  . LYS A 1 60  ? -7.784  0.786   17.967  1.00 25.39 ? 60   LYS A NZ  1 
ATOM   477  N  N   . ASP A 1 61  ? -8.341  -6.455  16.766  1.00 16.53 ? 61   ASP A N   1 
ATOM   478  C  CA  . ASP A 1 61  ? -7.157  -7.305  16.904  1.00 16.74 ? 61   ASP A CA  1 
ATOM   479  C  C   . ASP A 1 61  ? -6.907  -8.113  15.639  1.00 16.06 ? 61   ASP A C   1 
ATOM   480  O  O   . ASP A 1 61  ? -5.776  -8.175  15.157  1.00 15.36 ? 61   ASP A O   1 
ATOM   481  C  CB  . ASP A 1 61  ? -7.275  -8.235  18.116  1.00 17.32 ? 61   ASP A CB  1 
ATOM   482  C  CG  . ASP A 1 61  ? -6.968  -7.537  19.432  1.00 19.33 ? 61   ASP A CG  1 
ATOM   483  O  OD1 . ASP A 1 61  ? -6.681  -6.319  19.436  1.00 21.51 ? 61   ASP A OD1 1 
ATOM   484  O  OD2 . ASP A 1 61  ? -7.006  -8.221  20.478  1.00 22.73 ? 61   ASP A OD2 1 
ATOM   485  N  N   . GLU A 1 62  ? -7.965  -8.716  15.093  1.00 15.78 ? 62   GLU A N   1 
ATOM   486  C  CA  . GLU A 1 62  ? -7.858  -9.489  13.857  1.00 15.43 ? 62   GLU A CA  1 
ATOM   487  C  C   . GLU A 1 62  ? -7.479  -8.595  12.667  1.00 15.12 ? 62   GLU A C   1 
ATOM   488  O  O   . GLU A 1 62  ? -6.630  -8.965  11.861  1.00 14.88 ? 62   GLU A O   1 
ATOM   489  C  CB  . GLU A 1 62  ? -9.149  -10.270 13.580  1.00 15.52 ? 62   GLU A CB  1 
ATOM   490  C  CG  . GLU A 1 62  ? -9.354  -11.471 14.504  1.00 15.87 ? 62   GLU A CG  1 
ATOM   491  C  CD  . GLU A 1 62  ? -10.781 -12.038 14.467  1.00 16.25 ? 62   GLU A CD  1 
ATOM   492  O  OE1 . GLU A 1 62  ? -11.707 -11.377 13.931  1.00 16.24 ? 62   GLU A OE1 1 
ATOM   493  O  OE2 . GLU A 1 62  ? -10.959 -13.162 14.976  1.00 17.72 ? 62   GLU A OE2 1 
ATOM   494  N  N   . ALA A 1 63  ? -8.095  -7.414  12.575  1.00 14.62 ? 63   ALA A N   1 
ATOM   495  C  CA  . ALA A 1 63  ? -7.751  -6.445  11.530  1.00 14.58 ? 63   ALA A CA  1 
ATOM   496  C  C   . ALA A 1 63  ? -6.257  -6.074  11.582  1.00 14.49 ? 63   ALA A C   1 
ATOM   497  O  O   . ALA A 1 63  ? -5.573  -6.074  10.553  1.00 14.19 ? 63   ALA A O   1 
ATOM   498  C  CB  . ALA A 1 63  ? -8.644  -5.196  11.627  1.00 14.46 ? 63   ALA A CB  1 
ATOM   499  N  N   . GLU A 1 64  ? -5.753  -5.808  12.785  1.00 14.44 ? 64   GLU A N   1 
ATOM   500  C  CA  . GLU A 1 64  ? -4.346  -5.452  12.974  1.00 15.17 ? 64   GLU A CA  1 
ATOM   501  C  C   . GLU A 1 64  ? -3.410  -6.622  12.685  1.00 14.63 ? 64   GLU A C   1 
ATOM   502  O  O   . GLU A 1 64  ? -2.298  -6.424  12.187  1.00 14.81 ? 64   GLU A O   1 
ATOM   503  C  CB  . GLU A 1 64  ? -4.114  -4.871  14.373  1.00 14.79 ? 64   GLU A CB  1 
ATOM   504  C  CG  . GLU A 1 64  ? -4.726  -3.479  14.523  1.00 15.57 ? 64   GLU A CG  1 
ATOM   505  C  CD  . GLU A 1 64  ? -4.701  -2.935  15.937  1.00 17.30 ? 64   GLU A CD  1 
ATOM   506  O  OE1 . GLU A 1 64  ? -5.020  -1.735  16.085  1.00 20.75 ? 64   GLU A OE1 1 
ATOM   507  O  OE2 . GLU A 1 64  ? -4.383  -3.690  16.892  1.00 19.43 ? 64   GLU A OE2 1 
ATOM   508  N  N   . LYS A 1 65  ? -3.861  -7.839  12.983  1.00 14.47 ? 65   LYS A N   1 
ATOM   509  C  CA  . LYS A 1 65  ? -3.080  -9.027  12.642  1.00 14.82 ? 65   LYS A CA  1 
ATOM   510  C  C   . LYS A 1 65  ? -2.857  -9.137  11.132  1.00 14.46 ? 65   LYS A C   1 
ATOM   511  O  O   . LYS A 1 65  ? -1.714  -9.286  10.684  1.00 14.35 ? 65   LYS A O   1 
ATOM   512  C  CB  . LYS A 1 65  ? -3.728  -10.298 13.181  1.00 14.85 ? 65   LYS A CB  1 
ATOM   513  C  CG  . LYS A 1 65  ? -2.870  -11.546 12.972  1.00 15.99 ? 65   LYS A CG  1 
ATOM   514  C  CD  . LYS A 1 65  ? -3.425  -12.711 13.776  1.00 18.45 ? 65   LYS A CD  1 
ATOM   515  C  CE  . LYS A 1 65  ? -2.808  -14.036 13.364  1.00 20.72 ? 65   LYS A CE  1 
ATOM   516  N  NZ  . LYS A 1 65  ? -1.428  -14.186 13.876  1.00 21.53 ? 65   LYS A NZ  1 
ATOM   517  N  N   . LEU A 1 66  ? -3.944  -9.048  10.359  1.00 14.19 ? 66   LEU A N   1 
ATOM   518  C  CA  . LEU A 1 66  ? -3.868  -9.054  8.886   1.00 14.20 ? 66   LEU A CA  1 
ATOM   519  C  C   . LEU A 1 66  ? -3.006  -7.896  8.345   1.00 14.16 ? 66   LEU A C   1 
ATOM   520  O  O   . LEU A 1 66  ? -2.216  -8.068  7.408   1.00 13.36 ? 66   LEU A O   1 
ATOM   521  C  CB  . LEU A 1 66  ? -5.276  -9.000  8.281   1.00 14.41 ? 66   LEU A CB  1 
ATOM   522  C  CG  . LEU A 1 66  ? -6.161  -10.236 8.470   1.00 14.47 ? 66   LEU A CG  1 
ATOM   523  C  CD1 . LEU A 1 66  ? -7.535  -9.976  7.901   1.00 15.01 ? 66   LEU A CD1 1 
ATOM   524  C  CD2 . LEU A 1 66  ? -5.542  -11.501 7.837   1.00 14.53 ? 66   LEU A CD2 1 
ATOM   525  N  N   . PHE A 1 67  ? -3.160  -6.730  8.963   1.00 13.91 ? 67   PHE A N   1 
ATOM   526  C  CA  . PHE A 1 67  ? -2.401  -5.529  8.597   1.00 14.23 ? 67   PHE A CA  1 
ATOM   527  C  C   . PHE A 1 67  ? -0.888  -5.751  8.736   1.00 14.43 ? 67   PHE A C   1 
ATOM   528  O  O   . PHE A 1 67  ? -0.121  -5.479  7.796   1.00 13.86 ? 67   PHE A O   1 
ATOM   529  C  CB  . PHE A 1 67  ? -2.880  -4.351  9.446   1.00 14.00 ? 67   PHE A CB  1 
ATOM   530  C  CG  . PHE A 1 67  ? -2.242  -3.019  9.101   1.00 14.20 ? 67   PHE A CG  1 
ATOM   531  C  CD1 . PHE A 1 67  ? -2.033  -2.636  7.772   1.00 13.73 ? 67   PHE A CD1 1 
ATOM   532  C  CD2 . PHE A 1 67  ? -1.904  -2.127  10.123  1.00 14.91 ? 67   PHE A CD2 1 
ATOM   533  C  CE1 . PHE A 1 67  ? -1.457  -1.387  7.473   1.00 13.82 ? 67   PHE A CE1 1 
ATOM   534  C  CE2 . PHE A 1 67  ? -1.350  -0.876  9.838   1.00 14.79 ? 67   PHE A CE2 1 
ATOM   535  C  CZ  . PHE A 1 67  ? -1.120  -0.515  8.515   1.00 14.39 ? 67   PHE A CZ  1 
ATOM   536  N  N   . ASN A 1 68  ? -0.462  -6.271  9.888   1.00 14.91 ? 68   ASN A N   1 
ATOM   537  C  CA  . ASN A 1 68  ? 0.957   -6.589  10.087  1.00 16.14 ? 68   ASN A CA  1 
ATOM   538  C  C   . ASN A 1 68  ? 1.455   -7.586  9.040   1.00 15.80 ? 68   ASN A C   1 
ATOM   539  O  O   . ASN A 1 68  ? 2.532   -7.408  8.473   1.00 16.10 ? 68   ASN A O   1 
ATOM   540  C  CB  . ASN A 1 68  ? 1.225   -7.109  11.506  1.00 16.51 ? 68   ASN A CB  1 
ATOM   541  C  CG  . ASN A 1 68  ? 2.713   -7.075  11.878  1.00 19.37 ? 68   ASN A CG  1 
ATOM   542  O  OD1 . ASN A 1 68  ? 3.586   -6.848  11.027  1.00 22.26 ? 68   ASN A OD1 1 
ATOM   543  N  ND2 . ASN A 1 68  ? 3.004   -7.296  13.154  1.00 21.48 ? 68   ASN A ND2 1 
ATOM   544  N  N   . GLN A 1 69  ? 0.658   -8.620  8.771   1.00 15.71 ? 69   GLN A N   1 
ATOM   545  C  CA  . GLN A 1 69  ? 1.008   -9.619  7.760   1.00 15.54 ? 69   GLN A CA  1 
ATOM   546  C  C   . GLN A 1 69  ? 1.170   -8.986  6.386   1.00 15.61 ? 69   GLN A C   1 
ATOM   547  O  O   . GLN A 1 69  ? 2.091   -9.329  5.640   1.00 15.09 ? 69   GLN A O   1 
ATOM   548  C  CB  . GLN A 1 69  ? -0.055  -10.714 7.703   1.00 15.16 ? 69   GLN A CB  1 
ATOM   549  C  CG  . GLN A 1 69  ? 0.042   -11.688 8.858   1.00 15.42 ? 69   GLN A CG  1 
ATOM   550  C  CD  . GLN A 1 69  ? -1.108  -12.665 8.927   1.00 16.04 ? 69   GLN A CD  1 
ATOM   551  O  OE1 . GLN A 1 69  ? -1.172  -13.477 9.845   1.00 19.04 ? 69   GLN A OE1 1 
ATOM   552  N  NE2 . GLN A 1 69  ? -2.030  -12.591 7.971   1.00 14.85 ? 69   GLN A NE2 1 
ATOM   553  N  N   . ASP A 1 70  ? 0.262   -8.065  6.067   1.00 15.62 ? 70   ASP A N   1 
ATOM   554  C  CA  . ASP A 1 70  ? 0.238   -7.413  4.766   1.00 15.76 ? 70   ASP A CA  1 
ATOM   555  C  C   . ASP A 1 70  ? 1.438   -6.490  4.566   1.00 15.70 ? 70   ASP A C   1 
ATOM   556  O  O   . ASP A 1 70  ? 2.048   -6.499  3.497   1.00 15.74 ? 70   ASP A O   1 
ATOM   557  C  CB  . ASP A 1 70  ? -1.078  -6.658  4.568   1.00 15.30 ? 70   ASP A CB  1 
ATOM   558  C  CG  . ASP A 1 70  ? -2.277  -7.591  4.382   1.00 15.74 ? 70   ASP A CG  1 
ATOM   559  O  OD1 . ASP A 1 70  ? -2.089  -8.814  4.142   1.00 12.50 ? 70   ASP A OD1 1 
ATOM   560  O  OD2 . ASP A 1 70  ? -3.413  -7.091  4.481   1.00 15.73 ? 70   ASP A OD2 1 
ATOM   561  N  N   . VAL A 1 71  ? 1.770   -5.709  5.597   1.00 15.83 ? 71   VAL A N   1 
ATOM   562  C  CA  . VAL A 1 71  ? 2.962   -4.851  5.581   1.00 16.55 ? 71   VAL A CA  1 
ATOM   563  C  C   . VAL A 1 71  ? 4.216   -5.712  5.377   1.00 17.02 ? 71   VAL A C   1 
ATOM   564  O  O   . VAL A 1 71  ? 5.057   -5.418  4.513   1.00 16.93 ? 71   VAL A O   1 
ATOM   565  C  CB  . VAL A 1 71  ? 3.076   -3.986  6.869   1.00 16.32 ? 71   VAL A CB  1 
ATOM   566  C  CG1 . VAL A 1 71  ? 4.447   -3.326  6.955   1.00 16.61 ? 71   VAL A CG1 1 
ATOM   567  C  CG2 . VAL A 1 71  ? 1.971   -2.919  6.895   1.00 16.01 ? 71   VAL A CG2 1 
ATOM   568  N  N   . ASP A 1 72  ? 4.317   -6.780  6.171   1.00 17.24 ? 72   ASP A N   1 
ATOM   569  C  CA  A ASP A 1 72  ? 5.382   -7.770  6.031   0.70 17.83 ? 72   ASP A CA  1 
ATOM   570  C  CA  B ASP A 1 72  ? 5.399   -7.749  6.012   0.30 17.29 ? 72   ASP A CA  1 
ATOM   571  C  C   . ASP A 1 72  ? 5.461   -8.300  4.594   1.00 17.51 ? 72   ASP A C   1 
ATOM   572  O  O   . ASP A 1 72  ? 6.525   -8.291  3.981   1.00 17.67 ? 72   ASP A O   1 
ATOM   573  C  CB  A ASP A 1 72  ? 5.131   -8.926  6.999   0.70 18.34 ? 72   ASP A CB  1 
ATOM   574  C  CB  B ASP A 1 72  ? 5.284   -8.889  7.027   0.30 17.26 ? 72   ASP A CB  1 
ATOM   575  C  CG  A ASP A 1 72  ? 6.395   -9.464  7.621   0.70 19.95 ? 72   ASP A CG  1 
ATOM   576  C  CG  B ASP A 1 72  ? 6.028   -8.598  8.308   0.30 16.77 ? 72   ASP A CG  1 
ATOM   577  O  OD1 A ASP A 1 72  ? 6.269   -10.343 8.492   0.70 22.10 ? 72   ASP A OD1 1 
ATOM   578  O  OD1 B ASP A 1 72  ? 5.825   -7.510  8.882   0.30 16.71 ? 72   ASP A OD1 1 
ATOM   579  O  OD2 A ASP A 1 72  ? 7.506   -9.013  7.259   0.70 23.60 ? 72   ASP A OD2 1 
ATOM   580  O  OD2 B ASP A 1 72  ? 6.821   -9.458  8.744   0.30 16.85 ? 72   ASP A OD2 1 
ATOM   581  N  N   . ALA A 1 73  ? 4.323   -8.745  4.064   1.00 17.51 ? 73   ALA A N   1 
ATOM   582  C  CA  . ALA A 1 73  ? 4.254   -9.275  2.700   1.00 17.38 ? 73   ALA A CA  1 
ATOM   583  C  C   . ALA A 1 73  ? 4.735   -8.270  1.645   1.00 17.30 ? 73   ALA A C   1 
ATOM   584  O  O   . ALA A 1 73  ? 5.386   -8.661  0.672   1.00 16.93 ? 73   ALA A O   1 
ATOM   585  C  CB  . ALA A 1 73  ? 2.848   -9.759  2.378   1.00 17.76 ? 73   ALA A CB  1 
ATOM   586  N  N   . ALA A 1 74  ? 4.433   -6.988  1.852   1.00 16.75 ? 74   ALA A N   1 
ATOM   587  C  CA  . ALA A 1 74  ? 4.849   -5.931  0.921   1.00 16.94 ? 74   ALA A CA  1 
ATOM   588  C  C   . ALA A 1 74  ? 6.374   -5.753  0.920   1.00 17.04 ? 74   ALA A C   1 
ATOM   589  O  O   . ALA A 1 74  ? 7.005   -5.688  -0.144  1.00 16.17 ? 74   ALA A O   1 
ATOM   590  C  CB  . ALA A 1 74  ? 4.149   -4.623  1.251   1.00 16.69 ? 74   ALA A CB  1 
ATOM   591  N  N   . VAL A 1 75  ? 6.946   -5.688  2.121   1.00 17.36 ? 75   VAL A N   1 
ATOM   592  C  CA  . VAL A 1 75  ? 8.392   -5.581  2.295   1.00 18.05 ? 75   VAL A CA  1 
ATOM   593  C  C   . VAL A 1 75  ? 9.082   -6.770  1.636   1.00 18.70 ? 75   VAL A C   1 
ATOM   594  O  O   . VAL A 1 75  ? 10.015  -6.588  0.852   1.00 18.54 ? 75   VAL A O   1 
ATOM   595  C  CB  . VAL A 1 75  ? 8.792   -5.493  3.784   1.00 17.93 ? 75   VAL A CB  1 
ATOM   596  C  CG1 . VAL A 1 75  ? 10.325  -5.548  3.949   1.00 17.89 ? 75   VAL A CG1 1 
ATOM   597  C  CG2 . VAL A 1 75  ? 8.241   -4.227  4.410   1.00 18.56 ? 75   VAL A CG2 1 
ATOM   598  N  N   . ARG A 1 76  ? 8.594   -7.976  1.923   1.00 19.31 ? 76   ARG A N   1 
ATOM   599  C  CA  A ARG A 1 76  ? 9.187   -9.203  1.388   0.70 20.33 ? 76   ARG A CA  1 
ATOM   600  C  CA  B ARG A 1 76  ? 9.228   -9.177  1.387   0.30 19.71 ? 76   ARG A CA  1 
ATOM   601  C  C   . ARG A 1 76  ? 9.078   -9.240  -0.134  1.00 20.00 ? 76   ARG A C   1 
ATOM   602  O  O   . ARG A 1 76  ? 9.991   -9.689  -0.822  1.00 20.45 ? 76   ARG A O   1 
ATOM   603  C  CB  A ARG A 1 76  ? 8.543   -10.456 2.005   0.70 20.68 ? 76   ARG A CB  1 
ATOM   604  C  CB  B ARG A 1 76  ? 8.719   -10.462 2.060   0.30 19.71 ? 76   ARG A CB  1 
ATOM   605  C  CG  A ARG A 1 76  ? 8.166   -10.365 3.499   0.70 23.55 ? 76   ARG A CG  1 
ATOM   606  C  CG  B ARG A 1 76  ? 8.693   -10.473 3.608   0.30 19.69 ? 76   ARG A CG  1 
ATOM   607  C  CD  A ARG A 1 76  ? 9.226   -9.706  4.402   0.70 26.40 ? 76   ARG A CD  1 
ATOM   608  C  CD  B ARG A 1 76  ? 9.871   -9.767  4.307   0.30 18.74 ? 76   ARG A CD  1 
ATOM   609  N  NE  A ARG A 1 76  ? 10.011  -10.699 5.118   0.70 29.02 ? 76   ARG A NE  1 
ATOM   610  N  NE  B ARG A 1 76  ? 9.530   -9.469  5.701   0.30 18.26 ? 76   ARG A NE  1 
ATOM   611  C  CZ  A ARG A 1 76  ? 11.309  -10.906 4.945   0.70 29.37 ? 76   ARG A CZ  1 
ATOM   612  C  CZ  B ARG A 1 76  ? 10.285  -8.773  6.549   0.30 18.13 ? 76   ARG A CZ  1 
ATOM   613  N  NH1 A ARG A 1 76  ? 11.910  -11.852 5.648   0.70 30.60 ? 76   ARG A NH1 1 
ATOM   614  N  NH1 B ARG A 1 76  ? 11.451  -8.271  6.166   0.30 17.86 ? 76   ARG A NH1 1 
ATOM   615  N  NH2 A ARG A 1 76  ? 12.001  -10.176 4.078   0.70 30.32 ? 76   ARG A NH2 1 
ATOM   616  N  NH2 B ARG A 1 76  ? 9.864   -8.574  7.791   0.30 18.10 ? 76   ARG A NH2 1 
ATOM   617  N  N   . GLY A 1 77  ? 7.945   -8.758  -0.650  1.00 20.03 ? 77   GLY A N   1 
ATOM   618  C  CA  . GLY A 1 77  ? 7.713   -8.633  -2.095  1.00 20.05 ? 77   GLY A CA  1 
ATOM   619  C  C   . GLY A 1 77  ? 8.737   -7.732  -2.779  1.00 19.93 ? 77   GLY A C   1 
ATOM   620  O  O   . GLY A 1 77  ? 9.302   -8.094  -3.818  1.00 19.70 ? 77   GLY A O   1 
ATOM   621  N  N   . ILE A 1 78  ? 8.982   -6.568  -2.179  1.00 19.42 ? 78   ILE A N   1 
ATOM   622  C  CA  . ILE A 1 78  ? 9.999   -5.622  -2.655  1.00 19.80 ? 78   ILE A CA  1 
ATOM   623  C  C   . ILE A 1 78  ? 11.385  -6.271  -2.689  1.00 19.99 ? 78   ILE A C   1 
ATOM   624  O  O   . ILE A 1 78  ? 12.097  -6.184  -3.702  1.00 20.19 ? 78   ILE A O   1 
ATOM   625  C  CB  . ILE A 1 78  ? 10.041  -4.333  -1.773  1.00 19.47 ? 78   ILE A CB  1 
ATOM   626  C  CG1 . ILE A 1 78  ? 8.776   -3.483  -1.983  1.00 19.59 ? 78   ILE A CG1 1 
ATOM   627  C  CG2 . ILE A 1 78  ? 11.294  -3.507  -2.072  1.00 19.19 ? 78   ILE A CG2 1 
ATOM   628  C  CD1 . ILE A 1 78  ? 8.502   -2.470  -0.866  1.00 19.66 ? 78   ILE A CD1 1 
ATOM   629  N  N   . LEU A 1 79  ? 11.755  -6.924  -1.588  1.00 20.25 ? 79   LEU A N   1 
ATOM   630  C  CA  . LEU A 1 79  ? 13.097  -7.500  -1.441  1.00 21.01 ? 79   LEU A CA  1 
ATOM   631  C  C   . LEU A 1 79  ? 13.374  -8.675  -2.387  1.00 21.71 ? 79   LEU A C   1 
ATOM   632  O  O   . LEU A 1 79  ? 14.527  -8.901  -2.766  1.00 21.91 ? 79   LEU A O   1 
ATOM   633  C  CB  . LEU A 1 79  ? 13.378  -7.880  0.021   1.00 21.03 ? 79   LEU A CB  1 
ATOM   634  C  CG  . LEU A 1 79  ? 13.397  -6.718  1.030   1.00 20.81 ? 79   LEU A CG  1 
ATOM   635  C  CD1 . LEU A 1 79  ? 13.573  -7.217  2.453   1.00 20.95 ? 79   LEU A CD1 1 
ATOM   636  C  CD2 . LEU A 1 79  ? 14.458  -5.682  0.690   1.00 20.59 ? 79   LEU A CD2 1 
ATOM   637  N  N   . ARG A 1 80  ? 12.317  -9.395  -2.771  1.00 22.24 ? 80   ARG A N   1 
ATOM   638  C  CA  A ARG A 1 80  ? 12.459  -10.524 -3.696  0.70 22.97 ? 80   ARG A CA  1 
ATOM   639  C  CA  B ARG A 1 80  ? 12.394  -10.533 -3.698  0.30 22.62 ? 80   ARG A CA  1 
ATOM   640  C  C   . ARG A 1 80  ? 12.360  -10.090 -5.161  1.00 22.95 ? 80   ARG A C   1 
ATOM   641  O  O   . ARG A 1 80  ? 12.580  -10.897 -6.075  1.00 23.06 ? 80   ARG A O   1 
ATOM   642  C  CB  A ARG A 1 80  ? 11.447  -11.627 -3.370  0.70 23.12 ? 80   ARG A CB  1 
ATOM   643  C  CB  B ARG A 1 80  ? 11.225  -11.494 -3.465  0.30 22.59 ? 80   ARG A CB  1 
ATOM   644  C  CG  A ARG A 1 80  ? 11.746  -12.330 -2.053  0.70 25.10 ? 80   ARG A CG  1 
ATOM   645  C  CG  B ARG A 1 80  ? 11.387  -12.460 -2.307  0.30 22.94 ? 80   ARG A CG  1 
ATOM   646  C  CD  A ARG A 1 80  ? 10.775  -13.460 -1.761  0.70 28.14 ? 80   ARG A CD  1 
ATOM   647  C  CD  B ARG A 1 80  ? 10.287  -13.520 -2.340  0.30 23.24 ? 80   ARG A CD  1 
ATOM   648  N  NE  A ARG A 1 80  ? 11.147  -14.175 -0.541  0.70 30.01 ? 80   ARG A NE  1 
ATOM   649  N  NE  B ARG A 1 80  ? 10.459  -14.453 -3.454  0.30 23.36 ? 80   ARG A NE  1 
ATOM   650  C  CZ  A ARG A 1 80  ? 10.432  -14.189 0.583   0.70 31.39 ? 80   ARG A CZ  1 
ATOM   651  C  CZ  B ARG A 1 80  ? 9.545   -15.332 -3.859  0.30 23.43 ? 80   ARG A CZ  1 
ATOM   652  N  NH1 A ARG A 1 80  ? 9.275   -13.540 0.658   0.70 31.91 ? 80   ARG A NH1 1 
ATOM   653  N  NH1 B ARG A 1 80  ? 8.367   -15.413 -3.253  0.30 23.56 ? 80   ARG A NH1 1 
ATOM   654  N  NH2 A ARG A 1 80  ? 10.868  -14.877 1.634   0.70 31.32 ? 80   ARG A NH2 1 
ATOM   655  N  NH2 B ARG A 1 80  ? 9.811   -16.133 -4.882  0.30 23.91 ? 80   ARG A NH2 1 
ATOM   656  N  N   . ASN A 1 81  ? 12.046  -8.817  -5.383  1.00 22.78 ? 81   ASN A N   1 
ATOM   657  C  CA  . ASN A 1 81  ? 11.933  -8.290  -6.735  1.00 22.99 ? 81   ASN A CA  1 
ATOM   658  C  C   . ASN A 1 81  ? 13.232  -7.611  -7.166  1.00 23.02 ? 81   ASN A C   1 
ATOM   659  O  O   . ASN A 1 81  ? 13.691  -6.673  -6.515  1.00 22.58 ? 81   ASN A O   1 
ATOM   660  C  CB  . ASN A 1 81  ? 10.742  -7.335  -6.838  1.00 23.02 ? 81   ASN A CB  1 
ATOM   661  C  CG  . ASN A 1 81  ? 10.491  -6.866  -8.259  1.00 24.02 ? 81   ASN A CG  1 
ATOM   662  O  OD1 . ASN A 1 81  ? 11.361  -6.263  -8.887  1.00 23.65 ? 81   ASN A OD1 1 
ATOM   663  N  ND2 . ASN A 1 81  ? 9.292   -7.138  -8.772  1.00 23.37 ? 81   ASN A ND2 1 
ATOM   664  N  N   . ALA A 1 82  ? 13.817  -8.095  -8.260  1.00 23.37 ? 82   ALA A N   1 
ATOM   665  C  CA  . ALA A 1 82  ? 15.110  -7.599  -8.746  1.00 23.92 ? 82   ALA A CA  1 
ATOM   666  C  C   . ALA A 1 82  ? 15.096  -6.131  -9.173  1.00 24.22 ? 82   ALA A C   1 
ATOM   667  O  O   . ALA A 1 82  ? 16.124  -5.457  -9.128  1.00 24.44 ? 82   ALA A O   1 
ATOM   668  C  CB  . ALA A 1 82  ? 15.625  -8.476  -9.890  1.00 24.21 ? 82   ALA A CB  1 
ATOM   669  N  N   . LYS A 1 83  ? 13.936  -5.645  -9.600  1.00 24.39 ? 83   LYS A N   1 
ATOM   670  C  CA  . LYS A 1 83  ? 13.803  -4.261  -10.039 1.00 24.80 ? 83   LYS A CA  1 
ATOM   671  C  C   . LYS A 1 83  ? 13.573  -3.323  -8.859  1.00 23.86 ? 83   LYS A C   1 
ATOM   672  O  O   . LYS A 1 83  ? 14.002  -2.171  -8.886  1.00 24.25 ? 83   LYS A O   1 
ATOM   673  C  CB  . LYS A 1 83  ? 12.671  -4.123  -11.061 1.00 24.90 ? 83   LYS A CB  1 
ATOM   674  C  CG  . LYS A 1 83  ? 12.923  -4.862  -12.373 1.00 26.56 ? 83   LYS A CG  1 
ATOM   675  C  CD  . LYS A 1 83  ? 11.744  -4.714  -13.331 1.00 26.74 ? 83   LYS A CD  1 
ATOM   676  C  CE  . LYS A 1 83  ? 12.014  -5.413  -14.664 1.00 30.74 ? 83   LYS A CE  1 
ATOM   677  N  NZ  . LYS A 1 83  ? 12.245  -6.883  -14.493 1.00 32.60 ? 83   LYS A NZ  1 
ATOM   678  N  N   . LEU A 1 84  ? 12.909  -3.823  -7.823  1.00 22.55 ? 84   LEU A N   1 
ATOM   679  C  CA  . LEU A 1 84  ? 12.521  -2.990  -6.686  1.00 21.28 ? 84   LEU A CA  1 
ATOM   680  C  C   . LEU A 1 84  ? 13.575  -2.934  -5.582  1.00 20.44 ? 84   LEU A C   1 
ATOM   681  O  O   . LEU A 1 84  ? 13.788  -1.877  -4.988  1.00 19.84 ? 84   LEU A O   1 
ATOM   682  C  CB  . LEU A 1 84  ? 11.173  -3.453  -6.107  1.00 21.46 ? 84   LEU A CB  1 
ATOM   683  C  CG  . LEU A 1 84  ? 9.983   -3.495  -7.075  1.00 21.22 ? 84   LEU A CG  1 
ATOM   684  C  CD1 . LEU A 1 84  ? 8.762   -4.118  -6.409  1.00 21.61 ? 84   LEU A CD1 1 
ATOM   685  C  CD2 . LEU A 1 84  ? 9.667   -2.103  -7.632  1.00 21.45 ? 84   LEU A CD2 1 
ATOM   686  N  N   . LYS A 1 85  ? 14.223  -4.067  -5.314  1.00 19.47 ? 85   LYS A N   1 
ATOM   687  C  CA  . LYS A 1 85  ? 15.177  -4.172  -4.206  1.00 19.54 ? 85   LYS A CA  1 
ATOM   688  C  C   . LYS A 1 85  ? 16.293  -3.102  -4.221  1.00 18.83 ? 85   LYS A C   1 
ATOM   689  O  O   . LYS A 1 85  ? 16.501  -2.444  -3.205  1.00 18.29 ? 85   LYS A O   1 
ATOM   690  C  CB  . LYS A 1 85  ? 15.771  -5.586  -4.094  1.00 19.50 ? 85   LYS A CB  1 
ATOM   691  C  CG  . LYS A 1 85  ? 16.647  -5.778  -2.860  1.00 20.42 ? 85   LYS A CG  1 
ATOM   692  C  CD  . LYS A 1 85  ? 17.329  -7.149  -2.860  1.00 20.84 ? 85   LYS A CD  1 
ATOM   693  C  CE  . LYS A 1 85  ? 18.087  -7.390  -1.563  1.00 23.19 ? 85   LYS A CE  1 
ATOM   694  N  NZ  . LYS A 1 85  ? 19.257  -6.480  -1.410  1.00 23.92 ? 85   LYS A NZ  1 
ATOM   695  N  N   . PRO A 1 86  ? 16.998  -2.923  -5.366  1.00 18.70 ? 86   PRO A N   1 
ATOM   696  C  CA  . PRO A 1 86  ? 18.071  -1.922  -5.369  1.00 18.45 ? 86   PRO A CA  1 
ATOM   697  C  C   . PRO A 1 86  ? 17.556  -0.506  -5.083  1.00 17.85 ? 86   PRO A C   1 
ATOM   698  O  O   . PRO A 1 86  ? 18.199  0.241   -4.345  1.00 17.49 ? 86   PRO A O   1 
ATOM   699  C  CB  . PRO A 1 86  ? 18.655  -2.003  -6.792  1.00 18.72 ? 86   PRO A CB  1 
ATOM   700  C  CG  . PRO A 1 86  ? 18.123  -3.246  -7.388  1.00 18.85 ? 86   PRO A CG  1 
ATOM   701  C  CD  . PRO A 1 86  ? 16.852  -3.583  -6.678  1.00 18.59 ? 86   PRO A CD  1 
ATOM   702  N  N   . VAL A 1 87  ? 16.407  -0.143  -5.648  1.00 17.41 ? 87   VAL A N   1 
ATOM   703  C  CA  . VAL A 1 87  ? 15.848  1.190   -5.406  1.00 17.42 ? 87   VAL A CA  1 
ATOM   704  C  C   . VAL A 1 87  ? 15.499  1.345   -3.924  1.00 17.31 ? 87   VAL A C   1 
ATOM   705  O  O   . VAL A 1 87  ? 15.842  2.352   -3.290  1.00 16.61 ? 87   VAL A O   1 
ATOM   706  C  CB  . VAL A 1 87  ? 14.610  1.463   -6.279  1.00 17.81 ? 87   VAL A CB  1 
ATOM   707  C  CG1 . VAL A 1 87  ? 14.127  2.912   -6.098  1.00 18.23 ? 87   VAL A CG1 1 
ATOM   708  C  CG2 . VAL A 1 87  ? 14.938  1.191   -7.736  1.00 17.86 ? 87   VAL A CG2 1 
ATOM   709  N  N   . TYR A 1 88  ? 14.830  0.329   -3.381  1.00 17.02 ? 88   TYR A N   1 
ATOM   710  C  CA  . TYR A 1 88  ? 14.443  0.313   -1.973  1.00 17.08 ? 88   TYR A CA  1 
ATOM   711  C  C   . TYR A 1 88  ? 15.671  0.407   -1.055  1.00 16.83 ? 88   TYR A C   1 
ATOM   712  O  O   . TYR A 1 88  ? 15.696  1.228   -0.146  1.00 16.53 ? 88   TYR A O   1 
ATOM   713  C  CB  . TYR A 1 88  ? 13.637  -0.948  -1.669  1.00 17.32 ? 88   TYR A CB  1 
ATOM   714  C  CG  . TYR A 1 88  ? 13.075  -1.010  -0.267  1.00 17.49 ? 88   TYR A CG  1 
ATOM   715  C  CD1 . TYR A 1 88  ? 11.836  -0.422  0.047   1.00 18.47 ? 88   TYR A CD1 1 
ATOM   716  C  CD2 . TYR A 1 88  ? 13.768  -1.671  0.743   1.00 18.13 ? 88   TYR A CD2 1 
ATOM   717  C  CE1 . TYR A 1 88  ? 11.316  -0.494  1.342   1.00 18.93 ? 88   TYR A CE1 1 
ATOM   718  C  CE2 . TYR A 1 88  ? 13.256  -1.742  2.039   1.00 19.71 ? 88   TYR A CE2 1 
ATOM   719  C  CZ  . TYR A 1 88  ? 12.040  -1.157  2.329   1.00 18.65 ? 88   TYR A CZ  1 
ATOM   720  O  OH  . TYR A 1 88  ? 11.554  -1.242  3.613   1.00 20.04 ? 88   TYR A OH  1 
ATOM   721  N  N   . ASP A 1 89  ? 16.687  -0.414  -1.324  1.00 17.14 ? 89   ASP A N   1 
ATOM   722  C  CA  . ASP A 1 89  ? 17.953  -0.392  -0.575  1.00 17.05 ? 89   ASP A CA  1 
ATOM   723  C  C   . ASP A 1 89  ? 18.600  0.986   -0.568  1.00 16.64 ? 89   ASP A C   1 
ATOM   724  O  O   . ASP A 1 89  ? 19.239  1.368   0.413   1.00 16.96 ? 89   ASP A O   1 
ATOM   725  C  CB  . ASP A 1 89  ? 18.959  -1.389  -1.161  1.00 17.20 ? 89   ASP A CB  1 
ATOM   726  C  CG  . ASP A 1 89  ? 18.651  -2.838  -0.798  1.00 18.53 ? 89   ASP A CG  1 
ATOM   727  O  OD1 . ASP A 1 89  ? 17.842  -3.104  0.120   1.00 20.88 ? 89   ASP A OD1 1 
ATOM   728  O  OD2 . ASP A 1 89  ? 19.235  -3.726  -1.447  1.00 21.02 ? 89   ASP A OD2 1 
ATOM   729  N  N   . SER A 1 90  ? 18.433  1.719   -1.669  1.00 16.12 ? 90   SER A N   1 
ATOM   730  C  CA  . SER A 1 90  ? 19.092  3.013   -1.858  1.00 15.45 ? 90   SER A CA  1 
ATOM   731  C  C   . SER A 1 90  ? 18.437  4.149   -1.060  1.00 15.37 ? 90   SER A C   1 
ATOM   732  O  O   . SER A 1 90  ? 19.041  5.202   -0.871  1.00 15.26 ? 90   SER A O   1 
ATOM   733  C  CB  . SER A 1 90  ? 19.128  3.374   -3.344  1.00 15.59 ? 90   SER A CB  1 
ATOM   734  O  OG  . SER A 1 90  ? 17.915  3.978   -3.763  1.00 15.02 ? 90   SER A OG  1 
ATOM   735  N  N   . LEU A 1 91  ? 17.198  3.936   -0.619  1.00 14.59 ? 91   LEU A N   1 
ATOM   736  C  CA  . LEU A 1 91  ? 16.410  4.980   0.035   1.00 14.62 ? 91   LEU A CA  1 
ATOM   737  C  C   . LEU A 1 91  ? 16.654  5.039   1.542   1.00 14.38 ? 91   LEU A C   1 
ATOM   738  O  O   . LEU A 1 91  ? 17.044  4.043   2.159   1.00 14.62 ? 91   LEU A O   1 
ATOM   739  C  CB  . LEU A 1 91  ? 14.909  4.760   -0.221  1.00 14.44 ? 91   LEU A CB  1 
ATOM   740  C  CG  . LEU A 1 91  ? 14.313  4.842   -1.636  1.00 15.35 ? 91   LEU A CG  1 
ATOM   741  C  CD1 . LEU A 1 91  ? 12.879  4.313   -1.601  1.00 16.44 ? 91   LEU A CD1 1 
ATOM   742  C  CD2 . LEU A 1 91  ? 14.344  6.264   -2.176  1.00 14.85 ? 91   LEU A CD2 1 
ATOM   743  N  N   . ASP A 1 92  ? 16.399  6.216   2.112   1.00 14.10 ? 92   ASP A N   1 
ATOM   744  C  CA  . ASP A 1 92  ? 16.331  6.434   3.558   1.00 13.41 ? 92   ASP A CA  1 
ATOM   745  C  C   . ASP A 1 92  ? 15.022  5.819   4.068   1.00 13.66 ? 92   ASP A C   1 
ATOM   746  O  O   . ASP A 1 92  ? 14.136  5.525   3.272   1.00 12.80 ? 92   ASP A O   1 
ATOM   747  C  CB  . ASP A 1 92  ? 16.294  7.936   3.838   1.00 13.36 ? 92   ASP A CB  1 
ATOM   748  C  CG  . ASP A 1 92  ? 15.139  8.614   3.123   1.00 13.40 ? 92   ASP A CG  1 
ATOM   749  O  OD1 . ASP A 1 92  ? 15.300  8.919   1.921   1.00 13.35 ? 92   ASP A OD1 1 
ATOM   750  O  OD2 . ASP A 1 92  ? 14.061  8.771   3.741   1.00 13.51 ? 92   ASP A OD2 1 
ATOM   751  N  N   . ALA A 1 93  ? 14.898  5.672   5.387   1.00 13.60 ? 93   ALA A N   1 
ATOM   752  C  CA  . ALA A 1 93  ? 13.762  4.954   5.996   1.00 13.93 ? 93   ALA A CA  1 
ATOM   753  C  C   . ALA A 1 93  ? 12.375  5.580   5.741   1.00 13.60 ? 93   ALA A C   1 
ATOM   754  O  O   . ALA A 1 93  ? 11.376  4.854   5.602   1.00 13.26 ? 93   ALA A O   1 
ATOM   755  C  CB  . ALA A 1 93  ? 13.999  4.744   7.492   1.00 14.00 ? 93   ALA A CB  1 
ATOM   756  N  N   . VAL A 1 94  ? 12.311  6.909   5.671   1.00 13.06 ? 94   VAL A N   1 
ATOM   757  C  CA  . VAL A 1 94  ? 11.046  7.604   5.398   1.00 13.26 ? 94   VAL A CA  1 
ATOM   758  C  C   . VAL A 1 94  ? 10.551  7.271   3.983   1.00 13.34 ? 94   VAL A C   1 
ATOM   759  O  O   . VAL A 1 94  ? 9.390   6.900   3.791   1.00 13.60 ? 94   VAL A O   1 
ATOM   760  C  CB  . VAL A 1 94  ? 11.149  9.156   5.619   1.00 12.98 ? 94   VAL A CB  1 
ATOM   761  C  CG1 . VAL A 1 94  ? 9.808   9.861   5.309   1.00 12.89 ? 94   VAL A CG1 1 
ATOM   762  C  CG2 . VAL A 1 94  ? 11.611  9.494   7.049   1.00 14.27 ? 94   VAL A CG2 1 
ATOM   763  N  N   . ARG A 1 95  ? 11.443  7.386   3.005   1.00 13.22 ? 95   ARG A N   1 
ATOM   764  C  CA  . ARG A 1 95  ? 11.094  7.095   1.621   1.00 13.15 ? 95   ARG A CA  1 
ATOM   765  C  C   . ARG A 1 95  ? 10.841  5.602   1.394   1.00 13.02 ? 95   ARG A C   1 
ATOM   766  O  O   . ARG A 1 95  ? 10.052  5.226   0.517   1.00 13.11 ? 95   ARG A O   1 
ATOM   767  C  CB  . ARG A 1 95  ? 12.163  7.645   0.682   1.00 13.37 ? 95   ARG A CB  1 
ATOM   768  C  CG  . ARG A 1 95  ? 12.223  9.169   0.688   1.00 13.14 ? 95   ARG A CG  1 
ATOM   769  C  CD  . ARG A 1 95  ? 13.108  9.664   -0.438  1.00 12.07 ? 95   ARG A CD  1 
ATOM   770  N  NE  . ARG A 1 95  ? 13.103  11.122  -0.597  1.00 12.03 ? 95   ARG A NE  1 
ATOM   771  C  CZ  . ARG A 1 95  ? 13.914  11.964  0.040   1.00 14.21 ? 95   ARG A CZ  1 
ATOM   772  N  NH1 . ARG A 1 95  ? 14.810  11.518  0.922   1.00 14.32 ? 95   ARG A NH1 1 
ATOM   773  N  NH2 . ARG A 1 95  ? 13.825  13.272  -0.203  1.00 15.11 ? 95   ARG A NH2 1 
ATOM   774  N  N   . ARG A 1 96  ? 11.485  4.753   2.199   1.00 13.38 ? 96   ARG A N   1 
ATOM   775  C  CA  . ARG A 1 96  ? 11.177  3.315   2.202   1.00 13.68 ? 96   ARG A CA  1 
ATOM   776  C  C   . ARG A 1 96  ? 9.705   3.073   2.561   1.00 13.68 ? 96   ARG A C   1 
ATOM   777  O  O   . ARG A 1 96  ? 9.041   2.226   1.948   1.00 13.51 ? 96   ARG A O   1 
ATOM   778  C  CB  . ARG A 1 96  ? 12.094  2.550   3.163   1.00 13.83 ? 96   ARG A CB  1 
ATOM   779  C  CG  . ARG A 1 96  ? 13.454  2.259   2.564   1.00 14.89 ? 96   ARG A CG  1 
ATOM   780  C  CD  . ARG A 1 96  ? 14.360  1.488   3.506   1.00 14.62 ? 96   ARG A CD  1 
ATOM   781  N  NE  . ARG A 1 96  ? 15.694  1.407   2.937   1.00 14.90 ? 96   ARG A NE  1 
ATOM   782  C  CZ  . ARG A 1 96  ? 16.793  1.055   3.599   1.00 15.40 ? 96   ARG A CZ  1 
ATOM   783  N  NH1 . ARG A 1 96  ? 16.739  0.724   4.888   1.00 17.45 ? 96   ARG A NH1 1 
ATOM   784  N  NH2 . ARG A 1 96  ? 17.955  1.045   2.962   1.00 15.20 ? 96   ARG A NH2 1 
ATOM   785  N  N   . ALA A 1 97  ? 9.212   3.808   3.559   1.00 13.58 ? 97   ALA A N   1 
ATOM   786  C  CA  . ALA A 1 97  ? 7.798   3.734   3.942   1.00 13.81 ? 97   ALA A CA  1 
ATOM   787  C  C   . ALA A 1 97  ? 6.892   4.102   2.761   1.00 13.68 ? 97   ALA A C   1 
ATOM   788  O  O   . ALA A 1 97  ? 5.903   3.422   2.494   1.00 13.49 ? 97   ALA A O   1 
ATOM   789  C  CB  . ALA A 1 97  ? 7.515   4.631   5.135   1.00 13.37 ? 97   ALA A CB  1 
ATOM   790  N  N   . ALA A 1 98  ? 7.253   5.170   2.048   1.00 13.62 ? 98   ALA A N   1 
ATOM   791  C  CA  . ALA A 1 98  ? 6.531   5.585   0.845   1.00 13.41 ? 98   ALA A CA  1 
ATOM   792  C  C   . ALA A 1 98  ? 6.470   4.446   -0.200  1.00 13.37 ? 98   ALA A C   1 
ATOM   793  O  O   . ALA A 1 98  ? 5.411   4.187   -0.788  1.00 13.52 ? 98   ALA A O   1 
ATOM   794  C  CB  . ALA A 1 98  ? 7.160   6.852   0.259   1.00 13.44 ? 98   ALA A CB  1 
ATOM   795  N  N   . ALA A 1 99  ? 7.597   3.753   -0.385  1.00 12.93 ? 99   ALA A N   1 
ATOM   796  C  CA  . ALA A 1 99  ? 7.686   2.574   -1.259  1.00 12.81 ? 99   ALA A CA  1 
ATOM   797  C  C   . ALA A 1 99  ? 6.768   1.425   -0.833  1.00 12.90 ? 99   ALA A C   1 
ATOM   798  O  O   . ALA A 1 99  ? 6.066   0.848   -1.674  1.00 12.80 ? 99   ALA A O   1 
ATOM   799  C  CB  . ALA A 1 99  ? 9.132   2.081   -1.338  1.00 12.72 ? 99   ALA A CB  1 
ATOM   800  N  N   . ILE A 1 100 ? 6.813   1.078   0.457   1.00 13.35 ? 100  ILE A N   1 
ATOM   801  C  CA  . ILE A 1 100 ? 5.951   0.032   1.023   1.00 13.21 ? 100  ILE A CA  1 
ATOM   802  C  C   . ILE A 1 100 ? 4.490   0.422   0.800   1.00 12.97 ? 100  ILE A C   1 
ATOM   803  O  O   . ILE A 1 100 ? 3.683   -0.417  0.385   1.00 12.52 ? 100  ILE A O   1 
ATOM   804  C  CB  . ILE A 1 100 ? 6.225   -0.227  2.533   1.00 13.13 ? 100  ILE A CB  1 
ATOM   805  C  CG1 . ILE A 1 100 ? 7.656   -0.753  2.746   1.00 13.69 ? 100  ILE A CG1 1 
ATOM   806  C  CG2 . ILE A 1 100 ? 5.163   -1.198  3.133   1.00 13.59 ? 100  ILE A CG2 1 
ATOM   807  C  CD1 . ILE A 1 100 ? 8.146   -0.662  4.182   1.00 13.33 ? 100  ILE A CD1 1 
ATOM   808  N  N   . ASN A 1 101 ? 4.177   1.700   1.036   1.00 12.78 ? 101  ASN A N   1 
ATOM   809  C  CA  . ASN A 1 101 ? 2.821   2.232   0.843   1.00 13.34 ? 101  ASN A CA  1 
ATOM   810  C  C   . ASN A 1 101 ? 2.278   1.926   -0.563  1.00 13.61 ? 101  ASN A C   1 
ATOM   811  O  O   . ASN A 1 101 ? 1.173   1.390   -0.704  1.00 13.36 ? 101  ASN A O   1 
ATOM   812  C  CB  . ASN A 1 101 ? 2.779   3.739   1.126   1.00 12.90 ? 101  ASN A CB  1 
ATOM   813  C  CG  . ASN A 1 101 ? 1.358   4.268   1.293   1.00 13.43 ? 101  ASN A CG  1 
ATOM   814  O  OD1 . ASN A 1 101 ? 0.500   4.068   0.429   1.00 11.41 ? 101  ASN A OD1 1 
ATOM   815  N  ND2 . ASN A 1 101 ? 1.118   4.976   2.395   1.00 12.10 ? 101  ASN A ND2 1 
ATOM   816  N  N   . MET A 1 102 ? 3.071   2.259   -1.582  1.00 13.48 ? 102  MET A N   1 
ATOM   817  C  CA  . MET A 1 102 ? 2.730   1.983   -2.983  1.00 14.61 ? 102  MET A CA  1 
ATOM   818  C  C   . MET A 1 102 ? 2.463   0.500   -3.240  1.00 14.35 ? 102  MET A C   1 
ATOM   819  O  O   . MET A 1 102 ? 1.433   0.141   -3.826  1.00 14.68 ? 102  MET A O   1 
ATOM   820  C  CB  . MET A 1 102 ? 3.837   2.491   -3.909  1.00 14.28 ? 102  MET A CB  1 
ATOM   821  C  CG  . MET A 1 102 ? 3.882   4.003   -4.052  1.00 14.88 ? 102  MET A CG  1 
ATOM   822  S  SD  . MET A 1 102 ? 5.005   4.520   -5.369  1.00 16.79 ? 102  MET A SD  1 
ATOM   823  C  CE  . MET A 1 102 ? 4.036   4.215   -6.837  1.00 17.16 ? 102  MET A CE  1 
ATOM   824  N  N   . VAL A 1 103 ? 3.377   -0.355  -2.787  1.00 14.36 ? 103  VAL A N   1 
ATOM   825  C  CA  . VAL A 1 103 ? 3.248   -1.807  -2.977  1.00 14.82 ? 103  VAL A CA  1 
ATOM   826  C  C   . VAL A 1 103 ? 2.011   -2.363  -2.254  1.00 14.79 ? 103  VAL A C   1 
ATOM   827  O  O   . VAL A 1 103 ? 1.282   -3.198  -2.810  1.00 15.07 ? 103  VAL A O   1 
ATOM   828  C  CB  . VAL A 1 103 ? 4.540   -2.571  -2.555  1.00 14.59 ? 103  VAL A CB  1 
ATOM   829  C  CG1 . VAL A 1 103 ? 4.307   -4.093  -2.550  1.00 14.48 ? 103  VAL A CG1 1 
ATOM   830  C  CG2 . VAL A 1 103 ? 5.691   -2.223  -3.492  1.00 15.14 ? 103  VAL A CG2 1 
ATOM   831  N  N   . PHE A 1 104 ? 1.778   -1.896  -1.030  1.00 15.14 ? 104  PHE A N   1 
ATOM   832  C  CA  . PHE A 1 104 ? 0.554   -2.218  -0.284  1.00 15.65 ? 104  PHE A CA  1 
ATOM   833  C  C   . PHE A 1 104 ? -0.708  -1.925  -1.123  1.00 15.86 ? 104  PHE A C   1 
ATOM   834  O  O   . PHE A 1 104 ? -1.619  -2.751  -1.188  1.00 15.50 ? 104  PHE A O   1 
ATOM   835  C  CB  . PHE A 1 104 ? 0.519   -1.436  1.030   1.00 15.44 ? 104  PHE A CB  1 
ATOM   836  C  CG  . PHE A 1 104 ? -0.521  -1.914  2.014   1.00 15.98 ? 104  PHE A CG  1 
ATOM   837  C  CD1 . PHE A 1 104 ? -1.843  -1.458  1.941   1.00 16.90 ? 104  PHE A CD1 1 
ATOM   838  C  CD2 . PHE A 1 104 ? -0.173  -2.798  3.034   1.00 16.77 ? 104  PHE A CD2 1 
ATOM   839  C  CE1 . PHE A 1 104 ? -2.812  -1.898  2.871   1.00 16.44 ? 104  PHE A CE1 1 
ATOM   840  C  CE2 . PHE A 1 104 ? -1.127  -3.229  3.966   1.00 16.40 ? 104  PHE A CE2 1 
ATOM   841  C  CZ  . PHE A 1 104 ? -2.447  -2.780  3.877   1.00 15.93 ? 104  PHE A CZ  1 
ATOM   842  N  N   . GLN A 1 105 ? -0.741  -0.770  -1.784  1.00 16.41 ? 105  GLN A N   1 
ATOM   843  C  CA  . GLN A 1 105 ? -1.925  -0.358  -2.537  1.00 17.15 ? 105  GLN A CA  1 
ATOM   844  C  C   . GLN A 1 105 ? -2.103  -1.064  -3.889  1.00 18.57 ? 105  GLN A C   1 
ATOM   845  O  O   . GLN A 1 105 ? -3.231  -1.438  -4.242  1.00 18.20 ? 105  GLN A O   1 
ATOM   846  C  CB  . GLN A 1 105 ? -1.949  1.168   -2.729  1.00 17.06 ? 105  GLN A CB  1 
ATOM   847  C  CG  . GLN A 1 105 ? -3.225  1.722   -3.417  1.00 15.82 ? 105  GLN A CG  1 
ATOM   848  C  CD  . GLN A 1 105 ? -3.142  3.213   -3.716  1.00 16.23 ? 105  GLN A CD  1 
ATOM   849  O  OE1 . GLN A 1 105 ? -2.147  3.865   -3.408  1.00 14.87 ? 105  GLN A OE1 1 
ATOM   850  N  NE2 . GLN A 1 105 ? -4.190  3.756   -4.336  1.00 13.91 ? 105  GLN A NE2 1 
ATOM   851  N  N   . MET A 1 106 ? -1.005  -1.256  -4.628  1.00 19.62 ? 106  MET A N   1 
ATOM   852  C  CA  A MET A 1 106 ? -1.109  -1.706  -6.020  0.70 21.01 ? 106  MET A CA  1 
ATOM   853  C  CA  B MET A 1 106 ? -1.068  -1.684  -6.032  0.30 20.43 ? 106  MET A CA  1 
ATOM   854  C  C   . MET A 1 106 ? -0.383  -3.012  -6.344  1.00 21.39 ? 106  MET A C   1 
ATOM   855  O  O   . MET A 1 106 ? -0.530  -3.541  -7.448  1.00 20.98 ? 106  MET A O   1 
ATOM   856  C  CB  A MET A 1 106 ? -0.685  -0.591  -6.990  0.70 20.77 ? 106  MET A CB  1 
ATOM   857  C  CB  B MET A 1 106 ? -0.463  -0.606  -6.927  0.30 20.36 ? 106  MET A CB  1 
ATOM   858  C  CG  A MET A 1 106 ? 0.795   -0.223  -6.947  0.70 21.24 ? 106  MET A CG  1 
ATOM   859  C  CG  B MET A 1 106 ? -1.259  0.670   -6.985  0.30 20.06 ? 106  MET A CG  1 
ATOM   860  S  SD  A MET A 1 106 ? 1.276   1.082   -8.106  0.70 22.80 ? 106  MET A SD  1 
ATOM   861  S  SD  B MET A 1 106 ? -0.337  1.974   -7.804  0.30 20.06 ? 106  MET A SD  1 
ATOM   862  C  CE  A MET A 1 106 ? 0.103   2.347   -7.672  0.70 23.05 ? 106  MET A CE  1 
ATOM   863  C  CE  B MET A 1 106 ? 0.750   2.506   -6.476  0.30 19.42 ? 106  MET A CE  1 
ATOM   864  N  N   . GLY A 1 107 ? 0.384   -3.533  -5.386  1.00 22.96 ? 107  GLY A N   1 
ATOM   865  C  CA  . GLY A 1 107 ? 1.152   -4.761  -5.585  1.00 25.46 ? 107  GLY A CA  1 
ATOM   866  C  C   . GLY A 1 107 ? 2.354   -4.536  -6.493  1.00 27.39 ? 107  GLY A C   1 
ATOM   867  O  O   . GLY A 1 107 ? 2.508   -3.463  -7.093  1.00 27.15 ? 107  GLY A O   1 
ATOM   868  N  N   . GLU A 1 108 ? 3.208   -5.548  -6.602  1.00 29.52 ? 108  GLU A N   1 
ATOM   869  C  CA  . GLU A 1 108 ? 4.361   -5.495  -7.508  1.00 31.84 ? 108  GLU A CA  1 
ATOM   870  C  C   . GLU A 1 108 ? 3.985   -5.306  -8.981  1.00 32.88 ? 108  GLU A C   1 
ATOM   871  O  O   . GLU A 1 108 ? 4.699   -4.633  -9.723  1.00 33.60 ? 108  GLU A O   1 
ATOM   872  C  CB  . GLU A 1 108 ? 5.205   -6.754  -7.373  1.00 32.34 ? 108  GLU A CB  1 
ATOM   873  C  CG  . GLU A 1 108 ? 5.840   -6.937  -6.024  1.00 33.91 ? 108  GLU A CG  1 
ATOM   874  C  CD  . GLU A 1 108 ? 6.505   -8.282  -5.919  1.00 36.59 ? 108  GLU A CD  1 
ATOM   875  O  OE1 . GLU A 1 108 ? 6.057   -9.092  -5.083  1.00 38.86 ? 108  GLU A OE1 1 
ATOM   876  O  OE2 . GLU A 1 108 ? 7.455   -8.542  -6.693  1.00 37.08 ? 108  GLU A OE2 1 
ATOM   877  N  N   . THR A 1 109 ? 2.875   -5.905  -9.404  1.00 34.04 ? 109  THR A N   1 
ATOM   878  C  CA  . THR A 1 109 ? 2.415   -5.760  -10.789 1.00 35.13 ? 109  THR A CA  1 
ATOM   879  C  C   . THR A 1 109 ? 1.936   -4.335  -11.074 1.00 35.20 ? 109  THR A C   1 
ATOM   880  O  O   . THR A 1 109 ? 2.068   -3.840  -12.197 1.00 35.47 ? 109  THR A O   1 
ATOM   881  C  CB  . THR A 1 109 ? 1.304   -6.771  -11.154 1.00 35.35 ? 109  THR A CB  1 
ATOM   882  O  OG1 . THR A 1 109 ? 0.231   -6.681  -10.205 1.00 36.55 ? 109  THR A OG1 1 
ATOM   883  C  CG2 . THR A 1 109 ? 1.858   -8.198  -11.167 1.00 35.92 ? 109  THR A CG2 1 
ATOM   884  N  N   . GLY A 1 110 ? 1.385   -3.682  -10.051 1.00 35.22 ? 110  GLY A N   1 
ATOM   885  C  CA  . GLY A 1 110 ? 0.959   -2.289  -10.163 1.00 34.89 ? 110  GLY A CA  1 
ATOM   886  C  C   . GLY A 1 110 ? 2.129   -1.331  -10.293 1.00 34.83 ? 110  GLY A C   1 
ATOM   887  O  O   . GLY A 1 110 ? 2.029   -0.321  -10.995 1.00 34.72 ? 110  GLY A O   1 
ATOM   888  N  N   . VAL A 1 111 ? 3.235   -1.646  -9.616  1.00 34.56 ? 111  VAL A N   1 
ATOM   889  C  CA  . VAL A 1 111 ? 4.416   -0.774  -9.611  1.00 34.51 ? 111  VAL A CA  1 
ATOM   890  C  C   . VAL A 1 111 ? 5.349   -1.056  -10.798 1.00 34.28 ? 111  VAL A C   1 
ATOM   891  O  O   . VAL A 1 111 ? 6.346   -0.350  -10.990 1.00 34.50 ? 111  VAL A O   1 
ATOM   892  C  CB  . VAL A 1 111 ? 5.211   -0.834  -8.262  1.00 34.54 ? 111  VAL A CB  1 
ATOM   893  C  CG1 . VAL A 1 111 ? 4.317   -0.507  -7.077  1.00 34.80 ? 111  VAL A CG1 1 
ATOM   894  C  CG2 . VAL A 1 111 ? 5.868   -2.189  -8.060  1.00 34.93 ? 111  VAL A CG2 1 
ATOM   895  N  N   . ALA A 1 112 ? 5.014   -2.083  -11.584 1.00 33.58 ? 112  ALA A N   1 
ATOM   896  C  CA  . ALA A 1 112 ? 5.838   -2.523  -12.720 1.00 32.70 ? 112  ALA A CA  1 
ATOM   897  C  C   . ALA A 1 112 ? 6.040   -1.445  -13.786 1.00 31.91 ? 112  ALA A C   1 
ATOM   898  O  O   . ALA A 1 112 ? 7.120   -1.336  -14.363 1.00 32.10 ? 112  ALA A O   1 
ATOM   899  C  CB  . ALA A 1 112 ? 5.263   -3.805  -13.349 1.00 32.65 ? 112  ALA A CB  1 
ATOM   900  N  N   . GLY A 1 113 ? 5.005   -0.650  -14.045 1.00 30.88 ? 113  GLY A N   1 
ATOM   901  C  CA  . GLY A 1 113 ? 5.107   0.434   -15.025 1.00 29.50 ? 113  GLY A CA  1 
ATOM   902  C  C   . GLY A 1 113 ? 5.912   1.640   -14.553 1.00 28.24 ? 113  GLY A C   1 
ATOM   903  O  O   . GLY A 1 113 ? 6.135   2.576   -15.326 1.00 28.59 ? 113  GLY A O   1 
ATOM   904  N  N   . PHE A 1 114 ? 6.353   1.618   -13.293 1.00 26.61 ? 114  PHE A N   1 
ATOM   905  C  CA  . PHE A 1 114 ? 7.030   2.772   -12.686 1.00 24.83 ? 114  PHE A CA  1 
ATOM   906  C  C   . PHE A 1 114 ? 8.559   2.764   -12.845 1.00 24.06 ? 114  PHE A C   1 
ATOM   907  O  O   . PHE A 1 114 ? 9.266   3.368   -12.038 1.00 23.35 ? 114  PHE A O   1 
ATOM   908  C  CB  . PHE A 1 114 ? 6.634   2.919   -11.207 1.00 24.61 ? 114  PHE A CB  1 
ATOM   909  C  CG  . PHE A 1 114 ? 5.247   3.465   -10.999 1.00 23.77 ? 114  PHE A CG  1 
ATOM   910  C  CD1 . PHE A 1 114 ? 4.141   2.623   -11.023 1.00 23.84 ? 114  PHE A CD1 1 
ATOM   911  C  CD2 . PHE A 1 114 ? 5.047   4.828   -10.784 1.00 22.82 ? 114  PHE A CD2 1 
ATOM   912  C  CE1 . PHE A 1 114 ? 2.846   3.130   -10.834 1.00 22.95 ? 114  PHE A CE1 1 
ATOM   913  C  CE2 . PHE A 1 114 ? 3.763   5.345   -10.588 1.00 22.86 ? 114  PHE A CE2 1 
ATOM   914  C  CZ  . PHE A 1 114 ? 2.660   4.493   -10.617 1.00 23.41 ? 114  PHE A CZ  1 
ATOM   915  N  N   . THR A 1 115 ? 9.049   2.104   -13.896 1.00 23.35 ? 115  THR A N   1 
ATOM   916  C  CA  . THR A 1 115 ? 10.493  1.998   -14.198 1.00 23.12 ? 115  THR A CA  1 
ATOM   917  C  C   . THR A 1 115 ? 11.248  3.331   -14.151 1.00 22.31 ? 115  THR A C   1 
ATOM   918  O  O   . THR A 1 115 ? 12.255  3.460   -13.457 1.00 22.17 ? 115  THR A O   1 
ATOM   919  C  CB  . THR A 1 115 ? 10.725  1.333   -15.584 1.00 23.05 ? 115  THR A CB  1 
ATOM   920  O  OG1 . THR A 1 115 ? 10.055  0.071   -15.617 1.00 24.47 ? 115  THR A OG1 1 
ATOM   921  C  CG2 . THR A 1 115 ? 12.223  1.126   -15.869 1.00 24.14 ? 115  THR A CG2 1 
ATOM   922  N  N   . ASN A 1 116 ? 10.753  4.313   -14.895 1.00 21.62 ? 116  ASN A N   1 
ATOM   923  C  CA  . ASN A 1 116 ? 11.390  5.622   -14.970 1.00 21.35 ? 116  ASN A CA  1 
ATOM   924  C  C   . ASN A 1 116 ? 11.364  6.381   -13.632 1.00 20.40 ? 116  ASN A C   1 
ATOM   925  O  O   . ASN A 1 116 ? 12.352  7.006   -13.251 1.00 19.86 ? 116  ASN A O   1 
ATOM   926  C  CB  . ASN A 1 116 ? 10.777  6.440   -16.111 1.00 21.48 ? 116  ASN A CB  1 
ATOM   927  C  CG  . ASN A 1 116 ? 10.796  5.681   -17.443 1.00 22.63 ? 116  ASN A CG  1 
ATOM   928  O  OD1 . ASN A 1 116 ? 11.753  4.963   -17.749 1.00 24.38 ? 116  ASN A OD1 1 
ATOM   929  N  ND2 . ASN A 1 116 ? 9.735   5.828   -18.229 1.00 22.10 ? 116  ASN A ND2 1 
ATOM   930  N  N   . SER A 1 117 ? 10.234  6.302   -12.930 1.00 19.81 ? 117  SER A N   1 
ATOM   931  C  CA  . SER A 1 117 ? 10.105  6.838   -11.571 1.00 19.55 ? 117  SER A CA  1 
ATOM   932  C  C   . SER A 1 117 ? 11.159  6.224   -10.661 1.00 18.72 ? 117  SER A C   1 
ATOM   933  O  O   . SER A 1 117 ? 11.866  6.938   -9.952  1.00 18.23 ? 117  SER A O   1 
ATOM   934  C  CB  . SER A 1 117 ? 8.715   6.542   -11.003 1.00 19.34 ? 117  SER A CB  1 
ATOM   935  O  OG  . SER A 1 117 ? 7.785   7.535   -11.386 1.00 22.09 ? 117  SER A OG  1 
ATOM   936  N  N   . LEU A 1 118 ? 11.253  4.896   -10.705 1.00 18.64 ? 118  LEU A N   1 
ATOM   937  C  CA  . LEU A 1 118 ? 12.199  4.125   -9.896  1.00 18.57 ? 118  LEU A CA  1 
ATOM   938  C  C   . LEU A 1 118 ? 13.642  4.557   -10.142 1.00 18.75 ? 118  LEU A C   1 
ATOM   939  O  O   . LEU A 1 118 ? 14.407  4.740   -9.189  1.00 18.17 ? 118  LEU A O   1 
ATOM   940  C  CB  . LEU A 1 118 ? 12.048  2.621   -10.168 1.00 18.43 ? 118  LEU A CB  1 
ATOM   941  C  CG  . LEU A 1 118 ? 10.792  1.918   -9.641  1.00 18.91 ? 118  LEU A CG  1 
ATOM   942  C  CD1 . LEU A 1 118 ? 10.702  0.495   -10.201 1.00 18.75 ? 118  LEU A CD1 1 
ATOM   943  C  CD2 . LEU A 1 118 ? 10.768  1.886   -8.130  1.00 19.34 ? 118  LEU A CD2 1 
ATOM   944  N  N   . ARG A 1 119 ? 14.002  4.716   -11.415 1.00 18.98 ? 119  ARG A N   1 
ATOM   945  C  CA  . ARG A 1 119 ? 15.330  5.202   -11.791 1.00 20.01 ? 119  ARG A CA  1 
ATOM   946  C  C   . ARG A 1 119 ? 15.614  6.566   -11.171 1.00 19.14 ? 119  ARG A C   1 
ATOM   947  O  O   . ARG A 1 119 ? 16.670  6.766   -10.578 1.00 18.99 ? 119  ARG A O   1 
ATOM   948  C  CB  . ARG A 1 119 ? 15.477  5.276   -13.310 1.00 19.94 ? 119  ARG A CB  1 
ATOM   949  C  CG  . ARG A 1 119 ? 16.854  5.781   -13.772 1.00 21.68 ? 119  ARG A CG  1 
ATOM   950  C  CD  . ARG A 1 119 ? 17.041  5.639   -15.279 1.00 22.75 ? 119  ARG A CD  1 
ATOM   951  N  NE  . ARG A 1 119 ? 16.699  4.286   -15.724 1.00 28.91 ? 119  ARG A NE  1 
ATOM   952  C  CZ  . ARG A 1 119 ? 15.577  3.948   -16.364 1.00 30.36 ? 119  ARG A CZ  1 
ATOM   953  N  NH1 . ARG A 1 119 ? 14.658  4.867   -16.674 1.00 29.60 ? 119  ARG A NH1 1 
ATOM   954  N  NH2 . ARG A 1 119 ? 15.380  2.676   -16.696 1.00 31.48 ? 119  ARG A NH2 1 
ATOM   955  N  N   . MET A 1 120 ? 14.664  7.493   -11.305 1.00 18.87 ? 120  MET A N   1 
ATOM   956  C  CA  . MET A 1 120 ? 14.812  8.843   -10.744 1.00 18.77 ? 120  MET A CA  1 
ATOM   957  C  C   . MET A 1 120 ? 14.954  8.842   -9.217  1.00 17.88 ? 120  MET A C   1 
ATOM   958  O  O   . MET A 1 120 ? 15.775  9.584   -8.667  1.00 17.23 ? 120  MET A O   1 
ATOM   959  C  CB  . MET A 1 120 ? 13.656  9.746   -11.164 1.00 19.03 ? 120  MET A CB  1 
ATOM   960  C  CG  . MET A 1 120 ? 13.636  10.089  -12.643 1.00 20.03 ? 120  MET A CG  1 
ATOM   961  S  SD  . MET A 1 120 ? 12.117  10.960  -13.050 1.00 21.19 ? 120  MET A SD  1 
ATOM   962  C  CE  . MET A 1 120 ? 12.079  10.780  -14.830 1.00 21.73 ? 120  MET A CE  1 
ATOM   963  N  N   . LEU A 1 121 ? 14.151  8.019   -8.540  1.00 16.74 ? 121  LEU A N   1 
ATOM   964  C  CA  . LEU A 1 121 ? 14.278  7.845   -7.087  1.00 16.44 ? 121  LEU A CA  1 
ATOM   965  C  C   . LEU A 1 121 ? 15.660  7.321   -6.674  1.00 16.62 ? 121  LEU A C   1 
ATOM   966  O  O   . LEU A 1 121 ? 16.251  7.825   -5.716  1.00 16.08 ? 121  LEU A O   1 
ATOM   967  C  CB  . LEU A 1 121 ? 13.171  6.938   -6.537  1.00 16.20 ? 121  LEU A CB  1 
ATOM   968  C  CG  . LEU A 1 121 ? 11.744  7.500   -6.586  1.00 15.33 ? 121  LEU A CG  1 
ATOM   969  C  CD1 . LEU A 1 121 ? 10.772  6.419   -6.129  1.00 17.10 ? 121  LEU A CD1 1 
ATOM   970  C  CD2 . LEU A 1 121 ? 11.600  8.746   -5.733  1.00 16.76 ? 121  LEU A CD2 1 
ATOM   971  N  N   . GLN A 1 122 ? 16.168  6.321   -7.397  1.00 16.89 ? 122  GLN A N   1 
ATOM   972  C  CA  . GLN A 1 122 ? 17.513  5.796   -7.127  1.00 17.73 ? 122  GLN A CA  1 
ATOM   973  C  C   . GLN A 1 122 ? 18.601  6.860   -7.358  1.00 17.50 ? 122  GLN A C   1 
ATOM   974  O  O   . GLN A 1 122 ? 19.573  6.929   -6.598  1.00 17.25 ? 122  GLN A O   1 
ATOM   975  C  CB  . GLN A 1 122 ? 17.810  4.527   -7.938  1.00 18.26 ? 122  GLN A CB  1 
ATOM   976  C  CG  . GLN A 1 122 ? 19.184  3.939   -7.607  1.00 20.40 ? 122  GLN A CG  1 
ATOM   977  C  CD  . GLN A 1 122 ? 19.317  2.449   -7.852  1.00 24.15 ? 122  GLN A CD  1 
ATOM   978  O  OE1 . GLN A 1 122 ? 18.378  1.775   -8.282  1.00 26.91 ? 122  GLN A OE1 1 
ATOM   979  N  NE2 . GLN A 1 122 ? 20.502  1.921   -7.560  1.00 25.90 ? 122  GLN A NE2 1 
ATOM   980  N  N   . GLN A 1 123 ? 18.412  7.696   -8.381  1.00 17.48 ? 123  GLN A N   1 
ATOM   981  C  CA  . GLN A 1 123 ? 19.297  8.847   -8.650  1.00 17.83 ? 123  GLN A CA  1 
ATOM   982  C  C   . GLN A 1 123 ? 19.107  10.006  -7.654  1.00 17.08 ? 123  GLN A C   1 
ATOM   983  O  O   . GLN A 1 123 ? 19.855  10.989  -7.683  1.00 16.49 ? 123  GLN A O   1 
ATOM   984  C  CB  . GLN A 1 123 ? 19.085  9.372   -10.078 1.00 17.53 ? 123  GLN A CB  1 
ATOM   985  C  CG  . GLN A 1 123 ? 19.466  8.397   -11.195 1.00 19.46 ? 123  GLN A CG  1 
ATOM   986  C  CD  . GLN A 1 123 ? 18.979  8.861   -12.567 1.00 19.66 ? 123  GLN A CD  1 
ATOM   987  O  OE1 . GLN A 1 123 ? 19.751  8.930   -13.518 1.00 24.40 ? 123  GLN A OE1 1 
ATOM   988  N  NE2 . GLN A 1 123 ? 17.696  9.191   -12.664 1.00 21.99 ? 123  GLN A NE2 1 
ATOM   989  N  N   . LYS A 1 124 ? 18.097  9.892   -6.789  1.00 16.61 ? 124  LYS A N   1 
ATOM   990  C  CA  . LYS A 1 124 ? 17.738  10.945  -5.824  1.00 16.23 ? 124  LYS A CA  1 
ATOM   991  C  C   . LYS A 1 124 ? 17.345  12.275  -6.490  1.00 16.25 ? 124  LYS A C   1 
ATOM   992  O  O   . LYS A 1 124 ? 17.569  13.360  -5.945  1.00 15.83 ? 124  LYS A O   1 
ATOM   993  C  CB  . LYS A 1 124 ? 18.833  11.124  -4.751  1.00 15.88 ? 124  LYS A CB  1 
ATOM   994  C  CG  . LYS A 1 124 ? 19.111  9.837   -3.989  1.00 15.82 ? 124  LYS A CG  1 
ATOM   995  C  CD  . LYS A 1 124 ? 19.872  10.059  -2.691  1.00 16.04 ? 124  LYS A CD  1 
ATOM   996  C  CE  . LYS A 1 124 ? 20.203  8.713   -2.041  1.00 16.28 ? 124  LYS A CE  1 
ATOM   997  N  NZ  . LYS A 1 124 ? 18.957  7.994   -1.637  1.00 15.01 ? 124  LYS A NZ  1 
ATOM   998  N  N   . ARG A 1 125 ? 16.744  12.167  -7.676  1.00 16.23 ? 125  ARG A N   1 
ATOM   999  C  CA  A ARG A 1 125 ? 16.205  13.329  -8.379  0.70 16.60 ? 125  ARG A CA  1 
ATOM   1000 C  CA  B ARG A 1 125 ? 16.199  13.322  -8.385  0.30 16.01 ? 125  ARG A CA  1 
ATOM   1001 C  C   . ARG A 1 125 ? 14.751  13.524  -7.934  1.00 16.08 ? 125  ARG A C   1 
ATOM   1002 O  O   . ARG A 1 125 ? 13.806  13.226  -8.671  1.00 15.43 ? 125  ARG A O   1 
ATOM   1003 C  CB  A ARG A 1 125 ? 16.338  13.138  -9.895  0.70 16.67 ? 125  ARG A CB  1 
ATOM   1004 C  CB  B ARG A 1 125 ? 16.291  13.104  -9.899  0.30 16.08 ? 125  ARG A CB  1 
ATOM   1005 C  CG  A ARG A 1 125 ? 17.780  12.907  -10.340 0.70 17.80 ? 125  ARG A CG  1 
ATOM   1006 C  CG  B ARG A 1 125 ? 17.705  13.225  -10.463 0.30 15.98 ? 125  ARG A CG  1 
ATOM   1007 C  CD  A ARG A 1 125 ? 17.929  12.750  -11.845 0.70 18.03 ? 125  ARG A CD  1 
ATOM   1008 C  CD  B ARG A 1 125 ? 17.880  12.472  -11.782 0.30 15.32 ? 125  ARG A CD  1 
ATOM   1009 N  NE  A ARG A 1 125 ? 19.341  12.754  -12.228 0.70 21.96 ? 125  ARG A NE  1 
ATOM   1010 N  NE  B ARG A 1 125 ? 16.939  12.905  -12.814 0.30 14.72 ? 125  ARG A NE  1 
ATOM   1011 C  CZ  A ARG A 1 125 ? 19.799  12.649  -13.476 0.70 23.05 ? 125  ARG A CZ  1 
ATOM   1012 C  CZ  B ARG A 1 125 ? 16.940  12.477  -14.075 0.30 14.93 ? 125  ARG A CZ  1 
ATOM   1013 N  NH1 A ARG A 1 125 ? 18.960  12.523  -14.499 0.70 24.44 ? 125  ARG A NH1 1 
ATOM   1014 N  NH1 B ARG A 1 125 ? 16.033  12.937  -14.926 0.30 14.47 ? 125  ARG A NH1 1 
ATOM   1015 N  NH2 A ARG A 1 125 ? 21.106  12.665  -13.701 0.70 23.97 ? 125  ARG A NH2 1 
ATOM   1016 N  NH2 B ARG A 1 125 ? 17.842  11.596  -14.494 0.30 14.70 ? 125  ARG A NH2 1 
ATOM   1017 N  N   . TRP A 1 126 ? 14.595  14.021  -6.706  1.00 15.64 ? 126  TRP A N   1 
ATOM   1018 C  CA  . TRP A 1 126 ? 13.312  14.018  -6.004  1.00 15.36 ? 126  TRP A CA  1 
ATOM   1019 C  C   . TRP A 1 126 ? 12.169  14.749  -6.707  1.00 15.47 ? 126  TRP A C   1 
ATOM   1020 O  O   . TRP A 1 126 ? 11.070  14.198  -6.834  1.00 15.33 ? 126  TRP A O   1 
ATOM   1021 C  CB  . TRP A 1 126 ? 13.479  14.518  -4.564  1.00 15.01 ? 126  TRP A CB  1 
ATOM   1022 C  CG  . TRP A 1 126 ? 14.543  13.796  -3.757  1.00 14.49 ? 126  TRP A CG  1 
ATOM   1023 C  CD1 . TRP A 1 126 ? 15.573  14.369  -3.070  1.00 14.01 ? 126  TRP A CD1 1 
ATOM   1024 C  CD2 . TRP A 1 126 ? 14.676  12.378  -3.568  1.00 14.36 ? 126  TRP A CD2 1 
ATOM   1025 N  NE1 . TRP A 1 126 ? 16.336  13.403  -2.449  1.00 13.59 ? 126  TRP A NE1 1 
ATOM   1026 C  CE2 . TRP A 1 126 ? 15.813  12.171  -2.747  1.00 14.80 ? 126  TRP A CE2 1 
ATOM   1027 C  CE3 . TRP A 1 126 ? 13.946  11.262  -4.013  1.00 13.81 ? 126  TRP A CE3 1 
ATOM   1028 C  CZ2 . TRP A 1 126 ? 16.228  10.894  -2.345  1.00 14.90 ? 126  TRP A CZ2 1 
ATOM   1029 C  CZ3 . TRP A 1 126 ? 14.369  9.993   -3.632  1.00 14.67 ? 126  TRP A CZ3 1 
ATOM   1030 C  CH2 . TRP A 1 126 ? 15.499  9.818   -2.800  1.00 15.06 ? 126  TRP A CH2 1 
ATOM   1031 N  N   . ASP A 1 127 ? 12.424  15.979  -7.149  1.00 15.85 ? 127  ASP A N   1 
ATOM   1032 C  CA  . ASP A 1 127 ? 11.410  16.770  -7.861  1.00 16.62 ? 127  ASP A CA  1 
ATOM   1033 C  C   . ASP A 1 127 ? 11.000  16.130  -9.192  1.00 16.25 ? 127  ASP A C   1 
ATOM   1034 O  O   . ASP A 1 127 ? 9.809   16.032  -9.492  1.00 15.95 ? 127  ASP A O   1 
ATOM   1035 C  CB  . ASP A 1 127 ? 11.856  18.232  -8.041  1.00 16.72 ? 127  ASP A CB  1 
ATOM   1036 C  CG  . ASP A 1 127 ? 11.720  19.048  -6.754  1.00 18.25 ? 127  ASP A CG  1 
ATOM   1037 O  OD1 . ASP A 1 127 ? 11.704  18.455  -5.655  1.00 19.27 ? 127  ASP A OD1 1 
ATOM   1038 O  OD2 . ASP A 1 127 ? 11.635  20.287  -6.832  1.00 20.74 ? 127  ASP A OD2 1 
ATOM   1039 N  N   . GLU A 1 128 ? 11.985  15.667  -9.961  1.00 16.41 ? 128  GLU A N   1 
ATOM   1040 C  CA  . GLU A 1 128 ? 11.722  14.980  -11.223 1.00 16.68 ? 128  GLU A CA  1 
ATOM   1041 C  C   . GLU A 1 128 ? 10.962  13.677  -10.988 1.00 16.29 ? 128  GLU A C   1 
ATOM   1042 O  O   . GLU A 1 128 ? 10.019  13.369  -11.719 1.00 16.27 ? 128  GLU A O   1 
ATOM   1043 C  CB  . GLU A 1 128 ? 13.021  14.695  -11.979 1.00 17.20 ? 128  GLU A CB  1 
ATOM   1044 C  CG  . GLU A 1 128 ? 13.668  15.927  -12.578 1.00 19.62 ? 128  GLU A CG  1 
ATOM   1045 C  CD  . GLU A 1 128 ? 15.090  15.670  -13.020 1.00 23.03 ? 128  GLU A CD  1 
ATOM   1046 O  OE1 . GLU A 1 128 ? 15.311  15.513  -14.235 1.00 25.83 ? 128  GLU A OE1 1 
ATOM   1047 O  OE2 . GLU A 1 128 ? 15.992  15.625  -12.160 1.00 25.83 ? 128  GLU A OE2 1 
ATOM   1048 N  N   . ALA A 1 129 ? 11.381  12.919  -9.970  1.00 15.86 ? 129  ALA A N   1 
ATOM   1049 C  CA  . ALA A 1 129 ? 10.688  11.690  -9.578  1.00 15.72 ? 129  ALA A CA  1 
ATOM   1050 C  C   . ALA A 1 129 ? 9.221   11.989  -9.260  1.00 15.65 ? 129  ALA A C   1 
ATOM   1051 O  O   . ALA A 1 129 ? 8.331   11.289  -9.731  1.00 15.38 ? 129  ALA A O   1 
ATOM   1052 C  CB  . ALA A 1 129 ? 11.379  11.031  -8.382  1.00 15.35 ? 129  ALA A CB  1 
ATOM   1053 N  N   . ALA A 1 130 ? 8.992   13.046  -8.479  1.00 15.66 ? 130  ALA A N   1 
ATOM   1054 C  CA  . ALA A 1 130 ? 7.651   13.433  -8.029  1.00 16.06 ? 130  ALA A CA  1 
ATOM   1055 C  C   . ALA A 1 130 ? 6.727   13.750  -9.211  1.00 16.34 ? 130  ALA A C   1 
ATOM   1056 O  O   . ALA A 1 130 ? 5.570   13.324  -9.238  1.00 15.99 ? 130  ALA A O   1 
ATOM   1057 C  CB  . ALA A 1 130 ? 7.742   14.629  -7.079  1.00 16.09 ? 130  ALA A CB  1 
ATOM   1058 N  N   . VAL A 1 131 ? 7.258   14.494  -10.180 1.00 16.18 ? 131  VAL A N   1 
ATOM   1059 C  CA  . VAL A 1 131 ? 6.546   14.827  -11.412 1.00 16.42 ? 131  VAL A CA  1 
ATOM   1060 C  C   . VAL A 1 131 ? 6.193   13.545  -12.167 1.00 16.11 ? 131  VAL A C   1 
ATOM   1061 O  O   . VAL A 1 131 ? 5.031   13.343  -12.546 1.00 16.30 ? 131  VAL A O   1 
ATOM   1062 C  CB  . VAL A 1 131 ? 7.368   15.813  -12.296 1.00 16.51 ? 131  VAL A CB  1 
ATOM   1063 C  CG1 . VAL A 1 131 ? 6.739   15.967  -13.691 1.00 17.01 ? 131  VAL A CG1 1 
ATOM   1064 C  CG2 . VAL A 1 131 ? 7.468   17.173  -11.616 1.00 16.81 ? 131  VAL A CG2 1 
ATOM   1065 N  N   . ASN A 1 132 ? 7.177   12.665  -12.347 1.00 15.97 ? 132  ASN A N   1 
ATOM   1066 C  CA  . ASN A 1 132 ? 6.951   11.401  -13.058 1.00 15.76 ? 132  ASN A CA  1 
ATOM   1067 C  C   . ASN A 1 132 ? 5.902   10.493  -12.393 1.00 15.36 ? 132  ASN A C   1 
ATOM   1068 O  O   . ASN A 1 132 ? 5.030   9.937   -13.074 1.00 15.18 ? 132  ASN A O   1 
ATOM   1069 C  CB  . ASN A 1 132 ? 8.254   10.633  -13.282 1.00 16.00 ? 132  ASN A CB  1 
ATOM   1070 C  CG  . ASN A 1 132 ? 8.065   9.442   -14.205 1.00 16.77 ? 132  ASN A CG  1 
ATOM   1071 O  OD1 . ASN A 1 132 ? 7.841   8.323   -13.747 1.00 18.43 ? 132  ASN A OD1 1 
ATOM   1072 N  ND2 . ASN A 1 132 ? 8.122   9.684   -15.513 1.00 18.65 ? 132  ASN A ND2 1 
ATOM   1073 N  N   . LEU A 1 133 ? 5.991   10.359  -11.070 1.00 14.90 ? 133  LEU A N   1 
ATOM   1074 C  CA  . LEU A 1 133 ? 5.035   9.561   -10.286 1.00 14.51 ? 133  LEU A CA  1 
ATOM   1075 C  C   . LEU A 1 133 ? 3.577   10.014  -10.443 1.00 14.52 ? 133  LEU A C   1 
ATOM   1076 O  O   . LEU A 1 133 ? 2.658   9.186   -10.415 1.00 14.18 ? 133  LEU A O   1 
ATOM   1077 C  CB  . LEU A 1 133 ? 5.423   9.587   -8.803  1.00 14.37 ? 133  LEU A CB  1 
ATOM   1078 C  CG  . LEU A 1 133 ? 6.621   8.757   -8.320  1.00 13.56 ? 133  LEU A CG  1 
ATOM   1079 C  CD1 . LEU A 1 133 ? 7.057   9.203   -6.927  1.00 13.79 ? 133  LEU A CD1 1 
ATOM   1080 C  CD2 . LEU A 1 133 ? 6.307   7.266   -8.310  1.00 13.95 ? 133  LEU A CD2 1 
ATOM   1081 N  N   . ALA A 1 134 ? 3.369   11.323  -10.599 1.00 14.22 ? 134  ALA A N   1 
ATOM   1082 C  CA  . ALA A 1 134 ? 2.019   11.878  -10.760 1.00 14.91 ? 134  ALA A CA  1 
ATOM   1083 C  C   . ALA A 1 134 ? 1.407   11.620  -12.152 1.00 14.94 ? 134  ALA A C   1 
ATOM   1084 O  O   . ALA A 1 134 ? 0.194   11.775  -12.349 1.00 15.20 ? 134  ALA A O   1 
ATOM   1085 C  CB  . ALA A 1 134 ? 2.013   13.372  -10.432 1.00 14.24 ? 134  ALA A CB  1 
ATOM   1086 N  N   . LYS A 1 135 ? 2.255   11.249  -13.107 1.00 15.32 ? 135  LYS A N   1 
ATOM   1087 C  CA  . LYS A 1 135 ? 1.830   10.904  -14.460 1.00 16.06 ? 135  LYS A CA  1 
ATOM   1088 C  C   . LYS A 1 135 ? 1.421   9.432   -14.509 1.00 15.27 ? 135  LYS A C   1 
ATOM   1089 O  O   . LYS A 1 135 ? 2.099   8.617   -15.121 1.00 15.29 ? 135  LYS A O   1 
ATOM   1090 C  CB  . LYS A 1 135 ? 2.970   11.179  -15.456 1.00 15.99 ? 135  LYS A CB  1 
ATOM   1091 C  CG  . LYS A 1 135 ? 3.258   12.665  -15.702 1.00 17.44 ? 135  LYS A CG  1 
ATOM   1092 C  CD  . LYS A 1 135 ? 4.481   12.820  -16.612 1.00 17.99 ? 135  LYS A CD  1 
ATOM   1093 C  CE  . LYS A 1 135 ? 4.797   14.278  -16.900 1.00 21.16 ? 135  LYS A CE  1 
ATOM   1094 N  NZ  . LYS A 1 135 ? 5.799   14.396  -18.021 1.00 23.41 ? 135  LYS A NZ  1 
ATOM   1095 N  N   . SER A 1 136 ? 0.310   9.099   -13.854 1.00 14.77 ? 136  SER A N   1 
ATOM   1096 C  CA  . SER A 1 136 ? -0.060  7.704   -13.641 1.00 14.52 ? 136  SER A CA  1 
ATOM   1097 C  C   . SER A 1 136 ? -1.555  7.567   -13.402 1.00 14.13 ? 136  SER A C   1 
ATOM   1098 O  O   . SER A 1 136 ? -2.200  8.499   -12.907 1.00 14.30 ? 136  SER A O   1 
ATOM   1099 C  CB  . SER A 1 136 ? 0.684   7.147   -12.417 1.00 14.06 ? 136  SER A CB  1 
ATOM   1100 O  OG  . SER A 1 136 ? 0.371   7.902   -11.248 1.00 14.14 ? 136  SER A OG  1 
ATOM   1101 N  N   . ARG A 1 137 ? -2.091  6.393   -13.720 1.00 14.13 ? 137  ARG A N   1 
ATOM   1102 C  CA  . ARG A 1 137 ? -3.452  6.057   -13.333 1.00 14.42 ? 137  ARG A CA  1 
ATOM   1103 C  C   . ARG A 1 137 ? -3.586  6.199   -11.806 1.00 14.07 ? 137  ARG A C   1 
ATOM   1104 O  O   . ARG A 1 137 ? -4.577  6.735   -11.306 1.00 14.10 ? 137  ARG A O   1 
ATOM   1105 C  CB  . ARG A 1 137 ? -3.814  4.637   -13.778 1.00 14.40 ? 137  ARG A CB  1 
ATOM   1106 C  CG  . ARG A 1 137 ? -5.238  4.277   -13.414 1.00 15.67 ? 137  ARG A CG  1 
ATOM   1107 C  CD  . ARG A 1 137 ? -5.630  2.880   -13.839 1.00 16.98 ? 137  ARG A CD  1 
ATOM   1108 N  NE  . ARG A 1 137 ? -7.056  2.664   -13.596 1.00 19.20 ? 137  ARG A NE  1 
ATOM   1109 C  CZ  . ARG A 1 137 ? -7.586  2.329   -12.420 1.00 20.55 ? 137  ARG A CZ  1 
ATOM   1110 N  NH1 . ARG A 1 137 ? -6.815  2.160   -11.352 1.00 20.50 ? 137  ARG A NH1 1 
ATOM   1111 N  NH2 . ARG A 1 137 ? -8.899  2.162   -12.310 1.00 20.86 ? 137  ARG A NH2 1 
ATOM   1112 N  N   . TRP A 1 138 ? -2.569  5.738   -11.081 1.00 13.94 ? 138  TRP A N   1 
ATOM   1113 C  CA  . TRP A 1 138 ? -2.538  5.791   -9.617  1.00 14.34 ? 138  TRP A CA  1 
ATOM   1114 C  C   . TRP A 1 138 ? -2.864  7.179   -9.077  1.00 14.38 ? 138  TRP A C   1 
ATOM   1115 O  O   . TRP A 1 138 ? -3.776  7.339   -8.263  1.00 14.09 ? 138  TRP A O   1 
ATOM   1116 C  CB  . TRP A 1 138 ? -1.160  5.346   -9.126  1.00 14.72 ? 138  TRP A CB  1 
ATOM   1117 C  CG  . TRP A 1 138 ? -0.861  5.579   -7.661  1.00 15.00 ? 138  TRP A CG  1 
ATOM   1118 C  CD1 . TRP A 1 138 ? -1.576  5.116   -6.577  1.00 15.02 ? 138  TRP A CD1 1 
ATOM   1119 C  CD2 . TRP A 1 138 ? 0.276   6.272   -7.123  1.00 16.11 ? 138  TRP A CD2 1 
ATOM   1120 N  NE1 . TRP A 1 138 ? -0.953  5.494   -5.404  1.00 15.95 ? 138  TRP A NE1 1 
ATOM   1121 C  CE2 . TRP A 1 138 ? 0.179   6.208   -5.710  1.00 15.74 ? 138  TRP A CE2 1 
ATOM   1122 C  CE3 . TRP A 1 138 ? 1.358   6.956   -7.699  1.00 15.56 ? 138  TRP A CE3 1 
ATOM   1123 C  CZ2 . TRP A 1 138 ? 1.133   6.797   -4.862  1.00 16.31 ? 138  TRP A CZ2 1 
ATOM   1124 C  CZ3 . TRP A 1 138 ? 2.305   7.544   -6.859  1.00 15.58 ? 138  TRP A CZ3 1 
ATOM   1125 C  CH2 . TRP A 1 138 ? 2.183   7.457   -5.451  1.00 15.38 ? 138  TRP A CH2 1 
ATOM   1126 N  N   . TYR A 1 139 ? -2.106  8.173   -9.533  1.00 14.56 ? 139  TYR A N   1 
ATOM   1127 C  CA  . TYR A 1 139 ? -2.323  9.555   -9.130  1.00 15.40 ? 139  TYR A CA  1 
ATOM   1128 C  C   . TYR A 1 139 ? -3.720  10.026  -9.547  1.00 15.14 ? 139  TYR A C   1 
ATOM   1129 O  O   . TYR A 1 139 ? -4.436  10.611  -8.748  1.00 15.41 ? 139  TYR A O   1 
ATOM   1130 C  CB  . TYR A 1 139 ? -1.252  10.456  -9.735  1.00 15.89 ? 139  TYR A CB  1 
ATOM   1131 C  CG  . TYR A 1 139 ? -1.419  11.924  -9.419  1.00 16.98 ? 139  TYR A CG  1 
ATOM   1132 C  CD1 . TYR A 1 139 ? -0.859  12.476  -8.274  1.00 16.78 ? 139  TYR A CD1 1 
ATOM   1133 C  CD2 . TYR A 1 139 ? -2.137  12.762  -10.275 1.00 17.77 ? 139  TYR A CD2 1 
ATOM   1134 C  CE1 . TYR A 1 139 ? -1.004  13.832  -7.984  1.00 18.81 ? 139  TYR A CE1 1 
ATOM   1135 C  CE2 . TYR A 1 139 ? -2.295  14.108  -9.997  1.00 18.13 ? 139  TYR A CE2 1 
ATOM   1136 C  CZ  . TYR A 1 139 ? -1.722  14.639  -8.854  1.00 18.49 ? 139  TYR A CZ  1 
ATOM   1137 O  OH  . TYR A 1 139 ? -1.882  15.981  -8.587  1.00 20.56 ? 139  TYR A OH  1 
ATOM   1138 N  N   . ASN A 1 140 ? -4.111  9.758   -10.792 1.00 14.84 ? 140  ASN A N   1 
ATOM   1139 C  CA  . ASN A 1 140 ? -5.422  10.199  -11.281 1.00 15.19 ? 140  ASN A CA  1 
ATOM   1140 C  C   . ASN A 1 140 ? -6.602  9.579   -10.536 1.00 15.03 ? 140  ASN A C   1 
ATOM   1141 O  O   . ASN A 1 140 ? -7.587  10.260  -10.279 1.00 15.26 ? 140  ASN A O   1 
ATOM   1142 C  CB  . ASN A 1 140 ? -5.551  9.975   -12.786 1.00 15.42 ? 140  ASN A CB  1 
ATOM   1143 C  CG  . ASN A 1 140 ? -4.832  11.037  -13.586 1.00 15.79 ? 140  ASN A CG  1 
ATOM   1144 O  OD1 . ASN A 1 140 ? -3.682  10.859  -13.997 1.00 17.31 ? 140  ASN A OD1 1 
ATOM   1145 N  ND2 . ASN A 1 140 ? -5.493  12.170  -13.776 1.00 16.64 ? 140  ASN A ND2 1 
ATOM   1146 N  N   . GLN A 1 141 ? -6.493  8.306   -10.163 1.00 14.78 ? 141  GLN A N   1 
ATOM   1147 C  CA  . GLN A 1 141 ? -7.605  7.631   -9.486  1.00 14.73 ? 141  GLN A CA  1 
ATOM   1148 C  C   . GLN A 1 141 ? -7.648  7.939   -7.987  1.00 14.61 ? 141  GLN A C   1 
ATOM   1149 O  O   . GLN A 1 141 ? -8.728  8.089   -7.417  1.00 14.47 ? 141  GLN A O   1 
ATOM   1150 C  CB  . GLN A 1 141 ? -7.605  6.119   -9.740  1.00 14.71 ? 141  GLN A CB  1 
ATOM   1151 C  CG  . GLN A 1 141 ? -7.785  5.700   -11.210 1.00 15.12 ? 141  GLN A CG  1 
ATOM   1152 C  CD  . GLN A 1 141 ? -9.026  6.273   -11.877 1.00 15.17 ? 141  GLN A CD  1 
ATOM   1153 O  OE1 . GLN A 1 141 ? -8.949  6.802   -12.982 1.00 17.53 ? 141  GLN A OE1 1 
ATOM   1154 N  NE2 . GLN A 1 141 ? -10.171 6.149   -11.225 1.00 13.76 ? 141  GLN A NE2 1 
ATOM   1155 N  N   . THR A 1 142 ? -6.479  8.032   -7.352  1.00 13.92 ? 142  THR A N   1 
ATOM   1156 C  CA  . THR A 1 142 ? -6.406  8.383   -5.925  1.00 13.85 ? 142  THR A CA  1 
ATOM   1157 C  C   . THR A 1 142 ? -5.434  9.548   -5.711  1.00 14.06 ? 142  THR A C   1 
ATOM   1158 O  O   . THR A 1 142 ? -4.326  9.339   -5.196  1.00 14.01 ? 142  THR A O   1 
ATOM   1159 C  CB  . THR A 1 142 ? -5.977  7.168   -5.051  1.00 13.66 ? 142  THR A CB  1 
ATOM   1160 O  OG1 . THR A 1 142 ? -4.761  6.610   -5.568  1.00 12.93 ? 142  THR A OG1 1 
ATOM   1161 C  CG2 . THR A 1 142 ? -7.063  6.093   -5.033  1.00 14.36 ? 142  THR A CG2 1 
ATOM   1162 N  N   . PRO A 1 143 ? -5.831  10.771  -6.137  1.00 14.18 ? 143  PRO A N   1 
ATOM   1163 C  CA  . PRO A 1 143 ? -4.925  11.919  -6.095  1.00 13.95 ? 143  PRO A CA  1 
ATOM   1164 C  C   . PRO A 1 143 ? -4.502  12.351  -4.690  1.00 14.09 ? 143  PRO A C   1 
ATOM   1165 O  O   . PRO A 1 143 ? -3.325  12.590  -4.481  1.00 13.80 ? 143  PRO A O   1 
ATOM   1166 C  CB  . PRO A 1 143 ? -5.704  13.026  -6.834  1.00 13.96 ? 143  PRO A CB  1 
ATOM   1167 C  CG  . PRO A 1 143 ? -7.113  12.635  -6.728  1.00 13.93 ? 143  PRO A CG  1 
ATOM   1168 C  CD  . PRO A 1 143 ? -7.132  11.133  -6.735  1.00 13.86 ? 143  PRO A CD  1 
ATOM   1169 N  N   . ASN A 1 144 ? -5.426  12.416  -3.733  1.00 13.99 ? 144  ASN A N   1 
ATOM   1170 C  CA  . ASN A 1 144 ? -5.064  12.888  -2.391  1.00 14.54 ? 144  ASN A CA  1 
ATOM   1171 C  C   . ASN A 1 144 ? -4.042  11.971  -1.696  1.00 14.38 ? 144  ASN A C   1 
ATOM   1172 O  O   . ASN A 1 144 ? -3.055  12.448  -1.127  1.00 13.78 ? 144  ASN A O   1 
ATOM   1173 C  CB  . ASN A 1 144 ? -6.307  13.109  -1.524  1.00 14.98 ? 144  ASN A CB  1 
ATOM   1174 C  CG  . ASN A 1 144 ? -7.091  14.369  -1.926  1.00 16.40 ? 144  ASN A CG  1 
ATOM   1175 O  OD1 . ASN A 1 144 ? -6.726  15.076  -2.865  1.00 19.72 ? 144  ASN A OD1 1 
ATOM   1176 N  ND2 . ASN A 1 144 ? -8.163  14.649  -1.205  1.00 18.52 ? 144  ASN A ND2 1 
ATOM   1177 N  N   . ARG A 1 145 ? -4.269  10.665  -1.789  1.00 14.03 ? 145  ARG A N   1 
ATOM   1178 C  CA  . ARG A 1 145 ? -3.338  9.683   -1.240  1.00 14.54 ? 145  ARG A CA  1 
ATOM   1179 C  C   . ARG A 1 145 ? -2.006  9.672   -2.003  1.00 14.50 ? 145  ARG A C   1 
ATOM   1180 O  O   . ARG A 1 145 ? -0.937  9.678   -1.377  1.00 14.22 ? 145  ARG A O   1 
ATOM   1181 C  CB  . ARG A 1 145 ? -3.961  8.290   -1.223  1.00 14.53 ? 145  ARG A CB  1 
ATOM   1182 C  CG  . ARG A 1 145 ? -3.169  7.297   -0.378  1.00 15.59 ? 145  ARG A CG  1 
ATOM   1183 C  CD  . ARG A 1 145 ? -2.897  6.043   -1.157  1.00 16.37 ? 145  ARG A CD  1 
ATOM   1184 N  NE  . ARG A 1 145 ? -2.235  4.998   -0.372  1.00 14.07 ? 145  ARG A NE  1 
ATOM   1185 C  CZ  . ARG A 1 145 ? -2.823  3.874   0.043   1.00 16.71 ? 145  ARG A CZ  1 
ATOM   1186 N  NH1 . ARG A 1 145 ? -4.099  3.631   -0.228  1.00 17.10 ? 145  ARG A NH1 1 
ATOM   1187 N  NH2 . ARG A 1 145 ? -2.132  2.979   0.741   1.00 16.20 ? 145  ARG A NH2 1 
ATOM   1188 N  N   . ALA A 1 146 ? -2.066  9.670   -3.341  1.00 14.72 ? 146  ALA A N   1 
ATOM   1189 C  CA  . ALA A 1 146 ? -0.856  9.712   -4.168  1.00 15.22 ? 146  ALA A CA  1 
ATOM   1190 C  C   . ALA A 1 146 ? -0.033  10.965  -3.870  1.00 15.26 ? 146  ALA A C   1 
ATOM   1191 O  O   . ALA A 1 146 ? 1.189   10.886  -3.746  1.00 15.15 ? 146  ALA A O   1 
ATOM   1192 C  CB  . ALA A 1 146 ? -1.188  9.632   -5.655  1.00 15.26 ? 146  ALA A CB  1 
ATOM   1193 N  N   . LYS A 1 147 ? -0.713  12.104  -3.729  1.00 15.28 ? 147  LYS A N   1 
ATOM   1194 C  CA  . LYS A 1 147 ? -0.061  13.360  -3.362  1.00 15.43 ? 147  LYS A CA  1 
ATOM   1195 C  C   . LYS A 1 147 ? 0.723   13.234  -2.055  1.00 15.02 ? 147  LYS A C   1 
ATOM   1196 O  O   . LYS A 1 147 ? 1.853   13.708  -1.972  1.00 14.44 ? 147  LYS A O   1 
ATOM   1197 C  CB  . LYS A 1 147 ? -1.066  14.509  -3.270  1.00 16.02 ? 147  LYS A CB  1 
ATOM   1198 C  CG  . LYS A 1 147 ? -1.373  15.156  -4.604  1.00 18.78 ? 147  LYS A CG  1 
ATOM   1199 C  CD  . LYS A 1 147 ? -2.464  16.217  -4.486  1.00 22.32 ? 147  LYS A CD  1 
ATOM   1200 C  CE  . LYS A 1 147 ? -2.894  16.657  -5.875  1.00 24.30 ? 147  LYS A CE  1 
ATOM   1201 N  NZ  . LYS A 1 147 ? -4.154  17.446  -5.885  1.00 27.16 ? 147  LYS A NZ  1 
ATOM   1202 N  N   . ARG A 1 148 ? 0.125   12.591  -1.050  1.00 14.39 ? 148  ARG A N   1 
ATOM   1203 C  CA  . ARG A 1 148 ? 0.796   12.373  0.237   1.00 14.17 ? 148  ARG A CA  1 
ATOM   1204 C  C   . ARG A 1 148 ? 2.048   11.511  0.088   1.00 13.92 ? 148  ARG A C   1 
ATOM   1205 O  O   . ARG A 1 148 ? 3.112   11.852  0.607   1.00 14.33 ? 148  ARG A O   1 
ATOM   1206 C  CB  . ARG A 1 148 ? -0.165  11.739  1.247   1.00 13.67 ? 148  ARG A CB  1 
ATOM   1207 C  CG  . ARG A 1 148 ? -1.185  12.721  1.826   1.00 13.81 ? 148  ARG A CG  1 
ATOM   1208 C  CD  . ARG A 1 148 ? -1.858  12.150  3.067   1.00 13.13 ? 148  ARG A CD  1 
ATOM   1209 N  NE  . ARG A 1 148 ? -2.739  11.020  2.769   1.00 13.62 ? 148  ARG A NE  1 
ATOM   1210 C  CZ  . ARG A 1 148 ? -4.003  11.124  2.364   1.00 14.36 ? 148  ARG A CZ  1 
ATOM   1211 N  NH1 . ARG A 1 148 ? -4.570  12.316  2.192   1.00 15.16 ? 148  ARG A NH1 1 
ATOM   1212 N  NH2 . ARG A 1 148 ? -4.712  10.029  2.125   1.00 14.51 ? 148  ARG A NH2 1 
ATOM   1213 N  N   . VAL A 1 149 ? 1.905   10.406  -0.638  1.00 13.79 ? 149  VAL A N   1 
ATOM   1214 C  CA  . VAL A 1 149 ? 2.995   9.453   -0.887  1.00 13.88 ? 149  VAL A CA  1 
ATOM   1215 C  C   . VAL A 1 149 ? 4.127   10.128  -1.677  1.00 13.89 ? 149  VAL A C   1 
ATOM   1216 O  O   . VAL A 1 149 ? 5.291   10.019  -1.301  1.00 13.11 ? 149  VAL A O   1 
ATOM   1217 C  CB  . VAL A 1 149 ? 2.460   8.156   -1.561  1.00 13.84 ? 149  VAL A CB  1 
ATOM   1218 C  CG1 . VAL A 1 149 ? 3.607   7.211   -2.000  1.00 14.41 ? 149  VAL A CG1 1 
ATOM   1219 C  CG2 . VAL A 1 149 ? 1.493   7.430   -0.601  1.00 13.50 ? 149  VAL A CG2 1 
ATOM   1220 N  N   . ILE A 1 150 ? 3.757   10.871  -2.722  1.00 13.99 ? 150  ILE A N   1 
ATOM   1221 C  CA  . ILE A 1 150 ? 4.697   11.616  -3.569  1.00 14.30 ? 150  ILE A CA  1 
ATOM   1222 C  C   . ILE A 1 150 ? 5.445   12.698  -2.767  1.00 14.27 ? 150  ILE A C   1 
ATOM   1223 O  O   . ILE A 1 150 ? 6.673   12.806  -2.863  1.00 14.35 ? 150  ILE A O   1 
ATOM   1224 C  CB  . ILE A 1 150 ? 3.996   12.193  -4.835  1.00 14.13 ? 150  ILE A CB  1 
ATOM   1225 C  CG1 . ILE A 1 150 ? 3.650   11.047  -5.810  1.00 13.99 ? 150  ILE A CG1 1 
ATOM   1226 C  CG2 . ILE A 1 150 ? 4.888   13.254  -5.530  1.00 14.84 ? 150  ILE A CG2 1 
ATOM   1227 C  CD1 . ILE A 1 150 ? 2.674   11.423  -6.902  1.00 14.49 ? 150  ILE A CD1 1 
ATOM   1228 N  N   . THR A 1 151 ? 4.717   13.467  -1.958  1.00 14.76 ? 151  THR A N   1 
ATOM   1229 C  CA  . THR A 1 151 ? 5.349   14.439  -1.060  1.00 15.01 ? 151  THR A CA  1 
ATOM   1230 C  C   . THR A 1 151 ? 6.384   13.757  -0.151  1.00 15.01 ? 151  THR A C   1 
ATOM   1231 O  O   . THR A 1 151 ? 7.475   14.291  0.066   1.00 15.43 ? 151  THR A O   1 
ATOM   1232 C  CB  . THR A 1 151 ? 4.301   15.244  -0.255  1.00 14.99 ? 151  THR A CB  1 
ATOM   1233 O  OG1 . THR A 1 151 ? 3.580   16.098  -1.157  1.00 16.25 ? 151  THR A OG1 1 
ATOM   1234 C  CG2 . THR A 1 151 ? 4.952   16.107  0.847   1.00 15.01 ? 151  THR A CG2 1 
ATOM   1235 N  N   . THR A 1 152 ? 6.056   12.561  0.331   1.00 14.80 ? 152  THR A N   1 
ATOM   1236 C  CA  . THR A 1 152 ? 6.976   11.779  1.157   1.00 14.62 ? 152  THR A CA  1 
ATOM   1237 C  C   . THR A 1 152 ? 8.260   11.438  0.362   1.00 14.60 ? 152  THR A C   1 
ATOM   1238 O  O   . THR A 1 152 ? 9.367   11.622  0.869   1.00 14.32 ? 152  THR A O   1 
ATOM   1239 C  CB  . THR A 1 152 ? 6.288   10.514  1.753   1.00 14.65 ? 152  THR A CB  1 
ATOM   1240 O  OG1 . THR A 1 152 ? 5.050   10.886  2.376   1.00 15.15 ? 152  THR A OG1 1 
ATOM   1241 C  CG2 . THR A 1 152 ? 7.188   9.826   2.796   1.00 14.32 ? 152  THR A CG2 1 
ATOM   1242 N  N   . PHE A 1 153 ? 8.102   11.000  -0.891  1.00 14.31 ? 153  PHE A N   1 
ATOM   1243 C  CA  . PHE A 1 153 ? 9.241   10.730  -1.772  1.00 14.74 ? 153  PHE A CA  1 
ATOM   1244 C  C   . PHE A 1 153 ? 10.020  11.996  -2.103  1.00 15.00 ? 153  PHE A C   1 
ATOM   1245 O  O   . PHE A 1 153 ? 11.247  11.968  -2.170  1.00 15.11 ? 153  PHE A O   1 
ATOM   1246 C  CB  . PHE A 1 153 ? 8.794   10.086  -3.088  1.00 14.43 ? 153  PHE A CB  1 
ATOM   1247 C  CG  . PHE A 1 153 ? 8.602   8.599   -3.019  1.00 14.45 ? 153  PHE A CG  1 
ATOM   1248 C  CD1 . PHE A 1 153 ? 9.643   7.751   -2.629  1.00 14.45 ? 153  PHE A CD1 1 
ATOM   1249 C  CD2 . PHE A 1 153 ? 7.385   8.036   -3.402  1.00 15.08 ? 153  PHE A CD2 1 
ATOM   1250 C  CE1 . PHE A 1 153 ? 9.460   6.367   -2.596  1.00 14.50 ? 153  PHE A CE1 1 
ATOM   1251 C  CE2 . PHE A 1 153 ? 7.186   6.648   -3.379  1.00 14.51 ? 153  PHE A CE2 1 
ATOM   1252 C  CZ  . PHE A 1 153 ? 8.226   5.810   -2.969  1.00 14.91 ? 153  PHE A CZ  1 
ATOM   1253 N  N   . ARG A 1 154 ? 9.305   13.097  -2.333  1.00 15.26 ? 154  ARG A N   1 
ATOM   1254 C  CA  . ARG A 1 154 ? 9.936   14.372  -2.684  1.00 16.03 ? 154  ARG A CA  1 
ATOM   1255 C  C   . ARG A 1 154 ? 10.807  14.946  -1.555  1.00 15.65 ? 154  ARG A C   1 
ATOM   1256 O  O   . ARG A 1 154 ? 11.916  15.408  -1.816  1.00 15.03 ? 154  ARG A O   1 
ATOM   1257 C  CB  . ARG A 1 154 ? 8.900   15.405  -3.134  1.00 16.10 ? 154  ARG A CB  1 
ATOM   1258 C  CG  . ARG A 1 154 ? 9.514   16.646  -3.795  1.00 16.52 ? 154  ARG A CG  1 
ATOM   1259 C  CD  . ARG A 1 154 ? 8.469   17.680  -4.204  1.00 18.19 ? 154  ARG A CD  1 
ATOM   1260 N  NE  . ARG A 1 154 ? 7.516   17.987  -3.131  1.00 23.23 ? 154  ARG A NE  1 
ATOM   1261 C  CZ  . ARG A 1 154 ? 7.693   18.913  -2.186  1.00 26.12 ? 154  ARG A CZ  1 
ATOM   1262 N  NH1 . ARG A 1 154 ? 8.799   19.648  -2.144  1.00 27.15 ? 154  ARG A NH1 1 
ATOM   1263 N  NH2 . ARG A 1 154 ? 6.758   19.101  -1.265  1.00 27.28 ? 154  ARG A NH2 1 
ATOM   1264 N  N   . THR A 1 155 ? 10.304  14.884  -0.319  1.00 15.61 ? 155  THR A N   1 
ATOM   1265 C  CA  . THR A 1 155 ? 10.901  15.593  0.822   1.00 15.50 ? 155  THR A CA  1 
ATOM   1266 C  C   . THR A 1 155 ? 11.689  14.719  1.796   1.00 15.47 ? 155  THR A C   1 
ATOM   1267 O  O   . THR A 1 155 ? 12.555  15.225  2.514   1.00 15.65 ? 155  THR A O   1 
ATOM   1268 C  CB  . THR A 1 155 ? 9.832   16.361  1.642   1.00 15.36 ? 155  THR A CB  1 
ATOM   1269 O  OG1 . THR A 1 155 ? 8.919   15.424  2.236   1.00 15.30 ? 155  THR A OG1 1 
ATOM   1270 C  CG2 . THR A 1 155 ? 9.069   17.371  0.767   1.00 15.44 ? 155  THR A CG2 1 
ATOM   1271 N  N   . GLY A 1 156 ? 11.380  13.423  1.846   1.00 15.46 ? 156  GLY A N   1 
ATOM   1272 C  CA  . GLY A 1 156 ? 11.971  12.534  2.843   1.00 15.38 ? 156  GLY A CA  1 
ATOM   1273 C  C   . GLY A 1 156 ? 11.513  12.882  4.264   1.00 15.52 ? 156  GLY A C   1 
ATOM   1274 O  O   . GLY A 1 156 ? 12.181  12.532  5.246   1.00 14.91 ? 156  GLY A O   1 
ATOM   1275 N  N   . THR A 1 157 ? 10.387  13.591  4.358   1.00 15.44 ? 157  THR A N   1 
ATOM   1276 C  CA  . THR A 1 157 ? 9.768   13.956  5.634   1.00 16.07 ? 157  THR A CA  1 
ATOM   1277 C  C   . THR A 1 157 ? 8.352   13.389  5.734   1.00 16.30 ? 157  THR A C   1 
ATOM   1278 O  O   . THR A 1 157 ? 7.794   12.897  4.752   1.00 16.45 ? 157  THR A O   1 
ATOM   1279 C  CB  . THR A 1 157 ? 9.666   15.491  5.834   1.00 16.12 ? 157  THR A CB  1 
ATOM   1280 O  OG1 . THR A 1 157 ? 8.575   16.012  5.057   1.00 15.09 ? 157  THR A OG1 1 
ATOM   1281 C  CG2 . THR A 1 157 ? 10.969  16.198  5.458   1.00 16.64 ? 157  THR A CG2 1 
ATOM   1282 N  N   . TRP A 1 158 ? 7.778   13.492  6.928   1.00 16.83 ? 158  TRP A N   1 
ATOM   1283 C  CA  . TRP A 1 158 ? 6.406   13.057  7.185   1.00 17.48 ? 158  TRP A CA  1 
ATOM   1284 C  C   . TRP A 1 158 ? 5.412   14.223  7.125   1.00 17.67 ? 158  TRP A C   1 
ATOM   1285 O  O   . TRP A 1 158 ? 4.292   14.112  7.637   1.00 17.73 ? 158  TRP A O   1 
ATOM   1286 C  CB  . TRP A 1 158 ? 6.321   12.398  8.565   1.00 17.47 ? 158  TRP A CB  1 
ATOM   1287 C  CG  . TRP A 1 158 ? 6.999   11.066  8.663   1.00 17.69 ? 158  TRP A CG  1 
ATOM   1288 C  CD1 . TRP A 1 158 ? 8.101   10.759  9.410   1.00 17.98 ? 158  TRP A CD1 1 
ATOM   1289 C  CD2 . TRP A 1 158 ? 6.611   9.854   8.000   1.00 17.70 ? 158  TRP A CD2 1 
ATOM   1290 N  NE1 . TRP A 1 158 ? 8.422   9.430   9.254   1.00 18.83 ? 158  TRP A NE1 1 
ATOM   1291 C  CE2 . TRP A 1 158 ? 7.522   8.850   8.399   1.00 17.68 ? 158  TRP A CE2 1 
ATOM   1292 C  CE3 . TRP A 1 158 ? 5.572   9.517   7.120   1.00 17.54 ? 158  TRP A CE3 1 
ATOM   1293 C  CZ2 . TRP A 1 158 ? 7.432   7.525   7.936   1.00 18.34 ? 158  TRP A CZ2 1 
ATOM   1294 C  CZ3 . TRP A 1 158 ? 5.478   8.201   6.668   1.00 18.58 ? 158  TRP A CZ3 1 
ATOM   1295 C  CH2 . TRP A 1 158 ? 6.411   7.226   7.074   1.00 18.09 ? 158  TRP A CH2 1 
ATOM   1296 N  N   . ASP A 1 159 ? 5.820   15.332  6.509   1.00 18.23 ? 159  ASP A N   1 
ATOM   1297 C  CA  . ASP A 1 159 ? 5.000   16.558  6.481   1.00 18.73 ? 159  ASP A CA  1 
ATOM   1298 C  C   . ASP A 1 159 ? 3.563   16.345  5.975   1.00 18.71 ? 159  ASP A C   1 
ATOM   1299 O  O   . ASP A 1 159 ? 2.627   16.947  6.502   1.00 18.25 ? 159  ASP A O   1 
ATOM   1300 C  CB  . ASP A 1 159 ? 5.695   17.675  5.686   1.00 19.15 ? 159  ASP A CB  1 
ATOM   1301 C  CG  . ASP A 1 159 ? 6.889   18.285  6.431   1.00 20.99 ? 159  ASP A CG  1 
ATOM   1302 O  OD1 . ASP A 1 159 ? 7.240   17.826  7.546   1.00 21.47 ? 159  ASP A OD1 1 
ATOM   1303 O  OD2 . ASP A 1 159 ? 7.482   19.239  5.889   1.00 23.80 ? 159  ASP A OD2 1 
ATOM   1304 N  N   . ALA A 1 160 ? 3.392   15.477  4.981   1.00 19.05 ? 160  ALA A N   1 
ATOM   1305 C  CA  . ALA A 1 160 ? 2.072   15.232  4.376   1.00 20.00 ? 160  ALA A CA  1 
ATOM   1306 C  C   . ALA A 1 160 ? 1.123   14.452  5.301   1.00 20.64 ? 160  ALA A C   1 
ATOM   1307 O  O   . ALA A 1 160 ? -0.081  14.381  5.049   1.00 20.58 ? 160  ALA A O   1 
ATOM   1308 C  CB  . ALA A 1 160 ? 2.222   14.514  3.031   1.00 19.42 ? 160  ALA A CB  1 
ATOM   1309 N  N   . TYR A 1 161 ? 1.674   13.875  6.367   1.00 21.83 ? 161  TYR A N   1 
ATOM   1310 C  CA  . TYR A 1 161 ? 0.889   13.085  7.314   1.00 23.55 ? 161  TYR A CA  1 
ATOM   1311 C  C   . TYR A 1 161 ? 0.701   13.779  8.660   1.00 25.90 ? 161  TYR A C   1 
ATOM   1312 O  O   . TYR A 1 161 ? 0.012   13.269  9.543   1.00 26.02 ? 161  TYR A O   1 
ATOM   1313 C  CB  . TYR A 1 161 ? 1.481   11.682  7.465   1.00 22.01 ? 161  TYR A CB  1 
ATOM   1314 C  CG  . TYR A 1 161 ? 1.266   10.848  6.218   1.00 20.61 ? 161  TYR A CG  1 
ATOM   1315 C  CD1 . TYR A 1 161 ? 2.199   10.864  5.179   1.00 18.97 ? 161  TYR A CD1 1 
ATOM   1316 C  CD2 . TYR A 1 161 ? 0.115   10.067  6.065   1.00 18.77 ? 161  TYR A CD2 1 
ATOM   1317 C  CE1 . TYR A 1 161 ? 2.002   10.117  4.024   1.00 18.29 ? 161  TYR A CE1 1 
ATOM   1318 C  CE2 . TYR A 1 161 ? -0.099  9.313   4.906   1.00 18.09 ? 161  TYR A CE2 1 
ATOM   1319 C  CZ  . TYR A 1 161 ? 0.856   9.343   3.888   1.00 19.08 ? 161  TYR A CZ  1 
ATOM   1320 O  OH  . TYR A 1 161 ? 0.677   8.607   2.735   1.00 18.23 ? 161  TYR A OH  1 
ATOM   1321 N  N   . LYS A 1 162 ? 1.313   14.955  8.791   1.00 29.25 ? 162  LYS A N   1 
ATOM   1322 C  CA  . LYS A 1 162 ? 1.159   15.809  9.968   1.00 32.19 ? 162  LYS A CA  1 
ATOM   1323 C  C   . LYS A 1 162 ? -0.209  16.486  9.986   1.00 33.75 ? 162  LYS A C   1 
ATOM   1324 O  O   . LYS A 1 162 ? -0.727  16.875  8.935   1.00 34.20 ? 162  LYS A O   1 
ATOM   1325 C  CB  . LYS A 1 162 ? 2.284   16.848  10.020  1.00 32.53 ? 162  LYS A CB  1 
ATOM   1326 C  CG  . LYS A 1 162 ? 3.644   16.275  10.452  1.00 33.93 ? 162  LYS A CG  1 
ATOM   1327 C  CD  . LYS A 1 162 ? 3.609   15.702  11.876  1.00 36.48 ? 162  LYS A CD  1 
ATOM   1328 C  CE  . LYS A 1 162 ? 3.465   16.803  12.931  1.00 37.54 ? 162  LYS A CE  1 
ATOM   1329 N  NZ  . LYS A 1 162 ? 3.285   16.245  14.310  1.00 38.42 ? 162  LYS A NZ  1 
ATOM   1330 N  N   . ASN A 1 163 ? -0.768  16.622  11.190  1.00 35.70 ? 163  ASN A N   1 
ATOM   1331 C  CA  . ASN A 1 163 ? -2.169  17.037  11.439  1.00 37.47 ? 163  ASN A CA  1 
ATOM   1332 C  C   . ASN A 1 163 ? -3.258  16.080  10.907  1.00 38.17 ? 163  ASN A C   1 
ATOM   1333 O  O   . ASN A 1 163 ? -4.452  16.399  10.940  1.00 38.57 ? 163  ASN A O   1 
ATOM   1334 C  CB  . ASN A 1 163 ? -2.435  18.523  11.080  1.00 37.75 ? 163  ASN A CB  1 
ATOM   1335 C  CG  . ASN A 1 163 ? -2.607  18.768  9.580   1.00 39.09 ? 163  ASN A CG  1 
ATOM   1336 O  OD1 . ASN A 1 163 ? -3.603  18.364  8.971   1.00 40.66 ? 163  ASN A OD1 1 
ATOM   1337 N  ND2 . ASN A 1 163 ? -1.642  19.463  8.986   1.00 40.42 ? 163  ASN A ND2 1 
ATOM   1338 N  N   . LEU A 1 164 ? -2.834  14.916  10.424  1.00 39.04 ? 164  LEU A N   1 
ATOM   1339 C  CA  . LEU A 1 164 ? -3.759  13.923  9.893   1.00 39.58 ? 164  LEU A CA  1 
ATOM   1340 C  C   . LEU A 1 164 ? -4.155  12.911  10.962  1.00 40.02 ? 164  LEU A C   1 
ATOM   1341 O  O   . LEU A 1 164 ? -4.756  11.880  10.662  1.00 40.17 ? 164  LEU A O   1 
ATOM   1342 C  CB  . LEU A 1 164 ? -3.142  13.205  8.692   1.00 39.57 ? 164  LEU A CB  1 
ATOM   1343 C  CG  . LEU A 1 164 ? -3.504  13.758  7.312   1.00 39.34 ? 164  LEU A CG  1 
ATOM   1344 C  CD1 . LEU A 1 164 ? -3.035  15.197  7.170   1.00 39.31 ? 164  LEU A CD1 1 
ATOM   1345 C  CD2 . LEU A 1 164 ? -2.916  12.887  6.212   1.00 38.32 ? 164  LEU A CD2 1 
ATOM   1346 O  OXT . LEU A 1 164 ? -3.591  12.983  12.211  1.00 40.61 ? 164  LEU A OXT 1 
HETATM 1347 P  P   . PO4 B 2 .   ? 15.728  17.329  -8.819  1.00 27.91 ? 901  PO4 A P   1 
HETATM 1348 O  O1  . PO4 B 2 .   ? 17.111  16.708  -8.699  1.00 25.27 ? 901  PO4 A O1  1 
HETATM 1349 O  O2  . PO4 B 2 .   ? 15.047  17.454  -7.470  1.00 25.28 ? 901  PO4 A O2  1 
HETATM 1350 O  O3  . PO4 B 2 .   ? 14.865  16.415  -9.686  1.00 25.16 ? 901  PO4 A O3  1 
HETATM 1351 O  O4  . PO4 B 2 .   ? 15.886  18.704  -9.450  1.00 25.43 ? 901  PO4 A O4  1 
HETATM 1352 P  P   . PO4 C 2 .   ? -8.373  12.932  2.036   1.00 55.79 ? 902  PO4 A P   1 
HETATM 1353 O  O1  . PO4 C 2 .   ? -6.990  13.460  1.746   1.00 55.65 ? 902  PO4 A O1  1 
HETATM 1354 O  O2  . PO4 C 2 .   ? -8.980  13.709  3.182   1.00 56.15 ? 902  PO4 A O2  1 
HETATM 1355 O  O3  . PO4 C 2 .   ? -8.282  11.472  2.405   1.00 56.23 ? 902  PO4 A O3  1 
HETATM 1356 O  O4  . PO4 C 2 .   ? -9.247  13.089  0.814   1.00 55.99 ? 902  PO4 A O4  1 
HETATM 1357 CL CL  . CL  D 3 .   ? -20.917 -8.586  5.409   1.00 56.91 ? 903  CL  A CL  1 
HETATM 1358 F  F6  A F5B E 4 .   ? 7.972   3.642   -5.514  0.43 27.37 ? 900  F5B A F6  1 
HETATM 1359 F  F6  B F5B E 4 .   ? 10.306  3.740   -4.744  0.40 25.69 ? 900  F5B A F6  1 
HETATM 1360 C  C6  A F5B E 4 .   ? 8.649   2.542   -5.153  0.43 27.36 ? 900  F5B A C6  1 
HETATM 1361 C  C6  B F5B E 4 .   ? 9.791   2.501   -4.735  0.40 25.38 ? 900  F5B A C6  1 
HETATM 1362 C  C1  A F5B E 4 .   ? 9.989   2.626   -4.799  0.43 27.44 ? 900  F5B A C1  1 
HETATM 1363 C  C1  B F5B E 4 .   ? 10.584  1.432   -4.346  0.40 25.40 ? 900  F5B A C1  1 
HETATM 1364 F  F1  A F5B E 4 .   ? 10.626  3.810   -4.807  0.43 27.38 ? 900  F5B A F1  1 
HETATM 1365 F  F1  B F5B E 4 .   ? 11.860  1.630   -3.975  0.40 24.81 ? 900  F5B A F1  1 
HETATM 1366 C  C5  A F5B E 4 .   ? 8.000   1.310   -5.145  0.43 27.56 ? 900  F5B A C5  1 
HETATM 1367 C  C5  B F5B E 4 .   ? 8.466   2.295   -5.114  0.40 25.60 ? 900  F5B A C5  1 
HETATM 1368 C  C4  A F5B E 4 .   ? 8.699   0.165   -4.775  0.43 27.65 ? 900  F5B A C4  1 
HETATM 1369 C  C4  B F5B E 4 .   ? 7.941   1.004   -5.098  0.40 25.42 ? 900  F5B A C4  1 
HETATM 1370 F  F4  A F5B E 4 .   ? 8.071   -1.024  -4.769  0.43 27.61 ? 900  F5B A F4  1 
HETATM 1371 F  F4  B F5B E 4 .   ? 6.664   0.791   -5.465  0.40 25.37 ? 900  F5B A F4  1 
HETATM 1372 C  C3  A F5B E 4 .   ? 10.040  0.253   -4.419  0.43 27.44 ? 900  F5B A C3  1 
HETATM 1373 C  C3  B F5B E 4 .   ? 8.741   -0.063  -4.706  0.40 25.65 ? 900  F5B A C3  1 
HETATM 1374 F  F3  A F5B E 4 .   ? 10.717  -0.853  -4.060  0.43 27.29 ? 900  F5B A F3  1 
HETATM 1375 F  F3  B F5B E 4 .   ? 8.250   -1.312  -4.689  0.40 25.29 ? 900  F5B A F3  1 
HETATM 1376 C  C2  A F5B E 4 .   ? 10.682  1.482   -4.435  0.43 27.35 ? 900  F5B A C2  1 
HETATM 1377 C  C2  B F5B E 4 .   ? 10.056  0.151   -4.330  0.40 25.44 ? 900  F5B A C2  1 
HETATM 1378 F  F2  A F5B E 4 .   ? 11.977  1.577   -4.089  0.43 26.92 ? 900  F5B A F2  1 
HETATM 1379 F  F2  B F5B E 4 .   ? 10.820  -0.886  -3.952  0.40 25.68 ? 900  F5B A F2  1 
HETATM 1380 C  C1  . HED F 5 .   ? 10.317  2.325   6.943   1.00 66.53 ? 904  HED A C1  1 
HETATM 1381 O  O1  . HED F 5 .   ? 11.599  1.998   6.468   1.00 66.11 ? 904  HED A O1  1 
HETATM 1382 C  C2  . HED F 5 .   ? 9.406   1.109   6.858   1.00 67.21 ? 904  HED A C2  1 
HETATM 1383 S  S3  . HED F 5 .   ? 9.597   -0.017  8.263   1.00 67.80 ? 904  HED A S3  1 
HETATM 1384 S  S4  . HED F 5 .   ? 9.893   -1.817  7.355   1.00 68.60 ? 904  HED A S4  1 
HETATM 1385 C  C5  . HED F 5 .   ? 11.102  -2.694  8.376   1.00 67.71 ? 904  HED A C5  1 
HETATM 1386 C  C6  . HED F 5 .   ? 10.896  -2.442  9.861   1.00 67.60 ? 904  HED A C6  1 
HETATM 1387 O  O6  . HED F 5 .   ? 9.551   -2.664  10.225  1.00 67.06 ? 904  HED A O6  1 
HETATM 1388 C  C1  . HED G 5 .   ? -3.972  -8.900  -0.122  1.00 52.55 ? 905  HED A C1  1 
HETATM 1389 O  O1  . HED G 5 .   ? -5.257  -9.421  -0.418  1.00 52.77 ? 905  HED A O1  1 
HETATM 1390 C  C2  . HED G 5 .   ? -4.087  -8.014  1.117   1.00 52.83 ? 905  HED A C2  1 
HETATM 1391 S  S3  . HED G 5 .   ? -4.049  -6.253  0.686   1.00 52.47 ? 905  HED A S3  1 
HETATM 1392 S  S4  . HED G 5 .   ? -2.098  -5.694  0.937   1.00 54.31 ? 905  HED A S4  1 
HETATM 1393 C  C5  . HED G 5 .   ? -1.147  -6.884  -0.043  1.00 53.48 ? 905  HED A C5  1 
HETATM 1394 C  C6  . HED G 5 .   ? -0.103  -7.608  0.796   1.00 53.28 ? 905  HED A C6  1 
HETATM 1395 O  O6  . HED G 5 .   ? 0.962   -6.713  1.024   1.00 52.70 ? 905  HED A O6  1 
HETATM 1396 O  O   . HOH H 6 .   ? -8.051  -0.670  0.401   1.00 24.44 ? 906  HOH A O   1 
HETATM 1397 O  O   . HOH H 6 .   ? -8.406  11.695  -3.680  1.00 11.77 ? 907  HOH A O   1 
HETATM 1398 O  O   . HOH H 6 .   ? -16.155 1.584   -3.251  1.00 19.14 ? 908  HOH A O   1 
HETATM 1399 O  O   . HOH H 6 .   ? -11.268 8.447   -7.672  1.00 12.28 ? 909  HOH A O   1 
HETATM 1400 O  O   . HOH H 6 .   ? 8.130   3.085   8.900   1.00 15.35 ? 910  HOH A O   1 
HETATM 1401 O  O   . HOH H 6 .   ? -2.801  -10.998 5.715   1.00 18.82 ? 911  HOH A O   1 
HETATM 1402 O  O   . HOH H 6 .   ? -9.102  1.215   2.599   1.00 17.68 ? 912  HOH A O   1 
HETATM 1403 O  O   . HOH H 6 .   ? 0.153   -10.052 12.389  1.00 20.19 ? 913  HOH A O   1 
HETATM 1404 O  O   . HOH H 6 .   ? -21.417 -7.936  -5.744  1.00 17.73 ? 914  HOH A O   1 
HETATM 1405 O  O   . HOH H 6 .   ? 9.273   14.449  9.159   1.00 16.51 ? 915  HOH A O   1 
HETATM 1406 O  O   . HOH H 6 .   ? -6.791  9.528   -2.708  1.00 11.28 ? 916  HOH A O   1 
HETATM 1407 O  O   . HOH H 6 .   ? 15.489  15.731  0.289   1.00 19.15 ? 917  HOH A O   1 
HETATM 1408 O  O   . HOH H 6 .   ? 5.459   7.376   15.430  1.00 30.84 ? 918  HOH A O   1 
HETATM 1409 O  O   . HOH H 6 .   ? 7.755   11.060  13.119  1.00 23.49 ? 919  HOH A O   1 
HETATM 1410 O  O   . HOH H 6 .   ? 17.530  6.762   -3.574  1.00 17.17 ? 920  HOH A O   1 
HETATM 1411 O  O   . HOH H 6 .   ? -3.086  15.120  -0.499  1.00 16.42 ? 921  HOH A O   1 
HETATM 1412 O  O   . HOH H 6 .   ? -9.853  11.412  -1.233  1.00 19.03 ? 922  HOH A O   1 
HETATM 1413 O  O   . HOH H 6 .   ? 3.157   3.572   15.883  1.00 14.03 ? 923  HOH A O   1 
HETATM 1414 O  O   . HOH H 6 .   ? -3.687  14.914  2.477   1.00 19.71 ? 924  HOH A O   1 
HETATM 1415 O  O   . HOH H 6 .   ? -3.875  -14.648 6.847   1.00 14.72 ? 925  HOH A O   1 
HETATM 1416 O  O   . HOH H 6 .   ? -17.410 -12.905 12.988  1.00 15.44 ? 926  HOH A O   1 
HETATM 1417 O  O   . HOH H 6 .   ? -17.575 -1.353  9.377   1.00 37.68 ? 927  HOH A O   1 
HETATM 1418 O  O   . HOH H 6 .   ? -11.486 4.590   -9.208  1.00 25.00 ? 928  HOH A O   1 
HETATM 1419 O  O   . HOH H 6 .   ? -8.071  12.603  -13.093 1.00 26.06 ? 929  HOH A O   1 
HETATM 1420 O  O   . HOH H 6 .   ? -6.429  -5.381  8.064   1.00 13.21 ? 930  HOH A O   1 
HETATM 1421 O  O   . HOH H 6 .   ? -7.725  -2.555  -5.430  1.00 32.41 ? 931  HOH A O   1 
HETATM 1422 O  O   . HOH H 6 .   ? -4.406  -4.960  6.095   1.00 14.52 ? 932  HOH A O   1 
HETATM 1423 O  O   . HOH H 6 .   ? 13.042  12.955  7.801   1.00 20.28 ? 933  HOH A O   1 
HETATM 1424 O  O   . HOH H 6 .   ? 4.069   15.615  -8.373  1.00 23.91 ? 934  HOH A O   1 
HETATM 1425 O  O   . HOH H 6 .   ? -13.460 2.395   -0.482  1.00 20.69 ? 935  HOH A O   1 
HETATM 1426 O  O   . HOH H 6 .   ? -12.095 2.405   -10.467 1.00 33.24 ? 936  HOH A O   1 
HETATM 1427 O  O   . HOH H 6 .   ? 7.257   5.333   15.432  1.00 20.15 ? 937  HOH A O   1 
HETATM 1428 O  O   . HOH H 6 .   ? 8.341   -2.255  -10.764 1.00 36.79 ? 938  HOH A O   1 
HETATM 1429 O  O   . HOH H 6 .   ? 0.253   17.125  -7.349  1.00 26.99 ? 939  HOH A O   1 
HETATM 1430 O  O   . HOH H 6 .   ? -8.876  -14.755 15.732  1.00 18.09 ? 940  HOH A O   1 
HETATM 1431 O  O   . HOH H 6 .   ? -10.835 -8.879  20.478  1.00 38.54 ? 941  HOH A O   1 
HETATM 1432 O  O   . HOH H 6 .   ? -6.185  -20.623 6.831   1.00 12.17 ? 942  HOH A O   1 
HETATM 1433 O  O   . HOH H 6 .   ? -5.187  -3.353  -2.525  1.00 34.19 ? 943  HOH A O   1 
HETATM 1434 O  O   . HOH H 6 .   ? -4.933  -0.067  13.898  1.00 27.89 ? 944  HOH A O   1 
HETATM 1435 O  O   . HOH H 6 .   ? -10.070 -6.603  19.193  1.00 17.69 ? 945  HOH A O   1 
HETATM 1436 O  O   . HOH H 6 .   ? 3.224   15.522  -13.142 1.00 21.91 ? 946  HOH A O   1 
HETATM 1437 O  O   . HOH H 6 .   ? -6.301  4.976   -1.371  1.00 24.77 ? 947  HOH A O   1 
HETATM 1438 O  O   . HOH H 6 .   ? 13.957  17.206  -1.412  1.00 20.07 ? 948  HOH A O   1 
HETATM 1439 O  O   . HOH H 6 .   ? -19.040 -17.868 1.657   1.00 29.14 ? 949  HOH A O   1 
HETATM 1440 O  O   . HOH H 6 .   ? 5.146   -11.044 -0.588  1.00 32.88 ? 950  HOH A O   1 
HETATM 1441 O  O   . HOH H 6 .   ? -1.327  16.106  3.479   1.00 18.92 ? 951  HOH A O   1 
HETATM 1442 O  O   . HOH H 6 .   ? 8.119   18.114  -7.996  1.00 22.96 ? 952  HOH A O   1 
HETATM 1443 O  O   . HOH H 6 .   ? -16.019 -0.782  11.381  1.00 25.65 ? 953  HOH A O   1 
HETATM 1444 O  O   . HOH H 6 .   ? -16.190 -6.525  15.159  1.00 28.38 ? 954  HOH A O   1 
HETATM 1445 O  O   . HOH H 6 .   ? 0.392   4.386   -2.455  1.00 16.03 ? 955  HOH A O   1 
HETATM 1446 O  O   . HOH H 6 .   ? -16.106 -10.785 15.024  1.00 32.70 ? 956  HOH A O   1 
HETATM 1447 O  O   . HOH H 6 .   ? -6.353  7.369   1.261   1.00 18.08 ? 957  HOH A O   1 
HETATM 1448 O  O   . HOH H 6 .   ? 5.193   13.372  3.994   1.00 16.65 ? 958  HOH A O   1 
HETATM 1449 O  O   . HOH H 6 .   ? -17.584 0.313   -5.306  1.00 18.21 ? 959  HOH A O   1 
HETATM 1450 O  O   . HOH H 6 .   ? -2.344  6.689   12.016  1.00 14.86 ? 960  HOH A O   1 
HETATM 1451 O  O   . HOH H 6 .   ? -3.330  -8.180  16.217  1.00 22.26 ? 961  HOH A O   1 
HETATM 1452 O  O   . HOH H 6 .   ? 18.931  4.202   4.245   1.00 18.26 ? 962  HOH A O   1 
HETATM 1453 O  O   . HOH H 6 .   ? -3.988  -13.504 4.349   1.00 30.25 ? 963  HOH A O   1 
HETATM 1454 O  O   . HOH H 6 .   ? -2.210  -15.689 10.409  1.00 22.19 ? 964  HOH A O   1 
HETATM 1455 O  O   . HOH H 6 .   ? 10.162  14.238  -14.305 1.00 20.02 ? 965  HOH A O   1 
HETATM 1456 O  O   . HOH H 6 .   ? -4.773  -14.723 10.542  1.00 18.52 ? 966  HOH A O   1 
HETATM 1457 O  O   . HOH H 6 .   ? -4.933  -0.742  -0.695  1.00 26.13 ? 967  HOH A O   1 
HETATM 1458 O  O   . HOH H 6 .   ? -14.239 -7.953  -5.176  1.00 16.10 ? 968  HOH A O   1 
HETATM 1459 O  O   . HOH H 6 .   ? 5.601   17.386  -7.218  1.00 28.77 ? 969  HOH A O   1 
HETATM 1460 O  O   . HOH H 6 .   ? -15.154 -12.283 17.008  1.00 23.97 ? 970  HOH A O   1 
HETATM 1461 O  O   . HOH H 6 .   ? -7.811  14.908  -14.293 1.00 28.87 ? 971  HOH A O   1 
HETATM 1462 O  O   . HOH H 6 .   ? 0.606   -12.828 12.290  1.00 21.78 ? 972  HOH A O   1 
HETATM 1463 O  O   . HOH H 6 .   ? 1.993   15.309  -6.435  1.00 26.59 ? 973  HOH A O   1 
HETATM 1464 O  O   . HOH H 6 .   ? 4.713   3.487   18.222  1.00 22.53 ? 974  HOH A O   1 
HETATM 1465 O  O   . HOH H 6 .   ? -17.229 -8.755  16.088  1.00 29.10 ? 975  HOH A O   1 
HETATM 1466 O  O   . HOH H 6 .   ? -12.614 -13.258 17.151  1.00 21.30 ? 976  HOH A O   1 
HETATM 1467 O  O   . HOH H 6 .   ? 14.379  11.011  5.377   1.00 20.09 ? 977  HOH A O   1 
HETATM 1468 O  O   . HOH H 6 .   ? -8.376  -3.439  -1.171  1.00 16.89 ? 978  HOH A O   1 
HETATM 1469 O  O   . HOH H 6 .   ? -10.204 -10.850 18.500  1.00 22.57 ? 979  HOH A O   1 
HETATM 1470 O  O   . HOH H 6 .   ? 9.388   5.899   13.946  1.00 24.32 ? 980  HOH A O   1 
HETATM 1471 O  O   . HOH H 6 .   ? -5.247  4.522   -7.574  1.00 21.66 ? 981  HOH A O   1 
HETATM 1472 O  O   . HOH H 6 .   ? 13.142  17.820  2.643   1.00 24.26 ? 982  HOH A O   1 
HETATM 1473 O  O   . HOH H 6 .   ? -11.675 4.392   8.837   1.00 26.81 ? 983  HOH A O   1 
HETATM 1474 O  O   . HOH H 6 .   ? 11.374  12.996  10.373  1.00 24.99 ? 984  HOH A O   1 
HETATM 1475 O  O   . HOH H 6 .   ? -19.280 -6.552  -6.497  1.00 24.77 ? 985  HOH A O   1 
HETATM 1476 O  O   . HOH H 6 .   ? -7.531  8.452   3.987   1.00 32.72 ? 986  HOH A O   1 
HETATM 1477 O  O   . HOH H 6 .   ? -8.012  3.427   -7.085  1.00 21.15 ? 987  HOH A O   1 
HETATM 1478 O  O   . HOH H 6 .   ? -22.296 -5.653  -5.075  1.00 27.15 ? 988  HOH A O   1 
HETATM 1479 O  O   . HOH H 6 .   ? -6.241  -13.949 15.088  1.00 23.64 ? 989  HOH A O   1 
HETATM 1480 O  O   . HOH H 6 .   ? -10.176 5.360   -6.846  1.00 21.51 ? 990  HOH A O   1 
HETATM 1481 O  O   . HOH H 6 .   ? -16.645 -6.394  -6.074  1.00 19.84 ? 991  HOH A O   1 
HETATM 1482 O  O   . HOH H 6 .   ? -12.783 -5.115  17.932  1.00 21.17 ? 992  HOH A O   1 
HETATM 1483 O  O   . HOH H 6 .   ? 2.389   -12.070 5.277   1.00 27.50 ? 993  HOH A O   1 
HETATM 1484 O  O   . HOH H 6 .   ? -9.269  -17.266 14.313  1.00 32.19 ? 994  HOH A O   1 
HETATM 1485 O  O   . HOH H 6 .   ? 3.201   16.972  -10.584 1.00 33.33 ? 995  HOH A O   1 
HETATM 1486 O  O   . HOH H 6 .   ? -17.913 -3.436  -7.233  1.00 24.72 ? 996  HOH A O   1 
HETATM 1487 O  O   . HOH H 6 .   ? 20.771  -0.020  -4.514  1.00 23.89 ? 997  HOH A O   1 
HETATM 1488 O  O   . HOH H 6 .   ? -9.257  -12.060 -7.095  1.00 30.45 ? 998  HOH A O   1 
HETATM 1489 O  O   . HOH H 6 .   ? -19.401 -2.344  4.872   1.00 33.13 ? 999  HOH A O   1 
HETATM 1490 O  O   . HOH H 6 .   ? 1.488   17.247  -0.243  1.00 24.83 ? 1000 HOH A O   1 
HETATM 1491 O  O   . HOH H 6 .   ? 10.196  17.078  9.108   1.00 36.40 ? 1001 HOH A O   1 
HETATM 1492 O  O   . HOH H 6 .   ? -6.438  2.283   14.547  1.00 32.28 ? 1002 HOH A O   1 
HETATM 1493 O  O   . HOH H 6 .   ? -11.847 -0.859  -10.764 1.00 36.60 ? 1003 HOH A O   1 
HETATM 1494 O  O   . HOH H 6 .   ? 7.892   5.782   -14.391 1.00 30.81 ? 1004 HOH A O   1 
HETATM 1495 O  O   . HOH H 6 .   ? 2.175   0.436   -13.532 1.00 30.35 ? 1005 HOH A O   1 
HETATM 1496 O  O   . HOH H 6 .   ? -2.661  0.712   12.970  1.00 36.08 ? 1006 HOH A O   1 
HETATM 1497 O  O   . HOH H 6 .   ? 8.408   12.741  -16.158 1.00 27.96 ? 1007 HOH A O   1 
HETATM 1498 O  O   . HOH H 6 .   ? -22.310 -10.996 -4.398  1.00 30.71 ? 1008 HOH A O   1 
HETATM 1499 O  O   . HOH H 6 .   ? -15.129 -21.135 13.065  1.00 29.59 ? 1009 HOH A O   1 
HETATM 1500 O  O   . HOH H 6 .   ? -8.002  7.168   7.803   1.00 25.91 ? 1010 HOH A O   1 
HETATM 1501 O  O   . HOH H 6 .   ? -21.394 -12.559 10.878  1.00 27.18 ? 1011 HOH A O   1 
HETATM 1502 O  O   . HOH H 6 .   ? 22.205  8.053   -6.626  1.00 36.76 ? 1012 HOH A O   1 
HETATM 1503 O  O   . HOH H 6 .   ? -1.053  14.088  -13.190 1.00 33.37 ? 1013 HOH A O   1 
HETATM 1504 O  O   . HOH H 6 .   ? -7.139  -10.787 20.745  1.00 36.41 ? 1014 HOH A O   1 
HETATM 1505 O  O   . HOH H 6 .   ? -6.070  -15.243 12.790  1.00 25.55 ? 1015 HOH A O   1 
HETATM 1506 O  O   . HOH H 6 .   ? -8.022  -15.012 2.025   1.00 32.61 ? 1016 HOH A O   1 
HETATM 1507 O  O   . HOH H 6 .   ? -10.701 0.686   6.103   1.00 23.63 ? 1017 HOH A O   1 
HETATM 1508 O  O   . HOH H 6 .   ? -15.639 -20.667 5.469   1.00 28.15 ? 1018 HOH A O   1 
HETATM 1509 O  O   . HOH H 6 .   ? -17.208 -1.701  6.736   1.00 26.82 ? 1019 HOH A O   1 
HETATM 1510 O  O   . HOH H 6 .   ? -0.504  15.958  0.585   1.00 25.90 ? 1020 HOH A O   1 
HETATM 1511 O  O   . HOH H 6 .   ? -11.961 -19.699 -0.443  1.00 32.47 ? 1021 HOH A O   1 
HETATM 1512 O  O   . HOH H 6 .   ? -2.499  -2.888  -9.875  1.00 45.15 ? 1022 HOH A O   1 
HETATM 1513 O  O   . HOH H 6 .   ? 15.972  -1.464  -10.397 1.00 33.04 ? 1023 HOH A O   1 
HETATM 1514 O  O   . HOH H 6 .   ? 15.873  -9.592  -5.151  1.00 30.86 ? 1024 HOH A O   1 
HETATM 1515 O  O   . HOH H 6 .   ? -4.390  -0.756  18.414  1.00 31.67 ? 1025 HOH A O   1 
HETATM 1516 O  O   . HOH H 6 .   ? 12.182  8.140   -19.308 1.00 33.31 ? 1026 HOH A O   1 
HETATM 1517 O  O   . HOH H 6 .   ? 1.877   -8.043  -7.680  1.00 36.37 ? 1027 HOH A O   1 
HETATM 1518 O  O   . HOH H 6 .   ? -7.726  -22.504 8.052   1.00 33.67 ? 1028 HOH A O   1 
HETATM 1519 O  O   . HOH H 6 .   ? -3.748  -3.526  0.228   1.00 10.13 ? 1029 HOH A O   1 
HETATM 1520 O  O   . HOH H 6 .   ? 20.302  1.879   5.111   1.00 27.62 ? 1030 HOH A O   1 
HETATM 1521 O  O   . HOH H 6 .   ? -7.513  10.029  0.669   1.00 33.33 ? 1031 HOH A O   1 
HETATM 1522 O  O   . HOH H 6 .   ? -2.363  4.760   14.082  1.00 20.78 ? 1032 HOH A O   1 
HETATM 1523 O  O   . HOH H 6 .   ? -7.337  11.064  4.911   1.00 41.81 ? 1033 HOH A O   1 
HETATM 1524 O  O   . HOH H 6 .   ? -5.851  -11.503 16.329  1.00 23.42 ? 1034 HOH A O   1 
HETATM 1525 O  O   . HOH H 6 .   ? -5.044  7.524   12.014  1.00 25.46 ? 1035 HOH A O   1 
HETATM 1526 O  O   . HOH H 6 .   ? -5.256  -22.024 10.277  1.00 33.44 ? 1036 HOH A O   1 
HETATM 1527 O  O   . HOH H 6 .   ? 10.840  18.292  -12.003 1.00 26.65 ? 1037 HOH A O   1 
HETATM 1528 O  O   . HOH H 6 .   ? 2.531   18.186  2.538   1.00 33.09 ? 1038 HOH A O   1 
HETATM 1529 O  O   . HOH H 6 .   ? -18.451 -17.055 6.879   1.00 23.19 ? 1039 HOH A O   1 
HETATM 1530 O  O   . HOH H 6 .   ? -3.549  2.374   -8.213  1.00 32.51 ? 1040 HOH A O   1 
HETATM 1531 O  O   . HOH H 6 .   ? -6.453  -12.923 2.249   1.00 36.63 ? 1041 HOH A O   1 
HETATM 1532 O  O   . HOH H 6 .   ? -3.500  -11.479 1.024   1.00 34.36 ? 1042 HOH A O   1 
HETATM 1533 O  O   . HOH H 6 .   ? -7.557  -11.794 18.388  1.00 32.32 ? 1043 HOH A O   1 
HETATM 1534 O  O   . HOH H 6 .   ? -3.574  -5.543  -2.210  1.00 37.57 ? 1044 HOH A O   1 
HETATM 1535 O  O   . HOH H 6 .   ? -7.796  -22.543 10.831  1.00 33.27 ? 1045 HOH A O   1 
HETATM 1536 O  O   . HOH H 6 .   ? -16.243 -16.407 16.550  1.00 33.87 ? 1046 HOH A O   1 
HETATM 1537 O  O   . HOH H 6 .   ? -6.435  -3.642  18.987  1.00 40.25 ? 1047 HOH A O   1 
HETATM 1538 O  O   . HOH H 6 .   ? 0.725   15.604  -13.978 1.00 33.12 ? 1048 HOH A O   1 
HETATM 1539 O  O   . HOH H 6 .   ? -5.149  4.455   15.453  1.00 37.79 ? 1049 HOH A O   1 
HETATM 1540 O  O   . HOH H 6 .   ? -9.942  6.589   0.047   1.00 35.88 ? 1050 HOH A O   1 
HETATM 1541 O  O   . HOH H 6 .   ? -7.802  -13.412 -0.107  1.00 28.16 ? 1051 HOH A O   1 
HETATM 1542 O  O   . HOH H 6 .   ? -6.684  2.528   -3.243  1.00 38.35 ? 1052 HOH A O   1 
HETATM 1543 O  O   . HOH H 6 .   ? -19.804 -9.637  14.852  1.00 36.19 ? 1053 HOH A O   1 
HETATM 1544 O  O   . HOH H 6 .   ? -2.773  -4.716  -4.395  1.00 48.96 ? 1054 HOH A O   1 
HETATM 1545 O  O   . HOH H 6 .   ? -8.090  -14.885 18.357  1.00 33.30 ? 1055 HOH A O   1 
HETATM 1546 O  O   . HOH H 6 .   ? 5.498   -12.525 4.426   1.00 45.10 ? 1056 HOH A O   1 
HETATM 1547 O  O   . HOH H 6 .   ? 11.054  19.634  -3.389  1.00 27.61 ? 1057 HOH A O   1 
HETATM 1548 O  O   . HOH H 6 .   ? 8.881   -10.132 -5.307  1.00 26.91 ? 1058 HOH A O   1 
HETATM 1549 O  O   . HOH H 6 .   ? -19.843 -11.580 12.392  1.00 35.41 ? 1059 HOH A O   1 
HETATM 1550 O  O   . HOH H 6 .   ? -13.171 3.098   -12.867 1.00 29.67 ? 1060 HOH A O   1 
HETATM 1551 O  O   . HOH H 6 .   ? -7.840  7.398   -1.270  1.00 34.45 ? 1061 HOH A O   1 
HETATM 1552 O  O   . HOH H 6 .   ? 10.319  17.091  -14.521 1.00 35.46 ? 1062 HOH A O   1 
HETATM 1553 O  O   . HOH H 6 .   ? -2.414  -0.502  19.817  1.00 39.36 ? 1063 HOH A O   1 
HETATM 1554 O  O   . HOH H 6 .   ? 9.859   9.261   -18.781 1.00 36.14 ? 1064 HOH A O   1 
HETATM 1555 O  O   . HOH H 6 .   ? -9.598  1.364   -0.736  1.00 29.18 ? 1065 HOH A O   1 
HETATM 1556 O  O   . HOH H 6 .   ? -15.427 -7.159  -8.341  1.00 36.80 ? 1066 HOH A O   1 
HETATM 1557 O  O   . HOH H 6 .   ? 2.471   15.812  -3.970  1.00 33.94 ? 1067 HOH A O   1 
HETATM 1558 O  O   . HOH H 6 .   ? -15.406 -10.874 19.490  1.00 33.13 ? 1068 HOH A O   1 
HETATM 1559 O  O   . HOH H 6 .   ? 1.870   6.623   17.837  1.00 42.57 ? 1069 HOH A O   1 
HETATM 1560 O  O   . HOH H 6 .   ? -13.916 2.806   3.105   1.00 32.36 ? 1070 HOH A O   1 
HETATM 1561 O  O   . HOH H 6 .   ? -1.223  -13.703 3.662   1.00 33.24 ? 1071 HOH A O   1 
HETATM 1562 O  O   . HOH H 6 .   ? -1.393  -6.698  15.116  1.00 27.95 ? 1072 HOH A O   1 
HETATM 1563 O  O   . HOH H 6 .   ? -19.823 -0.555  2.777   1.00 30.47 ? 1073 HOH A O   1 
HETATM 1564 O  O   . HOH H 6 .   ? -0.669  8.967   13.249  1.00 33.91 ? 1074 HOH A O   1 
HETATM 1565 O  O   . HOH H 6 .   ? -18.109 -4.377  14.286  1.00 32.61 ? 1075 HOH A O   1 
HETATM 1566 O  O   . HOH H 6 .   ? -9.704  6.155   4.420   1.00 40.62 ? 1076 HOH A O   1 
HETATM 1567 O  O   . HOH H 6 .   ? 0.581   -8.324  14.435  1.00 34.07 ? 1077 HOH A O   1 
HETATM 1568 O  O   . HOH H 6 .   ? 5.966   13.060  11.979  1.00 37.27 ? 1078 HOH A O   1 
HETATM 1569 O  O   . HOH H 6 .   ? -14.785 -3.231  -9.786  1.00 28.48 ? 1079 HOH A O   1 
HETATM 1570 O  O   . HOH H 6 .   ? -8.593  4.621   1.420   1.00 29.12 ? 1080 HOH A O   1 
HETATM 1571 O  O   . HOH H 6 .   ? 11.074  19.511  3.716   1.00 32.78 ? 1081 HOH A O   1 
HETATM 1572 O  O   . HOH H 6 .   ? -3.428  -6.453  -6.086  1.00 37.33 ? 1082 HOH A O   1 
HETATM 1573 O  O   . HOH H 6 .   ? -22.567 -13.804 -3.599  1.00 39.23 ? 1083 HOH A O   1 
HETATM 1574 O  O   . HOH H 6 .   ? -10.835 2.862   0.894   1.00 38.34 ? 1084 HOH A O   1 
HETATM 1575 O  O   . HOH H 6 .   ? 9.535   20.058  -10.734 1.00 38.41 ? 1085 HOH A O   1 
HETATM 1576 O  O   . HOH H 6 .   ? 5.279   16.651  -4.053  1.00 35.19 ? 1086 HOH A O   1 
HETATM 1577 O  O   . HOH H 6 .   ? 18.730  -0.419  -10.025 1.00 33.64 ? 1087 HOH A O   1 
HETATM 1578 O  O   . HOH H 6 .   ? -17.491 -1.792  13.597  1.00 32.90 ? 1088 HOH A O   1 
HETATM 1579 O  O   . HOH H 6 .   ? 1.553   -6.305  -1.590  1.00 34.39 ? 1089 HOH A O   1 
HETATM 1580 O  O   . HOH H 6 .   ? 9.570   19.302  7.843   1.00 36.31 ? 1090 HOH A O   1 
HETATM 1581 O  O   . HOH H 6 .   ? 10.237  -14.799 4.741   1.00 40.04 ? 1091 HOH A O   1 
HETATM 1582 O  O   . HOH H 6 .   ? -17.519 -18.779 3.536   1.00 37.79 ? 1092 HOH A O   1 
HETATM 1583 O  O   . HOH H 6 .   ? -6.317  1.835   -5.643  1.00 35.32 ? 1093 HOH A O   1 
HETATM 1584 O  O   . HOH H 6 .   ? -11.957 12.017  3.308   1.00 40.38 ? 1094 HOH A O   1 
HETATM 1585 O  O   . HOH H 6 .   ? 13.739  15.426  8.414   1.00 36.78 ? 1095 HOH A O   1 
HETATM 1586 O  O   . HOH H 6 .   ? 12.877  13.979  -15.801 1.00 44.23 ? 1096 HOH A O   1 
HETATM 1587 O  O   . HOH H 6 .   ? -12.726 -15.744 18.346  1.00 39.07 ? 1097 HOH A O   1 
HETATM 1588 O  O   . HOH H 6 .   ? -6.298  16.238  -5.217  1.00 37.11 ? 1098 HOH A O   1 
HETATM 1589 O  O   . HOH H 6 .   ? 14.067  1.381   -12.987 1.00 38.65 ? 1099 HOH A O   1 
HETATM 1590 O  O   . HOH H 6 .   ? -16.320 -17.710 14.515  1.00 36.35 ? 1100 HOH A O   1 
HETATM 1591 O  O   . HOH H 6 .   ? 14.307  20.854  -9.606  1.00 40.53 ? 1101 HOH A O   1 
HETATM 1592 O  O   . HOH H 6 .   ? 11.856  21.684  -9.044  1.00 37.81 ? 1102 HOH A O   1 
HETATM 1593 O  O   . HOH H 6 .   ? 21.997  -0.621  -6.818  1.00 32.66 ? 1103 HOH A O   1 
HETATM 1594 O  O   . HOH H 6 .   ? -6.205  -12.353 11.985  1.00 42.33 ? 1104 HOH A O   1 
HETATM 1595 O  O   . HOH H 6 .   ? 12.662  -10.497 -9.517  1.00 40.32 ? 1105 HOH A O   1 
HETATM 1596 O  O   . HOH H 6 .   ? -5.225  0.386   -8.261  1.00 43.83 ? 1106 HOH A O   1 
HETATM 1597 O  O   . HOH H 6 .   ? -9.914  6.659   9.673   1.00 36.47 ? 1107 HOH A O   1 
HETATM 1598 O  O   . HOH H 6 .   ? 18.521  -6.389  -8.276  1.00 41.68 ? 1108 HOH A O   1 
HETATM 1599 O  O   . HOH H 6 .   ? -6.314  6.379   13.992  1.00 47.69 ? 1109 HOH A O   1 
HETATM 1600 O  O   . HOH H 6 .   ? 3.067   -7.829  -4.335  1.00 47.83 ? 1110 HOH A O   1 
HETATM 1601 O  O   . HOH H 6 .   ? 15.455  1.757   -10.747 1.00 45.64 ? 1111 HOH A O   1 
HETATM 1602 O  O   . HOH H 6 .   ? 1.109   18.174  -2.875  1.00 43.98 ? 1112 HOH A O   1 
HETATM 1603 O  O   . HOH H 6 .   ? -4.427  10.142  13.033  1.00 38.18 ? 1113 HOH A O   1 
HETATM 1604 O  O   . HOH H 6 .   ? -23.111 -13.723 1.311   1.00 41.54 ? 1114 HOH A O   1 
HETATM 1605 O  O   . HOH H 6 .   ? 8.455   18.825  3.593   1.00 40.29 ? 1115 HOH A O   1 
HETATM 1606 O  O   . HOH H 6 .   ? 17.830  2.483   -11.421 1.00 38.21 ? 1116 HOH A O   1 
HETATM 1607 O  O   . HOH H 6 .   ? 15.381  23.214  -10.498 1.00 31.40 ? 1117 HOH A O   1 
HETATM 1608 O  O   . HOH H 6 .   ? -5.056  -2.877  -8.320  1.00 42.21 ? 1118 HOH A O   1 
HETATM 1609 O  O   . HOH H 6 .   ? -0.539  -10.011 1.958   1.00 30.00 ? 1119 HOH A O   1 
# 
loop_
_pdbx_poly_seq_scheme.asym_id 
_pdbx_poly_seq_scheme.entity_id 
_pdbx_poly_seq_scheme.seq_id 
_pdbx_poly_seq_scheme.mon_id 
_pdbx_poly_seq_scheme.ndb_seq_num 
_pdbx_poly_seq_scheme.pdb_seq_num 
_pdbx_poly_seq_scheme.auth_seq_num 
_pdbx_poly_seq_scheme.pdb_mon_id 
_pdbx_poly_seq_scheme.auth_mon_id 
_pdbx_poly_seq_scheme.pdb_strand_id 
_pdbx_poly_seq_scheme.pdb_ins_code 
_pdbx_poly_seq_scheme.hetero 
A 1 1   MET 1   1   1   MET MET A . n 
A 1 2   ASN 2   2   2   ASN ASN A . n 
A 1 3   ILE 3   3   3   ILE ILE A . n 
A 1 4   PHE 4   4   4   PHE PHE A . n 
A 1 5   GLU 5   5   5   GLU GLU A . n 
A 1 6   MET 6   6   6   MET MET A . n 
A 1 7   LEU 7   7   7   LEU LEU A . n 
A 1 8   ARG 8   8   8   ARG ARG A . n 
A 1 9   ILE 9   9   9   ILE ILE A . n 
A 1 10  ASP 10  10  10  ASP ASP A . n 
A 1 11  GLU 11  11  11  GLU GLU A . n 
A 1 12  GLY 12  12  12  GLY GLY A . n 
A 1 13  LEU 13  13  13  LEU LEU A . n 
A 1 14  ARG 14  14  14  ARG ARG A . n 
A 1 15  LEU 15  15  15  LEU LEU A . n 
A 1 16  LYS 16  16  16  LYS LYS A . n 
A 1 17  ILE 17  17  17  ILE ILE A . n 
A 1 18  TYR 18  18  18  TYR TYR A . n 
A 1 19  LYS 19  19  19  LYS LYS A . n 
A 1 20  ASP 20  20  20  ASP ASP A . n 
A 1 21  THR 21  21  21  THR THR A . n 
A 1 22  GLU 22  22  22  GLU GLU A . n 
A 1 23  GLY 23  23  23  GLY GLY A . n 
A 1 24  TYR 24  24  24  TYR TYR A . n 
A 1 25  TYR 25  25  25  TYR TYR A . n 
A 1 26  THR 26  26  26  THR THR A . n 
A 1 27  ILE 27  27  27  ILE ILE A . n 
A 1 28  GLY 28  28  28  GLY GLY A . n 
A 1 29  ILE 29  29  29  ILE ILE A . n 
A 1 30  GLY 30  30  30  GLY GLY A . n 
A 1 31  HIS 31  31  31  HIS HIS A . n 
A 1 32  LEU 32  32  32  LEU LEU A . n 
A 1 33  LEU 33  33  33  LEU LEU A . n 
A 1 34  THR 34  34  34  THR THR A . n 
A 1 35  LYS 35  35  35  LYS LYS A . n 
A 1 36  SER 36  36  36  SER SER A . n 
A 1 37  PRO 37  37  37  PRO PRO A . n 
A 1 38  SER 38  38  38  SER SER A . n 
A 1 39  LEU 39  39  39  LEU LEU A . n 
A 1 40  ASN 40  40  40  ASN ASN A . n 
A 1 41  ALA 41  41  41  ALA ALA A . n 
A 1 42  ALA 42  42  42  ALA ALA A . n 
A 1 43  LYS 43  43  43  LYS LYS A . n 
A 1 44  SER 44  44  44  SER SER A . n 
A 1 45  GLU 45  45  45  GLU GLU A . n 
A 1 46  LEU 46  46  46  LEU LEU A . n 
A 1 47  ASP 47  47  47  ASP ASP A . n 
A 1 48  LYS 48  48  48  LYS LYS A . n 
A 1 49  ALA 49  49  49  ALA ALA A . n 
A 1 50  ILE 50  50  50  ILE ILE A . n 
A 1 51  GLY 51  51  51  GLY GLY A . n 
A 1 52  ARG 52  52  52  ARG ARG A . n 
A 1 53  ASN 53  53  53  ASN ASN A . n 
A 1 54  THR 54  54  54  THR THR A . n 
A 1 55  ASN 55  55  55  ASN ASN A . n 
A 1 56  GLY 56  56  56  GLY GLY A . n 
A 1 57  VAL 57  57  57  VAL VAL A . n 
A 1 58  ILE 58  58  58  ILE ILE A . n 
A 1 59  THR 59  59  59  THR THR A . n 
A 1 60  LYS 60  60  60  LYS LYS A . n 
A 1 61  ASP 61  61  61  ASP ASP A . n 
A 1 62  GLU 62  62  62  GLU GLU A . n 
A 1 63  ALA 63  63  63  ALA ALA A . n 
A 1 64  GLU 64  64  64  GLU GLU A . n 
A 1 65  LYS 65  65  65  LYS LYS A . n 
A 1 66  LEU 66  66  66  LEU LEU A . n 
A 1 67  PHE 67  67  67  PHE PHE A . n 
A 1 68  ASN 68  68  68  ASN ASN A . n 
A 1 69  GLN 69  69  69  GLN GLN A . n 
A 1 70  ASP 70  70  70  ASP ASP A . n 
A 1 71  VAL 71  71  71  VAL VAL A . n 
A 1 72  ASP 72  72  72  ASP ASP A . n 
A 1 73  ALA 73  73  73  ALA ALA A . n 
A 1 74  ALA 74  74  74  ALA ALA A . n 
A 1 75  VAL 75  75  75  VAL VAL A . n 
A 1 76  ARG 76  76  76  ARG ARG A . n 
A 1 77  GLY 77  77  77  GLY GLY A . n 
A 1 78  ILE 78  78  78  ILE ILE A . n 
A 1 79  LEU 79  79  79  LEU LEU A . n 
A 1 80  ARG 80  80  80  ARG ARG A . n 
A 1 81  ASN 81  81  81  ASN ASN A . n 
A 1 82  ALA 82  82  82  ALA ALA A . n 
A 1 83  LYS 83  83  83  LYS LYS A . n 
A 1 84  LEU 84  84  84  LEU LEU A . n 
A 1 85  LYS 85  85  85  LYS LYS A . n 
A 1 86  PRO 86  86  86  PRO PRO A . n 
A 1 87  VAL 87  87  87  VAL VAL A . n 
A 1 88  TYR 88  88  88  TYR TYR A . n 
A 1 89  ASP 89  89  89  ASP ASP A . n 
A 1 90  SER 90  90  90  SER SER A . n 
A 1 91  LEU 91  91  91  LEU LEU A . n 
A 1 92  ASP 92  92  92  ASP ASP A . n 
A 1 93  ALA 93  93  93  ALA ALA A . n 
A 1 94  VAL 94  94  94  VAL VAL A . n 
A 1 95  ARG 95  95  95  ARG ARG A . n 
A 1 96  ARG 96  96  96  ARG ARG A . n 
A 1 97  ALA 97  97  97  ALA ALA A . n 
A 1 98  ALA 98  98  98  ALA ALA A . n 
A 1 99  ALA 99  99  99  ALA ALA A . n 
A 1 100 ILE 100 100 100 ILE ILE A . n 
A 1 101 ASN 101 101 101 ASN ASN A . n 
A 1 102 MET 102 102 102 MET MET A . n 
A 1 103 VAL 103 103 103 VAL VAL A . n 
A 1 104 PHE 104 104 104 PHE PHE A . n 
A 1 105 GLN 105 105 105 GLN GLN A . n 
A 1 106 MET 106 106 106 MET MET A . n 
A 1 107 GLY 107 107 107 GLY GLY A . n 
A 1 108 GLU 108 108 108 GLU GLU A . n 
A 1 109 THR 109 109 109 THR THR A . n 
A 1 110 GLY 110 110 110 GLY GLY A . n 
A 1 111 VAL 111 111 111 VAL VAL A . n 
A 1 112 ALA 112 112 112 ALA ALA A . n 
A 1 113 GLY 113 113 113 GLY GLY A . n 
A 1 114 PHE 114 114 114 PHE PHE A . n 
A 1 115 THR 115 115 115 THR THR A . n 
A 1 116 ASN 116 116 116 ASN ASN A . n 
A 1 117 SER 117 117 117 SER SER A . n 
A 1 118 LEU 118 118 118 LEU LEU A . n 
A 1 119 ARG 119 119 119 ARG ARG A . n 
A 1 120 MET 120 120 120 MET MET A . n 
A 1 121 LEU 121 121 121 LEU LEU A . n 
A 1 122 GLN 122 122 122 GLN GLN A . n 
A 1 123 GLN 123 123 123 GLN GLN A . n 
A 1 124 LYS 124 124 124 LYS LYS A . n 
A 1 125 ARG 125 125 125 ARG ARG A . n 
A 1 126 TRP 126 126 126 TRP TRP A . n 
A 1 127 ASP 127 127 127 ASP ASP A . n 
A 1 128 GLU 128 128 128 GLU GLU A . n 
A 1 129 ALA 129 129 129 ALA ALA A . n 
A 1 130 ALA 130 130 130 ALA ALA A . n 
A 1 131 VAL 131 131 131 VAL VAL A . n 
A 1 132 ASN 132 132 132 ASN ASN A . n 
A 1 133 LEU 133 133 133 LEU LEU A . n 
A 1 134 ALA 134 134 134 ALA ALA A . n 
A 1 135 LYS 135 135 135 LYS LYS A . n 
A 1 136 SER 136 136 136 SER SER A . n 
A 1 137 ARG 137 137 137 ARG ARG A . n 
A 1 138 TRP 138 138 138 TRP TRP A . n 
A 1 139 TYR 139 139 139 TYR TYR A . n 
A 1 140 ASN 140 140 140 ASN ASN A . n 
A 1 141 GLN 141 141 141 GLN GLN A . n 
A 1 142 THR 142 142 142 THR THR A . n 
A 1 143 PRO 143 143 143 PRO PRO A . n 
A 1 144 ASN 144 144 144 ASN ASN A . n 
A 1 145 ARG 145 145 145 ARG ARG A . n 
A 1 146 ALA 146 146 146 ALA ALA A . n 
A 1 147 LYS 147 147 147 LYS LYS A . n 
A 1 148 ARG 148 148 148 ARG ARG A . n 
A 1 149 VAL 149 149 149 VAL VAL A . n 
A 1 150 ILE 150 150 150 ILE ILE A . n 
A 1 151 THR 151 151 151 THR THR A . n 
A 1 152 THR 152 152 152 THR THR A . n 
A 1 153 PHE 153 153 153 PHE PHE A . n 
A 1 154 ARG 154 154 154 ARG ARG A . n 
A 1 155 THR 155 155 155 THR THR A . n 
A 1 156 GLY 156 156 156 GLY GLY A . n 
A 1 157 THR 157 157 157 THR THR A . n 
A 1 158 TRP 158 158 158 TRP TRP A . n 
A 1 159 ASP 159 159 159 ASP ASP A . n 
A 1 160 ALA 160 160 160 ALA ALA A . n 
A 1 161 TYR 161 161 161 TYR TYR A . n 
A 1 162 LYS 162 162 162 LYS LYS A . n 
A 1 163 ASN 163 163 163 ASN ASN A . n 
A 1 164 LEU 164 164 164 LEU LEU A . n 
# 
loop_
_pdbx_nonpoly_scheme.asym_id 
_pdbx_nonpoly_scheme.entity_id 
_pdbx_nonpoly_scheme.mon_id 
_pdbx_nonpoly_scheme.ndb_seq_num 
_pdbx_nonpoly_scheme.pdb_seq_num 
_pdbx_nonpoly_scheme.auth_seq_num 
_pdbx_nonpoly_scheme.pdb_mon_id 
_pdbx_nonpoly_scheme.auth_mon_id 
_pdbx_nonpoly_scheme.pdb_strand_id 
_pdbx_nonpoly_scheme.pdb_ins_code 
B 2 PO4 1   901  901 PO4 PO4 A . 
C 2 PO4 1   902  902 PO4 PO4 A . 
D 3 CL  1   903  903 CL  CL  A . 
E 4 F5B 1   900  900 F5B F5B A . 
F 5 HED 1   904  904 HED HED A . 
G 5 HED 1   905  905 HED HED A . 
H 6 HOH 1   906  1   HOH HOH A . 
H 6 HOH 2   907  2   HOH HOH A . 
H 6 HOH 3   908  3   HOH HOH A . 
H 6 HOH 4   909  4   HOH HOH A . 
H 6 HOH 5   910  5   HOH HOH A . 
H 6 HOH 6   911  6   HOH HOH A . 
H 6 HOH 7   912  7   HOH HOH A . 
H 6 HOH 8   913  8   HOH HOH A . 
H 6 HOH 9   914  9   HOH HOH A . 
H 6 HOH 10  915  10  HOH HOH A . 
H 6 HOH 11  916  11  HOH HOH A . 
H 6 HOH 12  917  12  HOH HOH A . 
H 6 HOH 13  918  13  HOH HOH A . 
H 6 HOH 14  919  14  HOH HOH A . 
H 6 HOH 15  920  15  HOH HOH A . 
H 6 HOH 16  921  16  HOH HOH A . 
H 6 HOH 17  922  17  HOH HOH A . 
H 6 HOH 18  923  18  HOH HOH A . 
H 6 HOH 19  924  19  HOH HOH A . 
H 6 HOH 20  925  20  HOH HOH A . 
H 6 HOH 21  926  21  HOH HOH A . 
H 6 HOH 22  927  22  HOH HOH A . 
H 6 HOH 23  928  23  HOH HOH A . 
H 6 HOH 24  929  24  HOH HOH A . 
H 6 HOH 25  930  25  HOH HOH A . 
H 6 HOH 26  931  26  HOH HOH A . 
H 6 HOH 27  932  27  HOH HOH A . 
H 6 HOH 28  933  28  HOH HOH A . 
H 6 HOH 29  934  29  HOH HOH A . 
H 6 HOH 30  935  30  HOH HOH A . 
H 6 HOH 31  936  31  HOH HOH A . 
H 6 HOH 32  937  32  HOH HOH A . 
H 6 HOH 33  938  33  HOH HOH A . 
H 6 HOH 34  939  34  HOH HOH A . 
H 6 HOH 35  940  35  HOH HOH A . 
H 6 HOH 36  941  36  HOH HOH A . 
H 6 HOH 37  942  37  HOH HOH A . 
H 6 HOH 38  943  38  HOH HOH A . 
H 6 HOH 39  944  39  HOH HOH A . 
H 6 HOH 40  945  40  HOH HOH A . 
H 6 HOH 41  946  41  HOH HOH A . 
H 6 HOH 42  947  42  HOH HOH A . 
H 6 HOH 43  948  43  HOH HOH A . 
H 6 HOH 44  949  44  HOH HOH A . 
H 6 HOH 45  950  45  HOH HOH A . 
H 6 HOH 46  951  46  HOH HOH A . 
H 6 HOH 47  952  47  HOH HOH A . 
H 6 HOH 48  953  48  HOH HOH A . 
H 6 HOH 49  954  49  HOH HOH A . 
H 6 HOH 50  955  50  HOH HOH A . 
H 6 HOH 51  956  51  HOH HOH A . 
H 6 HOH 52  957  52  HOH HOH A . 
H 6 HOH 53  958  53  HOH HOH A . 
H 6 HOH 54  959  54  HOH HOH A . 
H 6 HOH 55  960  55  HOH HOH A . 
H 6 HOH 56  961  56  HOH HOH A . 
H 6 HOH 57  962  57  HOH HOH A . 
H 6 HOH 58  963  58  HOH HOH A . 
H 6 HOH 59  964  59  HOH HOH A . 
H 6 HOH 60  965  60  HOH HOH A . 
H 6 HOH 61  966  61  HOH HOH A . 
H 6 HOH 62  967  62  HOH HOH A . 
H 6 HOH 63  968  63  HOH HOH A . 
H 6 HOH 64  969  64  HOH HOH A . 
H 6 HOH 65  970  65  HOH HOH A . 
H 6 HOH 66  971  66  HOH HOH A . 
H 6 HOH 67  972  67  HOH HOH A . 
H 6 HOH 68  973  68  HOH HOH A . 
H 6 HOH 69  974  69  HOH HOH A . 
H 6 HOH 70  975  70  HOH HOH A . 
H 6 HOH 71  976  71  HOH HOH A . 
H 6 HOH 72  977  72  HOH HOH A . 
H 6 HOH 73  978  73  HOH HOH A . 
H 6 HOH 74  979  74  HOH HOH A . 
H 6 HOH 75  980  75  HOH HOH A . 
H 6 HOH 76  981  76  HOH HOH A . 
H 6 HOH 77  982  77  HOH HOH A . 
H 6 HOH 78  983  78  HOH HOH A . 
H 6 HOH 79  984  79  HOH HOH A . 
H 6 HOH 80  985  80  HOH HOH A . 
H 6 HOH 81  986  81  HOH HOH A . 
H 6 HOH 82  987  82  HOH HOH A . 
H 6 HOH 83  988  83  HOH HOH A . 
H 6 HOH 84  989  84  HOH HOH A . 
H 6 HOH 85  990  85  HOH HOH A . 
H 6 HOH 86  991  86  HOH HOH A . 
H 6 HOH 87  992  87  HOH HOH A . 
H 6 HOH 88  993  88  HOH HOH A . 
H 6 HOH 89  994  89  HOH HOH A . 
H 6 HOH 90  995  90  HOH HOH A . 
H 6 HOH 91  996  91  HOH HOH A . 
H 6 HOH 92  997  92  HOH HOH A . 
H 6 HOH 93  998  93  HOH HOH A . 
H 6 HOH 94  999  94  HOH HOH A . 
H 6 HOH 95  1000 95  HOH HOH A . 
H 6 HOH 96  1001 96  HOH HOH A . 
H 6 HOH 97  1002 97  HOH HOH A . 
H 6 HOH 98  1003 98  HOH HOH A . 
H 6 HOH 99  1004 99  HOH HOH A . 
H 6 HOH 100 1005 100 HOH HOH A . 
H 6 HOH 101 1006 101 HOH HOH A . 
H 6 HOH 102 1007 102 HOH HOH A . 
H 6 HOH 103 1008 103 HOH HOH A . 
H 6 HOH 104 1009 104 HOH HOH A . 
H 6 HOH 105 1010 105 HOH HOH A . 
H 6 HOH 106 1011 106 HOH HOH A . 
H 6 HOH 107 1012 107 HOH HOH A . 
H 6 HOH 108 1013 108 HOH HOH A . 
H 6 HOH 109 1014 109 HOH HOH A . 
H 6 HOH 110 1015 110 HOH HOH A . 
H 6 HOH 111 1016 111 HOH HOH A . 
H 6 HOH 112 1017 112 HOH HOH A . 
H 6 HOH 113 1018 113 HOH HOH A . 
H 6 HOH 114 1019 114 HOH HOH A . 
H 6 HOH 115 1020 115 HOH HOH A . 
H 6 HOH 116 1021 116 HOH HOH A . 
H 6 HOH 117 1022 117 HOH HOH A . 
H 6 HOH 118 1023 118 HOH HOH A . 
H 6 HOH 119 1024 119 HOH HOH A . 
H 6 HOH 120 1025 120 HOH HOH A . 
H 6 HOH 121 1026 121 HOH HOH A . 
H 6 HOH 122 1027 122 HOH HOH A . 
H 6 HOH 123 1028 123 HOH HOH A . 
H 6 HOH 124 1029 124 HOH HOH A . 
H 6 HOH 125 1030 125 HOH HOH A . 
H 6 HOH 126 1031 126 HOH HOH A . 
H 6 HOH 127 1032 127 HOH HOH A . 
H 6 HOH 128 1033 128 HOH HOH A . 
H 6 HOH 129 1034 129 HOH HOH A . 
H 6 HOH 130 1035 130 HOH HOH A . 
H 6 HOH 131 1036 131 HOH HOH A . 
H 6 HOH 132 1037 132 HOH HOH A . 
H 6 HOH 133 1038 133 HOH HOH A . 
H 6 HOH 134 1039 134 HOH HOH A . 
H 6 HOH 135 1040 135 HOH HOH A . 
H 6 HOH 136 1041 136 HOH HOH A . 
H 6 HOH 137 1042 137 HOH HOH A . 
H 6 HOH 138 1043 138 HOH HOH A . 
H 6 HOH 139 1044 139 HOH HOH A . 
H 6 HOH 140 1045 140 HOH HOH A . 
H 6 HOH 141 1046 141 HOH HOH A . 
H 6 HOH 142 1047 142 HOH HOH A . 
H 6 HOH 143 1048 143 HOH HOH A . 
H 6 HOH 144 1049 144 HOH HOH A . 
H 6 HOH 145 1050 145 HOH HOH A . 
H 6 HOH 146 1051 146 HOH HOH A . 
H 6 HOH 147 1052 147 HOH HOH A . 
H 6 HOH 148 1053 148 HOH HOH A . 
H 6 HOH 149 1054 149 HOH HOH A . 
H 6 HOH 150 1055 150 HOH HOH A . 
H 6 HOH 151 1056 151 HOH HOH A . 
H 6 HOH 152 1057 152 HOH HOH A . 
H 6 HOH 153 1058 153 HOH HOH A . 
H 6 HOH 154 1059 154 HOH HOH A . 
H 6 HOH 155 1060 155 HOH HOH A . 
H 6 HOH 156 1061 156 HOH HOH A . 
H 6 HOH 157 1062 157 HOH HOH A . 
H 6 HOH 158 1063 158 HOH HOH A . 
H 6 HOH 159 1064 159 HOH HOH A . 
H 6 HOH 160 1065 160 HOH HOH A . 
H 6 HOH 161 1066 161 HOH HOH A . 
H 6 HOH 162 1067 162 HOH HOH A . 
H 6 HOH 163 1068 163 HOH HOH A . 
H 6 HOH 164 1069 164 HOH HOH A . 
H 6 HOH 165 1070 165 HOH HOH A . 
H 6 HOH 166 1071 166 HOH HOH A . 
H 6 HOH 167 1072 167 HOH HOH A . 
H 6 HOH 168 1073 168 HOH HOH A . 
H 6 HOH 169 1074 169 HOH HOH A . 
H 6 HOH 170 1075 170 HOH HOH A . 
H 6 HOH 171 1076 171 HOH HOH A . 
H 6 HOH 172 1077 172 HOH HOH A . 
H 6 HOH 173 1078 173 HOH HOH A . 
H 6 HOH 174 1079 174 HOH HOH A . 
H 6 HOH 175 1080 175 HOH HOH A . 
H 6 HOH 176 1081 176 HOH HOH A . 
H 6 HOH 177 1082 177 HOH HOH A . 
H 6 HOH 178 1083 178 HOH HOH A . 
H 6 HOH 179 1084 179 HOH HOH A . 
H 6 HOH 180 1085 180 HOH HOH A . 
H 6 HOH 181 1086 181 HOH HOH A . 
H 6 HOH 182 1087 182 HOH HOH A . 
H 6 HOH 183 1088 183 HOH HOH A . 
H 6 HOH 184 1089 184 HOH HOH A . 
H 6 HOH 185 1090 185 HOH HOH A . 
H 6 HOH 186 1091 186 HOH HOH A . 
H 6 HOH 187 1092 187 HOH HOH A . 
H 6 HOH 188 1093 188 HOH HOH A . 
H 6 HOH 189 1094 189 HOH HOH A . 
H 6 HOH 190 1095 190 HOH HOH A . 
H 6 HOH 191 1096 191 HOH HOH A . 
H 6 HOH 192 1097 192 HOH HOH A . 
H 6 HOH 193 1098 193 HOH HOH A . 
H 6 HOH 194 1099 194 HOH HOH A . 
H 6 HOH 195 1100 195 HOH HOH A . 
H 6 HOH 196 1101 196 HOH HOH A . 
H 6 HOH 197 1102 197 HOH HOH A . 
H 6 HOH 198 1103 198 HOH HOH A . 
H 6 HOH 199 1104 199 HOH HOH A . 
H 6 HOH 200 1105 200 HOH HOH A . 
H 6 HOH 201 1106 201 HOH HOH A . 
H 6 HOH 202 1107 202 HOH HOH A . 
H 6 HOH 203 1108 203 HOH HOH A . 
H 6 HOH 204 1109 204 HOH HOH A . 
H 6 HOH 205 1110 205 HOH HOH A . 
H 6 HOH 206 1111 206 HOH HOH A . 
H 6 HOH 207 1112 207 HOH HOH A . 
H 6 HOH 208 1113 208 HOH HOH A . 
H 6 HOH 209 1114 209 HOH HOH A . 
H 6 HOH 210 1115 210 HOH HOH A . 
H 6 HOH 211 1116 211 HOH HOH A . 
H 6 HOH 212 1117 212 HOH HOH A . 
H 6 HOH 213 1118 213 HOH HOH A . 
H 6 HOH 214 1119 214 HOH HOH A . 
# 
_pdbx_struct_assembly.id                   1 
_pdbx_struct_assembly.details              author_and_software_defined_assembly 
_pdbx_struct_assembly.method_details       PISA 
_pdbx_struct_assembly.oligomeric_details   monomeric 
_pdbx_struct_assembly.oligomeric_count     1 
# 
_pdbx_struct_assembly_gen.assembly_id       1 
_pdbx_struct_assembly_gen.oper_expression   1 
_pdbx_struct_assembly_gen.asym_id_list      A,B,C,D,E,F,G,H 
# 
_pdbx_struct_oper_list.id                   1 
_pdbx_struct_oper_list.type                 'identity operation' 
_pdbx_struct_oper_list.name                 1_555 
_pdbx_struct_oper_list.symmetry_operation   x,y,z 
_pdbx_struct_oper_list.matrix[1][1]         1.0000000000 
_pdbx_struct_oper_list.matrix[1][2]         0.0000000000 
_pdbx_struct_oper_list.matrix[1][3]         0.0000000000 
_pdbx_struct_oper_list.vector[1]            0.0000000000 
_pdbx_struct_oper_list.matrix[2][1]         0.0000000000 
_pdbx_struct_oper_list.matrix[2][2]         1.0000000000 
_pdbx_struct_oper_list.matrix[2][3]         0.0000000000 
_pdbx_struct_oper_list.vector[2]            0.0000000000 
_pdbx_struct_oper_list.matrix[3][1]         0.0000000000 
_pdbx_struct_oper_list.matrix[3][2]         0.0000000000 
_pdbx_struct_oper_list.matrix[3][3]         1.0000000000 
_pdbx_struct_oper_list.vector[3]            0.0000000000 
# 
loop_
_pdbx_audit_revision_history.ordinal 
_pdbx_audit_revision_history.data_content_type 
_pdbx_audit_revision_history.major_revision 
_pdbx_audit_revision_history.minor_revision 
_pdbx_audit_revision_history.revision_date 
1 'Structure model' 1 0 2008-11-11 
2 'Structure model' 1 1 2011-07-13 
3 'Structure model' 1 2 2021-10-20 
4 'Structure model' 1 3 2023-08-30 
# 
_pdbx_audit_revision_details.ordinal             1 
_pdbx_audit_revision_details.revision_ordinal    1 
_pdbx_audit_revision_details.data_content_type   'Structure model' 
_pdbx_audit_revision_details.provider            repository 
_pdbx_audit_revision_details.type                'Initial release' 
_pdbx_audit_revision_details.description         ? 
_pdbx_audit_revision_details.details             ? 
# 
loop_
_pdbx_audit_revision_group.ordinal 
_pdbx_audit_revision_group.revision_ordinal 
_pdbx_audit_revision_group.data_content_type 
_pdbx_audit_revision_group.group 
1 2 'Structure model' 'Version format compliance' 
2 3 'Structure model' 'Database references'       
3 3 'Structure model' 'Derived calculations'      
4 4 'Structure model' 'Data collection'           
5 4 'Structure model' 'Refinement description'    
# 
loop_
_pdbx_audit_revision_category.ordinal 
_pdbx_audit_revision_category.revision_ordinal 
_pdbx_audit_revision_category.data_content_type 
_pdbx_audit_revision_category.category 
1 3 'Structure model' database_2                    
2 3 'Structure model' struct_ref_seq_dif            
3 3 'Structure model' struct_site                   
4 4 'Structure model' chem_comp_atom                
5 4 'Structure model' chem_comp_bond                
6 4 'Structure model' pdbx_initial_refinement_model 
# 
loop_
_pdbx_audit_revision_item.ordinal 
_pdbx_audit_revision_item.revision_ordinal 
_pdbx_audit_revision_item.data_content_type 
_pdbx_audit_revision_item.item 
1 3 'Structure model' '_database_2.pdbx_DOI'                
2 3 'Structure model' '_database_2.pdbx_database_accession' 
3 3 'Structure model' '_struct_ref_seq_dif.details'         
4 3 'Structure model' '_struct_site.pdbx_auth_asym_id'      
5 3 'Structure model' '_struct_site.pdbx_auth_comp_id'      
6 3 'Structure model' '_struct_site.pdbx_auth_seq_id'       
# 
loop_
_software.name 
_software.classification 
_software.version 
_software.citation_id 
_software.pdbx_ordinal 
REFMAC   refinement        5.2.0019 ? 1 
HKL-2000 'data collection' .        ? 2 
HKL-2000 'data reduction'  .        ? 3 
HKL-2000 'data scaling'    .        ? 4 
AMoRE    phasing           .        ? 5 
# 
_pdbx_validate_rmsd_bond.id                        1 
_pdbx_validate_rmsd_bond.PDB_model_num             1 
_pdbx_validate_rmsd_bond.auth_atom_id_1            C 
_pdbx_validate_rmsd_bond.auth_asym_id_1            A 
_pdbx_validate_rmsd_bond.auth_comp_id_1            LEU 
_pdbx_validate_rmsd_bond.auth_seq_id_1             164 
_pdbx_validate_rmsd_bond.PDB_ins_code_1            ? 
_pdbx_validate_rmsd_bond.label_alt_id_1            ? 
_pdbx_validate_rmsd_bond.auth_atom_id_2            OXT 
_pdbx_validate_rmsd_bond.auth_asym_id_2            A 
_pdbx_validate_rmsd_bond.auth_comp_id_2            LEU 
_pdbx_validate_rmsd_bond.auth_seq_id_2             164 
_pdbx_validate_rmsd_bond.PDB_ins_code_2            ? 
_pdbx_validate_rmsd_bond.label_alt_id_2            ? 
_pdbx_validate_rmsd_bond.bond_value                1.373 
_pdbx_validate_rmsd_bond.bond_target_value         1.229 
_pdbx_validate_rmsd_bond.bond_deviation            0.144 
_pdbx_validate_rmsd_bond.bond_standard_deviation   0.019 
_pdbx_validate_rmsd_bond.linker_flag               N 
# 
_pdbx_validate_torsion.id              1 
_pdbx_validate_torsion.PDB_model_num   1 
_pdbx_validate_torsion.auth_comp_id    ILE 
_pdbx_validate_torsion.auth_asym_id    A 
_pdbx_validate_torsion.auth_seq_id     29 
_pdbx_validate_torsion.PDB_ins_code    ? 
_pdbx_validate_torsion.label_alt_id    ? 
_pdbx_validate_torsion.phi             -102.51 
_pdbx_validate_torsion.psi             73.51 
# 
loop_
_chem_comp_atom.comp_id 
_chem_comp_atom.atom_id 
_chem_comp_atom.type_symbol 
_chem_comp_atom.pdbx_aromatic_flag 
_chem_comp_atom.pdbx_stereo_config 
_chem_comp_atom.pdbx_ordinal 
ALA N    N  N N 1   
ALA CA   C  N S 2   
ALA C    C  N N 3   
ALA O    O  N N 4   
ALA CB   C  N N 5   
ALA OXT  O  N N 6   
ALA H    H  N N 7   
ALA H2   H  N N 8   
ALA HA   H  N N 9   
ALA HB1  H  N N 10  
ALA HB2  H  N N 11  
ALA HB3  H  N N 12  
ALA HXT  H  N N 13  
ARG N    N  N N 14  
ARG CA   C  N S 15  
ARG C    C  N N 16  
ARG O    O  N N 17  
ARG CB   C  N N 18  
ARG CG   C  N N 19  
ARG CD   C  N N 20  
ARG NE   N  N N 21  
ARG CZ   C  N N 22  
ARG NH1  N  N N 23  
ARG NH2  N  N N 24  
ARG OXT  O  N N 25  
ARG H    H  N N 26  
ARG H2   H  N N 27  
ARG HA   H  N N 28  
ARG HB2  H  N N 29  
ARG HB3  H  N N 30  
ARG HG2  H  N N 31  
ARG HG3  H  N N 32  
ARG HD2  H  N N 33  
ARG HD3  H  N N 34  
ARG HE   H  N N 35  
ARG HH11 H  N N 36  
ARG HH12 H  N N 37  
ARG HH21 H  N N 38  
ARG HH22 H  N N 39  
ARG HXT  H  N N 40  
ASN N    N  N N 41  
ASN CA   C  N S 42  
ASN C    C  N N 43  
ASN O    O  N N 44  
ASN CB   C  N N 45  
ASN CG   C  N N 46  
ASN OD1  O  N N 47  
ASN ND2  N  N N 48  
ASN OXT  O  N N 49  
ASN H    H  N N 50  
ASN H2   H  N N 51  
ASN HA   H  N N 52  
ASN HB2  H  N N 53  
ASN HB3  H  N N 54  
ASN HD21 H  N N 55  
ASN HD22 H  N N 56  
ASN HXT  H  N N 57  
ASP N    N  N N 58  
ASP CA   C  N S 59  
ASP C    C  N N 60  
ASP O    O  N N 61  
ASP CB   C  N N 62  
ASP CG   C  N N 63  
ASP OD1  O  N N 64  
ASP OD2  O  N N 65  
ASP OXT  O  N N 66  
ASP H    H  N N 67  
ASP H2   H  N N 68  
ASP HA   H  N N 69  
ASP HB2  H  N N 70  
ASP HB3  H  N N 71  
ASP HD2  H  N N 72  
ASP HXT  H  N N 73  
CL  CL   CL N N 74  
CYS N    N  N N 75  
CYS CA   C  N R 76  
CYS C    C  N N 77  
CYS O    O  N N 78  
CYS CB   C  N N 79  
CYS SG   S  N N 80  
CYS OXT  O  N N 81  
CYS H    H  N N 82  
CYS H2   H  N N 83  
CYS HA   H  N N 84  
CYS HB2  H  N N 85  
CYS HB3  H  N N 86  
CYS HG   H  N N 87  
CYS HXT  H  N N 88  
F5B F6   F  N N 89  
F5B C6   C  Y N 90  
F5B C1   C  Y N 91  
F5B F1   F  N N 92  
F5B C5   C  Y N 93  
F5B C4   C  Y N 94  
F5B F4   F  N N 95  
F5B C3   C  Y N 96  
F5B F3   F  N N 97  
F5B C2   C  Y N 98  
F5B F2   F  N N 99  
F5B H5   H  N N 100 
GLN N    N  N N 101 
GLN CA   C  N S 102 
GLN C    C  N N 103 
GLN O    O  N N 104 
GLN CB   C  N N 105 
GLN CG   C  N N 106 
GLN CD   C  N N 107 
GLN OE1  O  N N 108 
GLN NE2  N  N N 109 
GLN OXT  O  N N 110 
GLN H    H  N N 111 
GLN H2   H  N N 112 
GLN HA   H  N N 113 
GLN HB2  H  N N 114 
GLN HB3  H  N N 115 
GLN HG2  H  N N 116 
GLN HG3  H  N N 117 
GLN HE21 H  N N 118 
GLN HE22 H  N N 119 
GLN HXT  H  N N 120 
GLU N    N  N N 121 
GLU CA   C  N S 122 
GLU C    C  N N 123 
GLU O    O  N N 124 
GLU CB   C  N N 125 
GLU CG   C  N N 126 
GLU CD   C  N N 127 
GLU OE1  O  N N 128 
GLU OE2  O  N N 129 
GLU OXT  O  N N 130 
GLU H    H  N N 131 
GLU H2   H  N N 132 
GLU HA   H  N N 133 
GLU HB2  H  N N 134 
GLU HB3  H  N N 135 
GLU HG2  H  N N 136 
GLU HG3  H  N N 137 
GLU HE2  H  N N 138 
GLU HXT  H  N N 139 
GLY N    N  N N 140 
GLY CA   C  N N 141 
GLY C    C  N N 142 
GLY O    O  N N 143 
GLY OXT  O  N N 144 
GLY H    H  N N 145 
GLY H2   H  N N 146 
GLY HA2  H  N N 147 
GLY HA3  H  N N 148 
GLY HXT  H  N N 149 
HED C1   C  N N 150 
HED O1   O  N N 151 
HED C2   C  N N 152 
HED S3   S  N N 153 
HED S4   S  N N 154 
HED C5   C  N N 155 
HED C6   C  N N 156 
HED O6   O  N N 157 
HED H11  H  N N 158 
HED H12  H  N N 159 
HED HO1  H  N N 160 
HED H21  H  N N 161 
HED H22  H  N N 162 
HED H51  H  N N 163 
HED H52  H  N N 164 
HED H61  H  N N 165 
HED H62  H  N N 166 
HED HO6  H  N N 167 
HIS N    N  N N 168 
HIS CA   C  N S 169 
HIS C    C  N N 170 
HIS O    O  N N 171 
HIS CB   C  N N 172 
HIS CG   C  Y N 173 
HIS ND1  N  Y N 174 
HIS CD2  C  Y N 175 
HIS CE1  C  Y N 176 
HIS NE2  N  Y N 177 
HIS OXT  O  N N 178 
HIS H    H  N N 179 
HIS H2   H  N N 180 
HIS HA   H  N N 181 
HIS HB2  H  N N 182 
HIS HB3  H  N N 183 
HIS HD1  H  N N 184 
HIS HD2  H  N N 185 
HIS HE1  H  N N 186 
HIS HE2  H  N N 187 
HIS HXT  H  N N 188 
HOH O    O  N N 189 
HOH H1   H  N N 190 
HOH H2   H  N N 191 
ILE N    N  N N 192 
ILE CA   C  N S 193 
ILE C    C  N N 194 
ILE O    O  N N 195 
ILE CB   C  N S 196 
ILE CG1  C  N N 197 
ILE CG2  C  N N 198 
ILE CD1  C  N N 199 
ILE OXT  O  N N 200 
ILE H    H  N N 201 
ILE H2   H  N N 202 
ILE HA   H  N N 203 
ILE HB   H  N N 204 
ILE HG12 H  N N 205 
ILE HG13 H  N N 206 
ILE HG21 H  N N 207 
ILE HG22 H  N N 208 
ILE HG23 H  N N 209 
ILE HD11 H  N N 210 
ILE HD12 H  N N 211 
ILE HD13 H  N N 212 
ILE HXT  H  N N 213 
LEU N    N  N N 214 
LEU CA   C  N S 215 
LEU C    C  N N 216 
LEU O    O  N N 217 
LEU CB   C  N N 218 
LEU CG   C  N N 219 
LEU CD1  C  N N 220 
LEU CD2  C  N N 221 
LEU OXT  O  N N 222 
LEU H    H  N N 223 
LEU H2   H  N N 224 
LEU HA   H  N N 225 
LEU HB2  H  N N 226 
LEU HB3  H  N N 227 
LEU HG   H  N N 228 
LEU HD11 H  N N 229 
LEU HD12 H  N N 230 
LEU HD13 H  N N 231 
LEU HD21 H  N N 232 
LEU HD22 H  N N 233 
LEU HD23 H  N N 234 
LEU HXT  H  N N 235 
LYS N    N  N N 236 
LYS CA   C  N S 237 
LYS C    C  N N 238 
LYS O    O  N N 239 
LYS CB   C  N N 240 
LYS CG   C  N N 241 
LYS CD   C  N N 242 
LYS CE   C  N N 243 
LYS NZ   N  N N 244 
LYS OXT  O  N N 245 
LYS H    H  N N 246 
LYS H2   H  N N 247 
LYS HA   H  N N 248 
LYS HB2  H  N N 249 
LYS HB3  H  N N 250 
LYS HG2  H  N N 251 
LYS HG3  H  N N 252 
LYS HD2  H  N N 253 
LYS HD3  H  N N 254 
LYS HE2  H  N N 255 
LYS HE3  H  N N 256 
LYS HZ1  H  N N 257 
LYS HZ2  H  N N 258 
LYS HZ3  H  N N 259 
LYS HXT  H  N N 260 
MET N    N  N N 261 
MET CA   C  N S 262 
MET C    C  N N 263 
MET O    O  N N 264 
MET CB   C  N N 265 
MET CG   C  N N 266 
MET SD   S  N N 267 
MET CE   C  N N 268 
MET OXT  O  N N 269 
MET H    H  N N 270 
MET H2   H  N N 271 
MET HA   H  N N 272 
MET HB2  H  N N 273 
MET HB3  H  N N 274 
MET HG2  H  N N 275 
MET HG3  H  N N 276 
MET HE1  H  N N 277 
MET HE2  H  N N 278 
MET HE3  H  N N 279 
MET HXT  H  N N 280 
PHE N    N  N N 281 
PHE CA   C  N S 282 
PHE C    C  N N 283 
PHE O    O  N N 284 
PHE CB   C  N N 285 
PHE CG   C  Y N 286 
PHE CD1  C  Y N 287 
PHE CD2  C  Y N 288 
PHE CE1  C  Y N 289 
PHE CE2  C  Y N 290 
PHE CZ   C  Y N 291 
PHE OXT  O  N N 292 
PHE H    H  N N 293 
PHE H2   H  N N 294 
PHE HA   H  N N 295 
PHE HB2  H  N N 296 
PHE HB3  H  N N 297 
PHE HD1  H  N N 298 
PHE HD2  H  N N 299 
PHE HE1  H  N N 300 
PHE HE2  H  N N 301 
PHE HZ   H  N N 302 
PHE HXT  H  N N 303 
PO4 P    P  N N 304 
PO4 O1   O  N N 305 
PO4 O2   O  N N 306 
PO4 O3   O  N N 307 
PO4 O4   O  N N 308 
PRO N    N  N N 309 
PRO CA   C  N S 310 
PRO C    C  N N 311 
PRO O    O  N N 312 
PRO CB   C  N N 313 
PRO CG   C  N N 314 
PRO CD   C  N N 315 
PRO OXT  O  N N 316 
PRO H    H  N N 317 
PRO HA   H  N N 318 
PRO HB2  H  N N 319 
PRO HB3  H  N N 320 
PRO HG2  H  N N 321 
PRO HG3  H  N N 322 
PRO HD2  H  N N 323 
PRO HD3  H  N N 324 
PRO HXT  H  N N 325 
SER N    N  N N 326 
SER CA   C  N S 327 
SER C    C  N N 328 
SER O    O  N N 329 
SER CB   C  N N 330 
SER OG   O  N N 331 
SER OXT  O  N N 332 
SER H    H  N N 333 
SER H2   H  N N 334 
SER HA   H  N N 335 
SER HB2  H  N N 336 
SER HB3  H  N N 337 
SER HG   H  N N 338 
SER HXT  H  N N 339 
THR N    N  N N 340 
THR CA   C  N S 341 
THR C    C  N N 342 
THR O    O  N N 343 
THR CB   C  N R 344 
THR OG1  O  N N 345 
THR CG2  C  N N 346 
THR OXT  O  N N 347 
THR H    H  N N 348 
THR H2   H  N N 349 
THR HA   H  N N 350 
THR HB   H  N N 351 
THR HG1  H  N N 352 
THR HG21 H  N N 353 
THR HG22 H  N N 354 
THR HG23 H  N N 355 
THR HXT  H  N N 356 
TRP N    N  N N 357 
TRP CA   C  N S 358 
TRP C    C  N N 359 
TRP O    O  N N 360 
TRP CB   C  N N 361 
TRP CG   C  Y N 362 
TRP CD1  C  Y N 363 
TRP CD2  C  Y N 364 
TRP NE1  N  Y N 365 
TRP CE2  C  Y N 366 
TRP CE3  C  Y N 367 
TRP CZ2  C  Y N 368 
TRP CZ3  C  Y N 369 
TRP CH2  C  Y N 370 
TRP OXT  O  N N 371 
TRP H    H  N N 372 
TRP H2   H  N N 373 
TRP HA   H  N N 374 
TRP HB2  H  N N 375 
TRP HB3  H  N N 376 
TRP HD1  H  N N 377 
TRP HE1  H  N N 378 
TRP HE3  H  N N 379 
TRP HZ2  H  N N 380 
TRP HZ3  H  N N 381 
TRP HH2  H  N N 382 
TRP HXT  H  N N 383 
TYR N    N  N N 384 
TYR CA   C  N S 385 
TYR C    C  N N 386 
TYR O    O  N N 387 
TYR CB   C  N N 388 
TYR CG   C  Y N 389 
TYR CD1  C  Y N 390 
TYR CD2  C  Y N 391 
TYR CE1  C  Y N 392 
TYR CE2  C  Y N 393 
TYR CZ   C  Y N 394 
TYR OH   O  N N 395 
TYR OXT  O  N N 396 
TYR H    H  N N 397 
TYR H2   H  N N 398 
TYR HA   H  N N 399 
TYR HB2  H  N N 400 
TYR HB3  H  N N 401 
TYR HD1  H  N N 402 
TYR HD2  H  N N 403 
TYR HE1  H  N N 404 
TYR HE2  H  N N 405 
TYR HH   H  N N 406 
TYR HXT  H  N N 407 
VAL N    N  N N 408 
VAL CA   C  N S 409 
VAL C    C  N N 410 
VAL O    O  N N 411 
VAL CB   C  N N 412 
VAL CG1  C  N N 413 
VAL CG2  C  N N 414 
VAL OXT  O  N N 415 
VAL H    H  N N 416 
VAL H2   H  N N 417 
VAL HA   H  N N 418 
VAL HB   H  N N 419 
VAL HG11 H  N N 420 
VAL HG12 H  N N 421 
VAL HG13 H  N N 422 
VAL HG21 H  N N 423 
VAL HG22 H  N N 424 
VAL HG23 H  N N 425 
VAL HXT  H  N N 426 
# 
loop_
_chem_comp_bond.comp_id 
_chem_comp_bond.atom_id_1 
_chem_comp_bond.atom_id_2 
_chem_comp_bond.value_order 
_chem_comp_bond.pdbx_aromatic_flag 
_chem_comp_bond.pdbx_stereo_config 
_chem_comp_bond.pdbx_ordinal 
ALA N   CA   sing N N 1   
ALA N   H    sing N N 2   
ALA N   H2   sing N N 3   
ALA CA  C    sing N N 4   
ALA CA  CB   sing N N 5   
ALA CA  HA   sing N N 6   
ALA C   O    doub N N 7   
ALA C   OXT  sing N N 8   
ALA CB  HB1  sing N N 9   
ALA CB  HB2  sing N N 10  
ALA CB  HB3  sing N N 11  
ALA OXT HXT  sing N N 12  
ARG N   CA   sing N N 13  
ARG N   H    sing N N 14  
ARG N   H2   sing N N 15  
ARG CA  C    sing N N 16  
ARG CA  CB   sing N N 17  
ARG CA  HA   sing N N 18  
ARG C   O    doub N N 19  
ARG C   OXT  sing N N 20  
ARG CB  CG   sing N N 21  
ARG CB  HB2  sing N N 22  
ARG CB  HB3  sing N N 23  
ARG CG  CD   sing N N 24  
ARG CG  HG2  sing N N 25  
ARG CG  HG3  sing N N 26  
ARG CD  NE   sing N N 27  
ARG CD  HD2  sing N N 28  
ARG CD  HD3  sing N N 29  
ARG NE  CZ   sing N N 30  
ARG NE  HE   sing N N 31  
ARG CZ  NH1  sing N N 32  
ARG CZ  NH2  doub N N 33  
ARG NH1 HH11 sing N N 34  
ARG NH1 HH12 sing N N 35  
ARG NH2 HH21 sing N N 36  
ARG NH2 HH22 sing N N 37  
ARG OXT HXT  sing N N 38  
ASN N   CA   sing N N 39  
ASN N   H    sing N N 40  
ASN N   H2   sing N N 41  
ASN CA  C    sing N N 42  
ASN CA  CB   sing N N 43  
ASN CA  HA   sing N N 44  
ASN C   O    doub N N 45  
ASN C   OXT  sing N N 46  
ASN CB  CG   sing N N 47  
ASN CB  HB2  sing N N 48  
ASN CB  HB3  sing N N 49  
ASN CG  OD1  doub N N 50  
ASN CG  ND2  sing N N 51  
ASN ND2 HD21 sing N N 52  
ASN ND2 HD22 sing N N 53  
ASN OXT HXT  sing N N 54  
ASP N   CA   sing N N 55  
ASP N   H    sing N N 56  
ASP N   H2   sing N N 57  
ASP CA  C    sing N N 58  
ASP CA  CB   sing N N 59  
ASP CA  HA   sing N N 60  
ASP C   O    doub N N 61  
ASP C   OXT  sing N N 62  
ASP CB  CG   sing N N 63  
ASP CB  HB2  sing N N 64  
ASP CB  HB3  sing N N 65  
ASP CG  OD1  doub N N 66  
ASP CG  OD2  sing N N 67  
ASP OD2 HD2  sing N N 68  
ASP OXT HXT  sing N N 69  
CYS N   CA   sing N N 70  
CYS N   H    sing N N 71  
CYS N   H2   sing N N 72  
CYS CA  C    sing N N 73  
CYS CA  CB   sing N N 74  
CYS CA  HA   sing N N 75  
CYS C   O    doub N N 76  
CYS C   OXT  sing N N 77  
CYS CB  SG   sing N N 78  
CYS CB  HB2  sing N N 79  
CYS CB  HB3  sing N N 80  
CYS SG  HG   sing N N 81  
CYS OXT HXT  sing N N 82  
F5B F6  C6   sing N N 83  
F5B C6  C1   doub Y N 84  
F5B C6  C5   sing Y N 85  
F5B C1  F1   sing N N 86  
F5B C1  C2   sing Y N 87  
F5B C5  C4   doub Y N 88  
F5B C4  F4   sing N N 89  
F5B C4  C3   sing Y N 90  
F5B C3  F3   sing N N 91  
F5B C3  C2   doub Y N 92  
F5B C2  F2   sing N N 93  
F5B C5  H5   sing N N 94  
GLN N   CA   sing N N 95  
GLN N   H    sing N N 96  
GLN N   H2   sing N N 97  
GLN CA  C    sing N N 98  
GLN CA  CB   sing N N 99  
GLN CA  HA   sing N N 100 
GLN C   O    doub N N 101 
GLN C   OXT  sing N N 102 
GLN CB  CG   sing N N 103 
GLN CB  HB2  sing N N 104 
GLN CB  HB3  sing N N 105 
GLN CG  CD   sing N N 106 
GLN CG  HG2  sing N N 107 
GLN CG  HG3  sing N N 108 
GLN CD  OE1  doub N N 109 
GLN CD  NE2  sing N N 110 
GLN NE2 HE21 sing N N 111 
GLN NE2 HE22 sing N N 112 
GLN OXT HXT  sing N N 113 
GLU N   CA   sing N N 114 
GLU N   H    sing N N 115 
GLU N   H2   sing N N 116 
GLU CA  C    sing N N 117 
GLU CA  CB   sing N N 118 
GLU CA  HA   sing N N 119 
GLU C   O    doub N N 120 
GLU C   OXT  sing N N 121 
GLU CB  CG   sing N N 122 
GLU CB  HB2  sing N N 123 
GLU CB  HB3  sing N N 124 
GLU CG  CD   sing N N 125 
GLU CG  HG2  sing N N 126 
GLU CG  HG3  sing N N 127 
GLU CD  OE1  doub N N 128 
GLU CD  OE2  sing N N 129 
GLU OE2 HE2  sing N N 130 
GLU OXT HXT  sing N N 131 
GLY N   CA   sing N N 132 
GLY N   H    sing N N 133 
GLY N   H2   sing N N 134 
GLY CA  C    sing N N 135 
GLY CA  HA2  sing N N 136 
GLY CA  HA3  sing N N 137 
GLY C   O    doub N N 138 
GLY C   OXT  sing N N 139 
GLY OXT HXT  sing N N 140 
HED C1  O1   sing N N 141 
HED C1  C2   sing N N 142 
HED C1  H11  sing N N 143 
HED C1  H12  sing N N 144 
HED O1  HO1  sing N N 145 
HED C2  S3   sing N N 146 
HED C2  H21  sing N N 147 
HED C2  H22  sing N N 148 
HED S3  S4   sing N N 149 
HED S4  C5   sing N N 150 
HED C5  C6   sing N N 151 
HED C5  H51  sing N N 152 
HED C5  H52  sing N N 153 
HED C6  O6   sing N N 154 
HED C6  H61  sing N N 155 
HED C6  H62  sing N N 156 
HED O6  HO6  sing N N 157 
HIS N   CA   sing N N 158 
HIS N   H    sing N N 159 
HIS N   H2   sing N N 160 
HIS CA  C    sing N N 161 
HIS CA  CB   sing N N 162 
HIS CA  HA   sing N N 163 
HIS C   O    doub N N 164 
HIS C   OXT  sing N N 165 
HIS CB  CG   sing N N 166 
HIS CB  HB2  sing N N 167 
HIS CB  HB3  sing N N 168 
HIS CG  ND1  sing Y N 169 
HIS CG  CD2  doub Y N 170 
HIS ND1 CE1  doub Y N 171 
HIS ND1 HD1  sing N N 172 
HIS CD2 NE2  sing Y N 173 
HIS CD2 HD2  sing N N 174 
HIS CE1 NE2  sing Y N 175 
HIS CE1 HE1  sing N N 176 
HIS NE2 HE2  sing N N 177 
HIS OXT HXT  sing N N 178 
HOH O   H1   sing N N 179 
HOH O   H2   sing N N 180 
ILE N   CA   sing N N 181 
ILE N   H    sing N N 182 
ILE N   H2   sing N N 183 
ILE CA  C    sing N N 184 
ILE CA  CB   sing N N 185 
ILE CA  HA   sing N N 186 
ILE C   O    doub N N 187 
ILE C   OXT  sing N N 188 
ILE CB  CG1  sing N N 189 
ILE CB  CG2  sing N N 190 
ILE CB  HB   sing N N 191 
ILE CG1 CD1  sing N N 192 
ILE CG1 HG12 sing N N 193 
ILE CG1 HG13 sing N N 194 
ILE CG2 HG21 sing N N 195 
ILE CG2 HG22 sing N N 196 
ILE CG2 HG23 sing N N 197 
ILE CD1 HD11 sing N N 198 
ILE CD1 HD12 sing N N 199 
ILE CD1 HD13 sing N N 200 
ILE OXT HXT  sing N N 201 
LEU N   CA   sing N N 202 
LEU N   H    sing N N 203 
LEU N   H2   sing N N 204 
LEU CA  C    sing N N 205 
LEU CA  CB   sing N N 206 
LEU CA  HA   sing N N 207 
LEU C   O    doub N N 208 
LEU C   OXT  sing N N 209 
LEU CB  CG   sing N N 210 
LEU CB  HB2  sing N N 211 
LEU CB  HB3  sing N N 212 
LEU CG  CD1  sing N N 213 
LEU CG  CD2  sing N N 214 
LEU CG  HG   sing N N 215 
LEU CD1 HD11 sing N N 216 
LEU CD1 HD12 sing N N 217 
LEU CD1 HD13 sing N N 218 
LEU CD2 HD21 sing N N 219 
LEU CD2 HD22 sing N N 220 
LEU CD2 HD23 sing N N 221 
LEU OXT HXT  sing N N 222 
LYS N   CA   sing N N 223 
LYS N   H    sing N N 224 
LYS N   H2   sing N N 225 
LYS CA  C    sing N N 226 
LYS CA  CB   sing N N 227 
LYS CA  HA   sing N N 228 
LYS C   O    doub N N 229 
LYS C   OXT  sing N N 230 
LYS CB  CG   sing N N 231 
LYS CB  HB2  sing N N 232 
LYS CB  HB3  sing N N 233 
LYS CG  CD   sing N N 234 
LYS CG  HG2  sing N N 235 
LYS CG  HG3  sing N N 236 
LYS CD  CE   sing N N 237 
LYS CD  HD2  sing N N 238 
LYS CD  HD3  sing N N 239 
LYS CE  NZ   sing N N 240 
LYS CE  HE2  sing N N 241 
LYS CE  HE3  sing N N 242 
LYS NZ  HZ1  sing N N 243 
LYS NZ  HZ2  sing N N 244 
LYS NZ  HZ3  sing N N 245 
LYS OXT HXT  sing N N 246 
MET N   CA   sing N N 247 
MET N   H    sing N N 248 
MET N   H2   sing N N 249 
MET CA  C    sing N N 250 
MET CA  CB   sing N N 251 
MET CA  HA   sing N N 252 
MET C   O    doub N N 253 
MET C   OXT  sing N N 254 
MET CB  CG   sing N N 255 
MET CB  HB2  sing N N 256 
MET CB  HB3  sing N N 257 
MET CG  SD   sing N N 258 
MET CG  HG2  sing N N 259 
MET CG  HG3  sing N N 260 
MET SD  CE   sing N N 261 
MET CE  HE1  sing N N 262 
MET CE  HE2  sing N N 263 
MET CE  HE3  sing N N 264 
MET OXT HXT  sing N N 265 
PHE N   CA   sing N N 266 
PHE N   H    sing N N 267 
PHE N   H2   sing N N 268 
PHE CA  C    sing N N 269 
PHE CA  CB   sing N N 270 
PHE CA  HA   sing N N 271 
PHE C   O    doub N N 272 
PHE C   OXT  sing N N 273 
PHE CB  CG   sing N N 274 
PHE CB  HB2  sing N N 275 
PHE CB  HB3  sing N N 276 
PHE CG  CD1  doub Y N 277 
PHE CG  CD2  sing Y N 278 
PHE CD1 CE1  sing Y N 279 
PHE CD1 HD1  sing N N 280 
PHE CD2 CE2  doub Y N 281 
PHE CD2 HD2  sing N N 282 
PHE CE1 CZ   doub Y N 283 
PHE CE1 HE1  sing N N 284 
PHE CE2 CZ   sing Y N 285 
PHE CE2 HE2  sing N N 286 
PHE CZ  HZ   sing N N 287 
PHE OXT HXT  sing N N 288 
PO4 P   O1   doub N N 289 
PO4 P   O2   sing N N 290 
PO4 P   O3   sing N N 291 
PO4 P   O4   sing N N 292 
PRO N   CA   sing N N 293 
PRO N   CD   sing N N 294 
PRO N   H    sing N N 295 
PRO CA  C    sing N N 296 
PRO CA  CB   sing N N 297 
PRO CA  HA   sing N N 298 
PRO C   O    doub N N 299 
PRO C   OXT  sing N N 300 
PRO CB  CG   sing N N 301 
PRO CB  HB2  sing N N 302 
PRO CB  HB3  sing N N 303 
PRO CG  CD   sing N N 304 
PRO CG  HG2  sing N N 305 
PRO CG  HG3  sing N N 306 
PRO CD  HD2  sing N N 307 
PRO CD  HD3  sing N N 308 
PRO OXT HXT  sing N N 309 
SER N   CA   sing N N 310 
SER N   H    sing N N 311 
SER N   H2   sing N N 312 
SER CA  C    sing N N 313 
SER CA  CB   sing N N 314 
SER CA  HA   sing N N 315 
SER C   O    doub N N 316 
SER C   OXT  sing N N 317 
SER CB  OG   sing N N 318 
SER CB  HB2  sing N N 319 
SER CB  HB3  sing N N 320 
SER OG  HG   sing N N 321 
SER OXT HXT  sing N N 322 
THR N   CA   sing N N 323 
THR N   H    sing N N 324 
THR N   H2   sing N N 325 
THR CA  C    sing N N 326 
THR CA  CB   sing N N 327 
THR CA  HA   sing N N 328 
THR C   O    doub N N 329 
THR C   OXT  sing N N 330 
THR CB  OG1  sing N N 331 
THR CB  CG2  sing N N 332 
THR CB  HB   sing N N 333 
THR OG1 HG1  sing N N 334 
THR CG2 HG21 sing N N 335 
THR CG2 HG22 sing N N 336 
THR CG2 HG23 sing N N 337 
THR OXT HXT  sing N N 338 
TRP N   CA   sing N N 339 
TRP N   H    sing N N 340 
TRP N   H2   sing N N 341 
TRP CA  C    sing N N 342 
TRP CA  CB   sing N N 343 
TRP CA  HA   sing N N 344 
TRP C   O    doub N N 345 
TRP C   OXT  sing N N 346 
TRP CB  CG   sing N N 347 
TRP CB  HB2  sing N N 348 
TRP CB  HB3  sing N N 349 
TRP CG  CD1  doub Y N 350 
TRP CG  CD2  sing Y N 351 
TRP CD1 NE1  sing Y N 352 
TRP CD1 HD1  sing N N 353 
TRP CD2 CE2  doub Y N 354 
TRP CD2 CE3  sing Y N 355 
TRP NE1 CE2  sing Y N 356 
TRP NE1 HE1  sing N N 357 
TRP CE2 CZ2  sing Y N 358 
TRP CE3 CZ3  doub Y N 359 
TRP CE3 HE3  sing N N 360 
TRP CZ2 CH2  doub Y N 361 
TRP CZ2 HZ2  sing N N 362 
TRP CZ3 CH2  sing Y N 363 
TRP CZ3 HZ3  sing N N 364 
TRP CH2 HH2  sing N N 365 
TRP OXT HXT  sing N N 366 
TYR N   CA   sing N N 367 
TYR N   H    sing N N 368 
TYR N   H2   sing N N 369 
TYR CA  C    sing N N 370 
TYR CA  CB   sing N N 371 
TYR CA  HA   sing N N 372 
TYR C   O    doub N N 373 
TYR C   OXT  sing N N 374 
TYR CB  CG   sing N N 375 
TYR CB  HB2  sing N N 376 
TYR CB  HB3  sing N N 377 
TYR CG  CD1  doub Y N 378 
TYR CG  CD2  sing Y N 379 
TYR CD1 CE1  sing Y N 380 
TYR CD1 HD1  sing N N 381 
TYR CD2 CE2  doub Y N 382 
TYR CD2 HD2  sing N N 383 
TYR CE1 CZ   doub Y N 384 
TYR CE1 HE1  sing N N 385 
TYR CE2 CZ   sing Y N 386 
TYR CE2 HE2  sing N N 387 
TYR CZ  OH   sing N N 388 
TYR OH  HH   sing N N 389 
TYR OXT HXT  sing N N 390 
VAL N   CA   sing N N 391 
VAL N   H    sing N N 392 
VAL N   H2   sing N N 393 
VAL CA  C    sing N N 394 
VAL CA  CB   sing N N 395 
VAL CA  HA   sing N N 396 
VAL C   O    doub N N 397 
VAL C   OXT  sing N N 398 
VAL CB  CG1  sing N N 399 
VAL CB  CG2  sing N N 400 
VAL CB  HB   sing N N 401 
VAL CG1 HG11 sing N N 402 
VAL CG1 HG12 sing N N 403 
VAL CG1 HG13 sing N N 404 
VAL CG2 HG21 sing N N 405 
VAL CG2 HG22 sing N N 406 
VAL CG2 HG23 sing N N 407 
VAL OXT HXT  sing N N 408 
# 
loop_
_pdbx_entity_nonpoly.entity_id 
_pdbx_entity_nonpoly.name 
_pdbx_entity_nonpoly.comp_id 
2 'PHOSPHATE ION'              PO4 
3 'CHLORIDE ION'               CL  
4 1,2,3,4,5-pentafluorobenzene F5B 
5 '2-HYDROXYETHYL DISULFIDE'   HED 
6 water                        HOH 
# 
_pdbx_initial_refinement_model.id               1 
_pdbx_initial_refinement_model.entity_id_list   ? 
_pdbx_initial_refinement_model.type             'experimental model' 
_pdbx_initial_refinement_model.source_name      PDB 
_pdbx_initial_refinement_model.accession_code   3DMV 
_pdbx_initial_refinement_model.details          'PDB entry 3DMV' 
# 
